data_4A8F
#
_entry.id   4A8F
#
_cell.length_a   105.915
_cell.length_b   91.766
_cell.length_c   140.461
_cell.angle_alpha   90.00
_cell.angle_beta   101.25
_cell.angle_gamma   90.00
#
_symmetry.space_group_name_H-M   'P 1 21 1'
#
loop_
_entity.id
_entity.type
_entity.pdbx_description
1 polymer 'RNA-DIRECTED RNA POLYMERASE'
2 polymer "5'-D(*DAP*GP*CP*GP)-3'"
3 non-polymer 'MAGNESIUM ION'
4 non-polymer "ADENOSINE-5'-TRIPHOSPHATE"
#
loop_
_entity_poly.entity_id
_entity_poly.type
_entity_poly.pdbx_seq_one_letter_code
_entity_poly.pdbx_strand_id
1 'polypeptide(L)'
;MPRRAPAFPLSDIKAQMLFANNIKAQQASKRSFKEGAIETYEGLLSVDPRFLSFKNELSRYLTDHFPANVDEYGRVYGNG
VRTNFFGMRHMNGFPMIPATWPLASNLKKRADADLADGPVSERDNLLFRAAVRLMFSDLEPVPLKIRKGSSTCIPYFSND
MGTKIEIAERALEKAEEAGNLMLQGKFDDAYQLHQMGGAYYVVYRAQSTDAITLDPKTGKFVSKDRMVADFEYAVTGGEQ
GSLFAASKDASRLKEQYGIDVPDGFFCERRRTAMGGPFALNAPIMAVAQPVRNKIYSKYAYTFHHTTRLNKEEKVKEWSL
CVATDVSDHDTFWPGWLRDLICDELLNMGYAPWWVKLFETSLKLPVYVGAPAPEQGHTLLGDPSNPDLEVGLSSGQGATD
LMGTLLMSITYLVMQLDHTAPHLNSRIKDMPSACRFLDSYWQGHEEIRQISKSDDAMLGWTKGRALVGGHRLFEMLKEGK
VNPSPYMKISYEHGGAFLGDILLYDSRREPGSAIFVGNINSMLNNQFSPEYGVQSGVRDRSKRKRPFPGLAWASMKDTYG
ACPIYSDVLEAIERCWWNAFGESYRAYREDMLKRDTLELSRYVASMARQAGLAELTPIDLEVLADPNKLQYKWTEADVSA
NIHEVLMHGVSVEKTERFLRSVMPR
;
A,B,C
2 'polydeoxyribonucleotide' (DA)(DG)(DC)(DG) G
#
loop_
_chem_comp.id
_chem_comp.type
_chem_comp.name
_chem_comp.formula
ATP non-polymer ADENOSINE-5'-TRIPHOSPHATE 'C10 H16 N5 O13 P3'
DA DNA linking 2'-DEOXYADENOSINE-5'-MONOPHOSPHATE 'C10 H14 N5 O6 P'
DC DNA linking 2'-DEOXYCYTIDINE-5'-MONOPHOSPHATE 'C9 H14 N3 O7 P'
DG DNA linking 2'-DEOXYGUANOSINE-5'-MONOPHOSPHATE 'C10 H14 N5 O7 P'
MG non-polymer 'MAGNESIUM ION' 'Mg 2'
#
# COMPACT_ATOMS: atom_id res chain seq x y z
N PRO A 2 -1.45 29.02 -16.59
CA PRO A 2 -0.36 28.17 -17.05
C PRO A 2 -0.85 26.80 -17.49
N ARG A 3 -1.86 26.83 -18.41
CA ARG A 3 -2.51 25.68 -19.04
C ARG A 3 -3.49 24.89 -18.12
N ARG A 4 -4.83 25.13 -18.25
CA ARG A 4 -5.76 24.24 -17.56
C ARG A 4 -6.00 23.17 -18.61
N ALA A 5 -6.14 21.92 -18.18
CA ALA A 5 -6.39 20.80 -19.08
C ALA A 5 -7.80 20.99 -19.64
N PRO A 6 -8.02 20.71 -20.96
CA PRO A 6 -9.39 20.78 -21.50
C PRO A 6 -10.28 19.71 -20.85
N ALA A 7 -11.52 20.04 -20.49
CA ALA A 7 -12.44 19.06 -19.89
C ALA A 7 -13.74 19.05 -20.69
N PHE A 8 -14.25 17.82 -20.97
CA PHE A 8 -15.47 17.62 -21.77
C PHE A 8 -16.46 16.79 -20.96
N PRO A 9 -17.78 17.20 -20.98
CA PRO A 9 -18.81 16.41 -20.30
C PRO A 9 -19.08 15.14 -21.12
N LEU A 10 -19.77 14.15 -20.50
CA LEU A 10 -20.12 12.92 -21.23
C LEU A 10 -20.94 13.24 -22.48
N SER A 11 -21.84 14.21 -22.36
CA SER A 11 -22.64 14.83 -23.41
C SER A 11 -21.80 15.17 -24.69
N ASP A 12 -20.59 15.66 -24.53
CA ASP A 12 -19.74 16.06 -25.64
C ASP A 12 -19.34 14.89 -26.51
N ILE A 13 -19.29 15.13 -27.82
CA ILE A 13 -18.88 14.14 -28.83
C ILE A 13 -17.55 13.48 -28.50
N LYS A 14 -16.58 14.26 -28.00
CA LYS A 14 -15.25 13.73 -27.65
C LYS A 14 -15.36 12.59 -26.60
N ALA A 15 -16.27 12.74 -25.62
CA ALA A 15 -16.47 11.75 -24.57
C ALA A 15 -17.31 10.61 -25.14
N GLN A 16 -18.30 10.98 -25.92
CA GLN A 16 -19.18 10.03 -26.56
C GLN A 16 -18.41 9.00 -27.42
N MET A 17 -17.46 9.51 -28.21
CA MET A 17 -16.65 8.70 -29.07
C MET A 17 -15.78 7.65 -28.33
N LEU A 18 -15.63 7.75 -27.00
CA LEU A 18 -14.89 6.78 -26.20
C LEU A 18 -15.72 5.52 -25.90
N PHE A 19 -17.01 5.55 -26.17
CA PHE A 19 -17.82 4.42 -25.78
C PHE A 19 -18.59 3.91 -26.94
N ALA A 20 -18.31 2.62 -27.28
CA ALA A 20 -18.92 1.94 -28.41
C ALA A 20 -20.45 1.83 -28.28
N ASN A 21 -21.15 1.72 -29.42
CA ASN A 21 -22.60 1.61 -29.44
C ASN A 21 -23.07 0.18 -29.04
N ASN A 22 -22.83 -0.14 -27.79
CA ASN A 22 -23.20 -1.40 -27.16
C ASN A 22 -23.46 -1.17 -25.70
N ILE A 23 -24.23 -2.08 -25.10
CA ILE A 23 -24.64 -1.94 -23.73
C ILE A 23 -23.55 -1.83 -22.67
N LYS A 24 -22.58 -2.76 -22.62
CA LYS A 24 -21.49 -2.68 -21.60
C LYS A 24 -20.79 -1.32 -21.61
N ALA A 25 -20.42 -0.85 -22.85
CA ALA A 25 -19.68 0.40 -23.05
C ALA A 25 -20.53 1.59 -22.60
N GLN A 26 -21.84 1.58 -23.00
CA GLN A 26 -22.73 2.67 -22.63
C GLN A 26 -22.90 2.77 -21.15
N GLN A 27 -23.15 1.62 -20.49
CA GLN A 27 -23.28 1.51 -19.03
C GLN A 27 -22.01 2.02 -18.32
N ALA A 28 -20.82 1.72 -18.88
CA ALA A 28 -19.56 2.15 -18.29
C ALA A 28 -19.46 3.67 -18.28
N SER A 29 -19.85 4.30 -19.40
CA SER A 29 -19.83 5.76 -19.57
C SER A 29 -20.68 6.44 -18.48
N LYS A 30 -21.88 5.91 -18.24
CA LYS A 30 -22.91 6.43 -17.34
C LYS A 30 -22.85 5.94 -15.90
N ARG A 31 -22.18 4.82 -15.62
CA ARG A 31 -22.12 4.23 -14.26
C ARG A 31 -22.02 5.26 -13.15
N SER A 32 -23.06 5.25 -12.30
CA SER A 32 -23.29 6.18 -11.20
C SER A 32 -22.47 5.78 -10.01
N PHE A 33 -22.19 6.71 -9.04
CA PHE A 33 -21.44 6.30 -7.82
C PHE A 33 -22.22 5.18 -7.14
N LYS A 34 -21.60 4.03 -6.86
CA LYS A 34 -22.24 2.88 -6.21
C LYS A 34 -21.43 2.45 -4.98
N GLU A 35 -22.12 1.93 -3.94
CA GLU A 35 -21.48 1.46 -2.70
C GLU A 35 -22.38 0.41 -2.04
N GLY A 36 -21.82 -0.41 -1.14
CA GLY A 36 -22.53 -1.49 -0.50
C GLY A 36 -21.61 -2.57 0.01
N ALA A 37 -22.06 -3.29 1.04
CA ALA A 37 -21.27 -4.35 1.70
C ALA A 37 -20.83 -5.45 0.78
N ILE A 38 -19.54 -5.83 0.90
CA ILE A 38 -19.04 -6.95 0.09
C ILE A 38 -19.41 -8.30 0.71
N GLU A 39 -19.50 -9.34 -0.14
CA GLU A 39 -19.71 -10.66 0.39
C GLU A 39 -18.30 -11.17 0.68
N THR A 40 -17.80 -10.90 1.91
CA THR A 40 -16.47 -11.28 2.39
C THR A 40 -16.17 -12.73 2.05
N TYR A 41 -17.10 -13.64 2.44
CA TYR A 41 -17.07 -15.07 2.12
C TYR A 41 -18.45 -15.37 1.74
N GLU A 42 -18.66 -16.53 1.07
CA GLU A 42 -19.98 -16.93 0.63
C GLU A 42 -20.95 -16.97 1.78
N GLY A 43 -21.98 -16.15 1.66
CA GLY A 43 -23.00 -16.00 2.67
C GLY A 43 -22.64 -15.19 3.91
N LEU A 44 -21.53 -14.48 3.87
CA LEU A 44 -21.16 -13.60 4.95
C LEU A 44 -20.86 -12.18 4.46
N LEU A 45 -21.63 -11.16 4.94
CA LEU A 45 -21.38 -9.77 4.54
C LEU A 45 -20.33 -9.10 5.40
N SER A 46 -19.58 -8.16 4.83
CA SER A 46 -18.54 -7.41 5.56
C SER A 46 -19.13 -6.66 6.74
N VAL A 47 -20.44 -6.31 6.68
CA VAL A 47 -21.09 -5.54 7.73
C VAL A 47 -21.96 -6.38 8.69
N ASP A 48 -21.86 -7.71 8.58
CA ASP A 48 -22.55 -8.64 9.46
C ASP A 48 -22.15 -8.30 10.89
N PRO A 49 -23.13 -8.11 11.81
CA PRO A 49 -22.80 -7.71 13.18
C PRO A 49 -21.82 -8.60 13.90
N ARG A 50 -21.94 -9.93 13.68
CA ARG A 50 -21.04 -10.89 14.32
C ARG A 50 -19.62 -10.68 13.83
N PHE A 51 -19.48 -10.43 12.50
CA PHE A 51 -18.18 -10.19 11.82
C PHE A 51 -17.50 -8.90 12.33
N LEU A 52 -18.27 -7.81 12.48
CA LEU A 52 -17.75 -6.57 13.03
C LEU A 52 -17.39 -6.74 14.50
N SER A 53 -18.18 -7.53 15.28
CA SER A 53 -17.89 -7.82 16.70
C SER A 53 -16.54 -8.56 16.79
N PHE A 54 -16.34 -9.55 15.88
CA PHE A 54 -15.14 -10.35 15.76
C PHE A 54 -13.95 -9.43 15.50
N LYS A 55 -14.11 -8.51 14.50
CA LYS A 55 -13.05 -7.57 14.16
C LYS A 55 -12.71 -6.64 15.32
N ASN A 56 -13.76 -6.19 16.04
CA ASN A 56 -13.54 -5.33 17.21
C ASN A 56 -12.70 -6.08 18.28
N GLU A 57 -13.15 -7.30 18.68
CA GLU A 57 -12.42 -8.08 19.67
C GLU A 57 -11.00 -8.47 19.21
N LEU A 58 -10.87 -8.98 17.98
CA LEU A 58 -9.57 -9.41 17.47
C LEU A 58 -8.51 -8.27 17.33
N SER A 59 -8.94 -7.13 16.73
CA SER A 59 -8.03 -5.99 16.54
C SER A 59 -7.51 -5.45 17.87
N ARG A 60 -8.40 -5.36 18.87
CA ARG A 60 -8.09 -4.89 20.21
C ARG A 60 -7.14 -5.84 20.92
N TYR A 61 -7.47 -7.14 20.92
CA TYR A 61 -6.64 -8.15 21.56
C TYR A 61 -5.22 -8.23 21.00
N LEU A 62 -5.10 -8.29 19.66
CA LEU A 62 -3.81 -8.42 19.02
C LEU A 62 -2.93 -7.21 19.23
N THR A 63 -3.52 -5.99 19.18
CA THR A 63 -2.75 -4.76 19.41
C THR A 63 -2.21 -4.79 20.86
N ASP A 64 -3.08 -5.15 21.79
CA ASP A 64 -2.78 -5.25 23.21
C ASP A 64 -1.61 -6.17 23.49
N HIS A 65 -1.70 -7.40 23.04
CA HIS A 65 -0.71 -8.44 23.31
C HIS A 65 0.51 -8.44 22.42
N PHE A 66 0.38 -7.87 21.24
CA PHE A 66 1.51 -7.87 20.31
C PHE A 66 1.80 -6.49 19.79
N PRO A 67 2.36 -5.63 20.69
CA PRO A 67 2.66 -4.26 20.27
C PRO A 67 3.84 -4.28 19.34
N ALA A 68 3.92 -3.27 18.44
CA ALA A 68 4.96 -3.17 17.43
C ALA A 68 6.37 -3.27 18.03
N ASN A 69 7.25 -4.04 17.36
CA ASN A 69 8.69 -4.20 17.72
C ASN A 69 9.53 -3.67 16.57
N VAL A 70 9.63 -2.33 16.49
CA VAL A 70 10.37 -1.63 15.44
C VAL A 70 11.35 -0.67 16.10
N ASP A 71 12.66 -0.87 15.85
CA ASP A 71 13.68 -0.02 16.43
C ASP A 71 13.75 1.41 15.83
N GLU A 72 14.67 2.26 16.36
CA GLU A 72 14.89 3.66 16.00
C GLU A 72 15.20 3.84 14.51
N TYR A 73 15.73 2.78 13.86
CA TYR A 73 16.14 2.75 12.46
C TYR A 73 15.14 2.02 11.58
N GLY A 74 13.93 1.82 12.11
CA GLY A 74 12.84 1.18 11.39
C GLY A 74 13.07 -0.29 11.16
N ARG A 75 13.96 -0.93 11.93
CA ARG A 75 14.20 -2.36 11.79
C ARG A 75 13.25 -3.12 12.66
N VAL A 76 12.59 -4.14 12.07
CA VAL A 76 11.67 -5.00 12.82
C VAL A 76 12.50 -6.07 13.55
N TYR A 77 12.12 -6.37 14.79
CA TYR A 77 12.74 -7.39 15.62
C TYR A 77 11.61 -8.11 16.40
N GLY A 78 12.02 -9.02 17.29
CA GLY A 78 11.13 -9.71 18.21
C GLY A 78 9.94 -10.37 17.59
N ASN A 79 8.73 -9.87 17.94
CA ASN A 79 7.44 -10.44 17.49
C ASN A 79 7.12 -10.30 15.99
N GLY A 80 7.87 -9.46 15.27
CA GLY A 80 7.67 -9.19 13.86
C GLY A 80 6.44 -8.35 13.57
N VAL A 81 6.07 -7.46 14.50
CA VAL A 81 4.88 -6.61 14.36
C VAL A 81 5.35 -5.17 14.13
N ARG A 82 4.74 -4.49 13.09
CA ARG A 82 5.08 -3.10 12.79
C ARG A 82 4.06 -2.02 13.14
N THR A 83 2.81 -2.40 13.40
CA THR A 83 1.77 -1.47 13.86
C THR A 83 0.69 -2.19 14.65
N ASN A 84 -0.34 -1.43 14.98
CA ASN A 84 -1.51 -1.94 15.62
C ASN A 84 -2.25 -2.84 14.60
N PHE A 85 -3.33 -3.43 15.03
CA PHE A 85 -4.13 -4.31 14.22
C PHE A 85 -5.48 -3.65 13.93
N PHE A 86 -5.54 -2.31 14.07
CA PHE A 86 -6.80 -1.57 13.84
C PHE A 86 -7.15 -1.29 12.39
N GLY A 87 -6.23 -1.57 11.49
CA GLY A 87 -6.46 -1.37 10.06
C GLY A 87 -7.59 -2.20 9.52
N MET A 88 -7.96 -3.29 10.21
CA MET A 88 -9.07 -4.17 9.82
C MET A 88 -10.46 -3.54 10.07
N ARG A 89 -10.52 -2.50 10.89
CA ARG A 89 -11.74 -1.84 11.29
C ARG A 89 -12.42 -0.92 10.24
N HIS A 90 -12.78 -1.50 9.07
CA HIS A 90 -13.46 -0.77 7.99
C HIS A 90 -14.74 -1.45 7.55
N MET A 91 -15.67 -0.66 7.05
CA MET A 91 -16.95 -1.17 6.56
C MET A 91 -16.73 -1.50 5.08
N ASN A 92 -16.12 -2.66 4.82
CA ASN A 92 -15.71 -3.03 3.45
C ASN A 92 -16.82 -2.95 2.41
N GLY A 93 -16.55 -2.22 1.35
CA GLY A 93 -17.51 -2.00 0.26
C GLY A 93 -18.08 -0.60 0.28
N PHE A 94 -17.84 0.13 1.41
CA PHE A 94 -18.25 1.52 1.61
C PHE A 94 -17.03 2.42 1.56
N PRO A 95 -16.96 3.29 0.52
CA PRO A 95 -15.78 4.16 0.37
C PRO A 95 -15.79 5.46 1.13
N MET A 96 -14.60 5.99 1.33
CA MET A 96 -14.44 7.36 1.83
C MET A 96 -15.06 8.28 0.73
N ILE A 97 -15.57 9.45 1.13
CA ILE A 97 -16.16 10.37 0.15
C ILE A 97 -15.54 11.77 0.30
N PRO A 98 -15.09 12.42 -0.82
CA PRO A 98 -15.09 11.89 -2.18
C PRO A 98 -13.76 11.19 -2.46
N ALA A 99 -13.66 10.54 -3.64
CA ALA A 99 -12.41 10.02 -4.14
C ALA A 99 -11.73 11.20 -4.90
N THR A 100 -10.45 11.10 -5.11
CA THR A 100 -9.76 12.18 -5.78
C THR A 100 -10.04 12.29 -7.29
N TRP A 101 -9.99 13.50 -7.80
CA TRP A 101 -9.96 13.75 -9.21
C TRP A 101 -8.45 13.57 -9.59
N PRO A 102 -8.15 12.78 -10.66
CA PRO A 102 -6.74 12.60 -11.06
C PRO A 102 -6.15 13.90 -11.60
N LEU A 103 -4.92 14.19 -11.16
CA LEU A 103 -4.21 15.36 -11.64
C LEU A 103 -3.84 15.14 -13.07
N ALA A 104 -4.35 16.08 -13.94
CA ALA A 104 -4.09 16.13 -15.38
C ALA A 104 -2.60 16.44 -15.66
N SER A 105 -1.92 17.17 -14.74
CA SER A 105 -0.48 17.42 -14.89
C SER A 105 0.23 17.48 -13.56
N ASN A 106 1.34 16.72 -13.46
CA ASN A 106 2.11 16.61 -12.23
C ASN A 106 3.32 17.57 -12.27
N LEU A 107 3.37 18.46 -13.28
CA LEU A 107 4.54 19.31 -13.43
C LEU A 107 4.78 20.23 -12.28
N LYS A 108 3.74 20.99 -11.90
CA LYS A 108 3.82 21.91 -10.77
C LYS A 108 4.08 21.10 -9.52
N LYS A 109 3.23 20.06 -9.25
CA LYS A 109 3.40 19.20 -8.08
C LYS A 109 4.89 18.73 -7.87
N ARG A 110 5.55 18.23 -8.96
CA ARG A 110 6.95 17.77 -8.94
C ARG A 110 7.90 18.92 -8.60
N ALA A 111 7.71 20.05 -9.31
CA ALA A 111 8.51 21.26 -9.17
C ALA A 111 8.43 21.79 -7.76
N ASP A 112 7.21 21.91 -7.20
CA ASP A 112 6.98 22.36 -5.83
C ASP A 112 7.58 21.43 -4.80
N ALA A 113 7.72 20.13 -5.11
CA ALA A 113 8.35 19.17 -4.19
C ALA A 113 9.85 19.21 -4.37
N ASP A 114 10.38 20.16 -5.22
CA ASP A 114 11.81 20.35 -5.55
C ASP A 114 12.40 19.05 -6.16
N LEU A 115 11.69 18.50 -7.13
CA LEU A 115 12.16 17.32 -7.83
C LEU A 115 12.57 17.77 -9.22
N ALA A 116 13.62 17.14 -9.78
CA ALA A 116 14.25 17.40 -11.11
C ALA A 116 13.32 17.28 -12.32
N ASP A 117 13.46 18.23 -13.28
CA ASP A 117 12.68 18.19 -14.51
C ASP A 117 13.41 17.48 -15.71
N GLY A 118 14.40 16.68 -15.38
CA GLY A 118 15.24 15.96 -16.32
C GLY A 118 16.44 15.41 -15.57
N PRO A 119 17.26 14.52 -16.21
CA PRO A 119 18.47 14.01 -15.51
C PRO A 119 19.31 15.20 -15.05
N VAL A 120 19.89 15.11 -13.86
CA VAL A 120 20.67 16.21 -13.27
C VAL A 120 22.04 16.29 -13.93
N SER A 121 22.75 15.15 -13.92
CA SER A 121 24.09 15.04 -14.43
C SER A 121 24.08 14.16 -15.64
N GLU A 122 25.24 14.21 -16.39
CA GLU A 122 25.40 13.37 -17.57
C GLU A 122 25.40 11.90 -17.17
N ARG A 123 26.04 11.59 -16.03
CA ARG A 123 26.08 10.25 -15.50
C ARG A 123 24.65 9.69 -15.40
N ASP A 124 23.74 10.43 -14.74
CA ASP A 124 22.35 10.04 -14.57
C ASP A 124 21.70 9.84 -15.92
N ASN A 125 21.99 10.76 -16.90
CA ASN A 125 21.47 10.64 -18.26
C ASN A 125 21.92 9.33 -18.91
N LEU A 126 23.20 8.98 -18.71
CA LEU A 126 23.77 7.74 -19.23
C LEU A 126 23.11 6.55 -18.57
N LEU A 127 22.98 6.61 -17.23
CA LEU A 127 22.39 5.51 -16.46
C LEU A 127 20.95 5.18 -16.85
N PHE A 128 20.12 6.21 -17.01
CA PHE A 128 18.73 6.03 -17.40
C PHE A 128 18.66 5.46 -18.80
N ARG A 129 19.53 5.96 -19.71
CA ARG A 129 19.63 5.46 -21.10
C ARG A 129 20.16 4.01 -21.12
N ALA A 130 21.17 3.70 -20.21
CA ALA A 130 21.74 2.35 -20.09
C ALA A 130 20.64 1.36 -19.67
N ALA A 131 19.72 1.79 -18.74
CA ALA A 131 18.59 0.99 -18.27
C ALA A 131 17.73 0.60 -19.43
N VAL A 132 17.48 1.54 -20.36
CA VAL A 132 16.67 1.33 -21.59
C VAL A 132 17.37 0.31 -22.51
N ARG A 133 18.71 0.50 -22.73
CA ARG A 133 19.57 -0.35 -23.55
C ARG A 133 19.56 -1.75 -23.01
N LEU A 134 19.73 -1.91 -21.67
CA LEU A 134 19.71 -3.23 -21.04
C LEU A 134 18.36 -3.91 -21.05
N MET A 135 17.29 -3.14 -20.75
CA MET A 135 15.96 -3.71 -20.67
C MET A 135 15.36 -4.12 -22.00
N PHE A 136 15.60 -3.30 -23.05
CA PHE A 136 14.97 -3.49 -24.36
C PHE A 136 15.79 -4.15 -25.44
N SER A 137 16.98 -4.68 -25.09
CA SER A 137 17.86 -5.22 -26.12
C SER A 137 17.65 -6.58 -26.79
N ASP A 138 18.06 -7.68 -26.13
CA ASP A 138 18.02 -8.96 -26.84
C ASP A 138 16.81 -9.77 -26.53
N LEU A 139 15.63 -9.28 -27.02
CA LEU A 139 14.31 -9.83 -26.72
C LEU A 139 13.89 -11.03 -27.49
N GLU A 140 13.32 -12.00 -26.77
CA GLU A 140 12.78 -13.24 -27.36
C GLU A 140 11.24 -13.20 -27.35
N PRO A 141 10.63 -13.44 -28.56
CA PRO A 141 9.17 -13.39 -28.65
C PRO A 141 8.47 -14.47 -27.84
N VAL A 142 7.40 -14.04 -27.17
CA VAL A 142 6.56 -14.92 -26.38
C VAL A 142 5.08 -14.64 -26.71
N PRO A 143 4.19 -15.63 -26.46
CA PRO A 143 2.78 -15.38 -26.66
C PRO A 143 2.30 -14.17 -25.82
N LEU A 144 1.36 -13.40 -26.39
CA LEU A 144 0.72 -12.28 -25.72
C LEU A 144 -0.32 -12.89 -24.78
N LYS A 145 -0.04 -12.91 -23.47
CA LYS A 145 -0.96 -13.48 -22.49
C LYS A 145 -1.89 -12.42 -21.99
N ILE A 146 -3.17 -12.79 -21.90
CA ILE A 146 -4.32 -11.97 -21.51
C ILE A 146 -5.00 -12.58 -20.28
N ARG A 147 -5.19 -11.74 -19.23
CA ARG A 147 -5.88 -12.18 -18.04
C ARG A 147 -7.35 -12.39 -18.37
N LYS A 148 -7.87 -13.54 -17.96
CA LYS A 148 -9.27 -13.88 -18.18
C LYS A 148 -10.14 -12.90 -17.33
N GLY A 149 -11.29 -12.54 -17.92
CA GLY A 149 -12.18 -11.64 -17.23
C GLY A 149 -11.82 -10.17 -17.26
N SER A 150 -10.59 -9.78 -17.64
CA SER A 150 -10.13 -8.38 -17.83
C SER A 150 -11.04 -7.65 -18.86
N SER A 151 -11.12 -6.31 -18.78
CA SER A 151 -11.93 -5.56 -19.77
C SER A 151 -11.05 -4.97 -20.87
N THR A 152 -11.60 -4.78 -22.05
CA THR A 152 -10.87 -4.14 -23.15
C THR A 152 -11.02 -2.63 -23.03
N CYS A 153 -11.88 -2.17 -22.07
CA CYS A 153 -12.13 -0.76 -21.80
C CYS A 153 -12.36 -0.02 -23.08
N ILE A 154 -11.84 1.23 -23.20
CA ILE A 154 -12.15 2.03 -24.37
C ILE A 154 -11.77 1.42 -25.79
N PRO A 155 -12.78 1.29 -26.72
CA PRO A 155 -14.18 1.72 -26.59
C PRO A 155 -15.24 0.65 -26.31
N TYR A 156 -14.87 -0.65 -26.39
CA TYR A 156 -15.81 -1.80 -26.36
C TYR A 156 -16.22 -2.36 -25.04
N PHE A 157 -15.34 -2.21 -24.02
CA PHE A 157 -15.60 -2.71 -22.69
C PHE A 157 -15.98 -4.20 -22.73
N SER A 158 -15.25 -5.01 -23.54
CA SER A 158 -15.49 -6.45 -23.65
C SER A 158 -14.72 -7.20 -22.61
N ASN A 159 -15.33 -8.30 -22.08
CA ASN A 159 -14.73 -9.19 -21.06
C ASN A 159 -14.54 -10.59 -21.64
N ASP A 160 -15.09 -10.80 -22.88
CA ASP A 160 -14.99 -12.06 -23.62
C ASP A 160 -13.61 -12.31 -24.21
N MET A 161 -13.02 -13.45 -23.84
CA MET A 161 -11.67 -13.82 -24.29
C MET A 161 -11.58 -13.99 -25.80
N GLY A 162 -12.62 -14.49 -26.41
CA GLY A 162 -12.62 -14.66 -27.85
C GLY A 162 -12.44 -13.34 -28.53
N THR A 163 -13.25 -12.35 -28.11
CA THR A 163 -13.28 -10.96 -28.57
C THR A 163 -11.94 -10.32 -28.29
N LYS A 164 -11.43 -10.55 -27.08
CA LYS A 164 -10.15 -9.99 -26.66
C LYS A 164 -8.99 -10.48 -27.55
N ILE A 165 -8.98 -11.79 -27.90
CA ILE A 165 -7.97 -12.35 -28.79
C ILE A 165 -8.09 -11.72 -30.18
N GLU A 166 -9.31 -11.59 -30.72
CA GLU A 166 -9.60 -10.96 -32.02
C GLU A 166 -9.02 -9.55 -32.02
N ILE A 167 -9.36 -8.76 -30.97
CA ILE A 167 -8.90 -7.38 -30.80
C ILE A 167 -7.38 -7.28 -30.89
N ALA A 168 -6.69 -8.16 -30.07
CA ALA A 168 -5.24 -8.23 -29.89
C ALA A 168 -4.56 -8.62 -31.14
N GLU A 169 -5.07 -9.66 -31.83
CA GLU A 169 -4.46 -10.12 -33.08
C GLU A 169 -4.48 -8.99 -34.11
N ARG A 170 -5.73 -8.41 -34.30
CA ARG A 170 -5.97 -7.28 -35.20
C ARG A 170 -5.02 -6.05 -34.85
N ALA A 171 -4.87 -5.76 -33.54
CA ALA A 171 -4.07 -4.65 -33.07
C ALA A 171 -2.63 -4.87 -33.45
N LEU A 172 -2.11 -6.14 -33.38
CA LEU A 172 -0.72 -6.41 -33.76
C LEU A 172 -0.57 -6.27 -35.27
N GLU A 173 -1.65 -6.57 -36.00
CA GLU A 173 -1.62 -6.40 -37.46
C GLU A 173 -1.58 -4.95 -37.87
N LYS A 174 -2.42 -4.11 -37.24
CA LYS A 174 -2.56 -2.68 -37.58
C LYS A 174 -1.81 -1.63 -36.76
N ALA A 175 -0.96 -2.07 -35.81
CA ALA A 175 -0.20 -1.16 -34.94
C ALA A 175 0.68 -0.19 -35.75
N GLU A 176 1.33 -0.71 -36.82
CA GLU A 176 2.21 0.07 -37.69
C GLU A 176 1.47 1.22 -38.34
N GLU A 177 0.34 0.88 -38.93
CA GLU A 177 -0.50 1.84 -39.62
C GLU A 177 -0.94 2.96 -38.67
N ALA A 178 -1.47 2.54 -37.46
CA ALA A 178 -1.90 3.42 -36.37
C ALA A 178 -0.71 4.35 -35.87
N GLY A 179 0.47 3.77 -35.62
CA GLY A 179 1.64 4.52 -35.16
C GLY A 179 2.07 5.57 -36.15
N ASN A 180 1.98 5.21 -37.42
CA ASN A 180 2.33 6.11 -38.51
C ASN A 180 1.36 7.27 -38.60
N LEU A 181 0.07 7.01 -38.39
CA LEU A 181 -0.94 8.08 -38.38
C LEU A 181 -0.67 9.07 -37.26
N MET A 182 -0.32 8.55 -36.07
CA MET A 182 -0.01 9.40 -34.94
C MET A 182 1.24 10.22 -35.27
N LEU A 183 2.21 9.62 -36.02
CA LEU A 183 3.43 10.36 -36.35
C LEU A 183 3.05 11.60 -37.16
N GLN A 184 2.02 11.47 -38.02
CA GLN A 184 1.50 12.54 -38.86
C GLN A 184 0.51 13.45 -38.11
N GLY A 185 0.43 13.23 -36.80
CA GLY A 185 -0.44 13.99 -35.92
C GLY A 185 -1.91 13.69 -36.06
N LYS A 186 -2.25 12.58 -36.77
CA LYS A 186 -3.62 12.12 -37.03
C LYS A 186 -4.13 11.15 -35.96
N PHE A 187 -4.30 11.66 -34.73
CA PHE A 187 -4.70 10.85 -33.57
C PHE A 187 -6.09 10.31 -33.64
N ASP A 188 -7.04 11.15 -34.10
CA ASP A 188 -8.43 10.75 -34.20
C ASP A 188 -8.56 9.69 -35.23
N ASP A 189 -7.76 9.76 -36.30
CA ASP A 189 -7.80 8.72 -37.35
C ASP A 189 -7.30 7.38 -36.83
N ALA A 190 -6.19 7.40 -36.05
CA ALA A 190 -5.62 6.18 -35.45
C ALA A 190 -6.68 5.55 -34.52
N TYR A 191 -7.36 6.38 -33.73
CA TYR A 191 -8.41 5.92 -32.82
C TYR A 191 -9.66 5.40 -33.56
N GLN A 192 -10.11 6.16 -34.57
CA GLN A 192 -11.30 5.80 -35.34
C GLN A 192 -11.10 4.52 -36.09
N LEU A 193 -9.95 4.36 -36.70
CA LEU A 193 -9.68 3.18 -37.48
C LEU A 193 -9.25 1.99 -36.62
N HIS A 194 -8.40 2.24 -35.65
CA HIS A 194 -7.83 1.13 -34.92
C HIS A 194 -8.00 1.09 -33.42
N GLN A 195 -8.81 2.04 -32.88
CA GLN A 195 -9.16 2.15 -31.46
C GLN A 195 -7.92 2.32 -30.61
N MET A 196 -6.86 2.93 -31.21
CA MET A 196 -5.60 3.18 -30.53
C MET A 196 -5.56 4.68 -30.20
N GLY A 197 -5.87 4.96 -28.96
CA GLY A 197 -6.00 6.31 -28.44
C GLY A 197 -7.22 6.40 -27.54
N GLY A 198 -7.90 7.54 -27.57
CA GLY A 198 -9.08 7.79 -26.77
C GLY A 198 -8.67 8.26 -25.39
N ALA A 199 -8.78 7.37 -24.38
CA ALA A 199 -8.47 7.72 -23.00
C ALA A 199 -8.33 6.49 -22.13
N TYR A 200 -7.85 6.74 -20.90
CA TYR A 200 -7.84 5.76 -19.82
C TYR A 200 -9.21 5.89 -19.16
N TYR A 201 -9.75 4.79 -18.67
CA TYR A 201 -11.03 4.82 -17.98
C TYR A 201 -10.78 4.73 -16.44
N VAL A 202 -11.14 5.81 -15.73
CA VAL A 202 -10.87 5.89 -14.30
C VAL A 202 -11.88 5.20 -13.48
N VAL A 203 -11.39 4.22 -12.69
CA VAL A 203 -12.18 3.42 -11.77
C VAL A 203 -11.58 3.61 -10.41
N TYR A 204 -12.39 3.56 -9.38
CA TYR A 204 -11.84 3.70 -8.03
C TYR A 204 -11.85 2.37 -7.28
N ARG A 205 -10.71 1.82 -6.94
CA ARG A 205 -10.61 0.53 -6.27
C ARG A 205 -10.35 0.70 -4.77
N ALA A 206 -10.75 -0.25 -3.94
CA ALA A 206 -10.48 0.04 -2.54
C ALA A 206 -9.27 -0.58 -1.88
N GLN A 207 -8.57 0.23 -1.06
CA GLN A 207 -7.47 -0.17 -0.21
C GLN A 207 -8.21 -0.46 1.14
N SER A 208 -8.59 -1.75 1.25
CA SER A 208 -9.43 -2.30 2.30
C SER A 208 -9.01 -2.04 3.76
N THR A 209 -7.71 -1.91 3.96
CA THR A 209 -7.10 -1.65 5.26
C THR A 209 -6.21 -0.47 5.09
N ASP A 210 -6.36 0.50 5.99
CA ASP A 210 -5.59 1.72 5.99
C ASP A 210 -5.49 2.11 7.46
N ALA A 211 -4.50 2.96 7.80
CA ALA A 211 -4.15 3.39 9.14
C ALA A 211 -5.30 3.88 10.01
N ILE A 212 -5.36 3.33 11.25
CA ILE A 212 -6.31 3.70 12.31
C ILE A 212 -5.53 3.60 13.60
N THR A 213 -5.68 4.59 14.52
CA THR A 213 -5.01 4.60 15.84
C THR A 213 -6.04 4.81 16.94
N LEU A 214 -5.71 4.40 18.17
CA LEU A 214 -6.63 4.58 19.30
C LEU A 214 -6.07 5.68 20.20
N ASP A 215 -6.82 6.80 20.35
CA ASP A 215 -6.39 7.89 21.22
C ASP A 215 -6.56 7.47 22.70
N PRO A 216 -5.42 7.35 23.46
CA PRO A 216 -5.52 6.90 24.87
C PRO A 216 -6.31 7.85 25.77
N LYS A 217 -6.22 9.18 25.51
CA LYS A 217 -6.93 10.22 26.25
C LYS A 217 -8.46 10.02 26.15
N THR A 218 -8.95 9.90 24.91
CA THR A 218 -10.37 9.79 24.67
C THR A 218 -10.96 8.37 24.55
N GLY A 219 -10.12 7.39 24.22
CA GLY A 219 -10.58 6.02 24.00
C GLY A 219 -11.32 5.92 22.67
N LYS A 220 -11.17 6.96 21.81
CA LYS A 220 -11.76 7.08 20.48
C LYS A 220 -10.77 6.77 19.37
N PHE A 221 -11.23 6.07 18.32
CA PHE A 221 -10.38 5.69 17.21
C PHE A 221 -10.26 6.82 16.24
N VAL A 222 -9.08 6.93 15.60
CA VAL A 222 -8.81 7.97 14.61
C VAL A 222 -8.30 7.39 13.31
N SER A 223 -9.07 7.62 12.22
CA SER A 223 -8.68 7.18 10.89
C SER A 223 -7.69 8.17 10.24
N LYS A 224 -6.69 7.64 9.49
CA LYS A 224 -5.69 8.41 8.74
C LYS A 224 -6.41 9.28 7.70
N ASP A 225 -6.15 10.60 7.73
CA ASP A 225 -6.74 11.52 6.74
C ASP A 225 -6.11 11.29 5.38
N ARG A 226 -6.95 11.16 4.36
CA ARG A 226 -6.49 10.94 3.00
C ARG A 226 -6.88 12.15 2.17
N MET A 227 -5.87 12.87 1.66
CA MET A 227 -6.09 14.11 0.88
C MET A 227 -6.60 13.86 -0.52
N VAL A 228 -7.64 14.60 -0.92
CA VAL A 228 -8.17 14.44 -2.26
C VAL A 228 -8.25 15.75 -2.99
N ALA A 229 -8.06 15.72 -4.33
CA ALA A 229 -8.14 16.92 -5.14
C ALA A 229 -9.53 17.04 -5.67
N ASP A 230 -10.03 18.29 -5.69
CA ASP A 230 -11.31 18.57 -6.30
C ASP A 230 -11.10 18.74 -7.81
N PHE A 231 -12.19 18.85 -8.58
CA PHE A 231 -12.06 18.99 -10.04
C PHE A 231 -11.13 20.16 -10.46
N GLU A 232 -11.35 21.35 -9.86
CA GLU A 232 -10.53 22.53 -10.16
C GLU A 232 -9.05 22.29 -9.95
N TYR A 233 -8.69 21.71 -8.82
CA TYR A 233 -7.32 21.39 -8.50
C TYR A 233 -6.70 20.41 -9.55
N ALA A 234 -7.45 19.35 -9.94
CA ALA A 234 -7.02 18.34 -10.92
C ALA A 234 -6.66 18.87 -12.32
N VAL A 235 -7.53 19.74 -12.87
CA VAL A 235 -7.37 20.35 -14.21
C VAL A 235 -6.32 21.43 -14.24
N THR A 236 -6.13 22.14 -13.13
CA THR A 236 -5.11 23.20 -13.07
C THR A 236 -3.73 22.68 -12.55
N GLY A 237 -3.63 21.37 -12.27
CA GLY A 237 -2.44 20.77 -11.69
C GLY A 237 -2.10 21.36 -10.33
N GLY A 238 -3.14 21.77 -9.57
CA GLY A 238 -2.96 22.34 -8.25
C GLY A 238 -2.85 23.84 -8.20
N GLU A 239 -2.79 24.56 -9.38
CA GLU A 239 -2.74 26.04 -9.49
C GLU A 239 -3.95 26.73 -8.89
N GLN A 240 -5.12 26.13 -9.05
CA GLN A 240 -6.35 26.60 -8.44
C GLN A 240 -7.00 25.40 -7.73
N GLY A 241 -8.22 25.56 -7.21
CA GLY A 241 -8.91 24.49 -6.51
C GLY A 241 -8.29 24.11 -5.18
N SER A 242 -8.83 23.04 -4.57
CA SER A 242 -8.36 22.62 -3.27
C SER A 242 -8.04 21.14 -3.09
N LEU A 243 -7.12 20.88 -2.15
CA LEU A 243 -6.71 19.56 -1.74
C LEU A 243 -7.14 19.47 -0.30
N PHE A 244 -8.03 18.53 0.05
CA PHE A 244 -8.59 18.41 1.40
C PHE A 244 -8.77 16.94 1.83
N ALA A 245 -8.93 16.70 3.15
CA ALA A 245 -9.15 15.34 3.68
C ALA A 245 -10.56 14.77 3.29
N ALA A 246 -10.59 13.55 2.72
CA ALA A 246 -11.85 12.89 2.38
C ALA A 246 -12.55 12.45 3.66
N SER A 247 -13.85 12.16 3.62
CA SER A 247 -14.52 11.71 4.83
C SER A 247 -14.63 10.20 4.93
N LYS A 248 -13.98 9.64 5.97
CA LYS A 248 -14.01 8.20 6.29
C LYS A 248 -15.05 7.89 7.37
N ASP A 249 -15.79 8.93 7.84
CA ASP A 249 -16.89 8.76 8.80
C ASP A 249 -17.93 7.80 8.21
N ALA A 250 -18.20 6.71 8.95
CA ALA A 250 -19.15 5.70 8.51
C ALA A 250 -20.55 5.84 9.15
N SER A 251 -20.78 6.90 9.99
CA SER A 251 -22.07 7.13 10.67
C SER A 251 -23.19 7.20 9.65
N ARG A 252 -22.88 7.81 8.51
CA ARG A 252 -23.80 7.96 7.37
C ARG A 252 -24.57 6.68 6.96
N LEU A 253 -23.94 5.50 7.15
CA LEU A 253 -24.46 4.18 6.78
C LEU A 253 -25.70 3.78 7.54
N LYS A 254 -25.84 4.26 8.80
CA LYS A 254 -27.04 3.98 9.58
C LYS A 254 -28.22 4.71 8.97
N GLU A 255 -28.09 6.04 8.82
CA GLU A 255 -29.14 6.88 8.22
C GLU A 255 -29.49 6.45 6.78
N GLN A 256 -28.46 6.24 5.91
CA GLN A 256 -28.65 5.90 4.50
C GLN A 256 -29.14 4.50 4.22
N TYR A 257 -28.60 3.52 4.95
CA TYR A 257 -28.85 2.12 4.62
C TYR A 257 -29.40 1.28 5.73
N GLY A 258 -29.44 1.83 6.94
CA GLY A 258 -29.93 1.12 8.12
C GLY A 258 -28.95 0.09 8.61
N ILE A 259 -27.65 0.39 8.43
CA ILE A 259 -26.57 -0.51 8.86
C ILE A 259 -26.03 -0.04 10.19
N ASP A 260 -26.00 -0.93 11.20
CA ASP A 260 -25.46 -0.49 12.48
C ASP A 260 -23.95 -0.39 12.39
N VAL A 261 -23.43 0.79 12.73
CA VAL A 261 -22.01 1.09 12.66
C VAL A 261 -21.39 1.05 14.07
N PRO A 262 -20.57 0.02 14.42
CA PRO A 262 -19.97 0.01 15.75
C PRO A 262 -18.95 1.13 15.86
N ASP A 263 -18.64 1.59 17.08
CA ASP A 263 -17.67 2.67 17.21
C ASP A 263 -16.30 2.18 16.77
N GLY A 264 -15.57 3.09 16.12
CA GLY A 264 -14.23 2.86 15.64
C GLY A 264 -14.15 2.06 14.36
N PHE A 265 -15.23 2.06 13.55
CA PHE A 265 -15.28 1.47 12.21
C PHE A 265 -15.48 2.58 11.19
N PHE A 266 -14.70 2.52 10.08
CA PHE A 266 -14.65 3.59 9.08
C PHE A 266 -14.92 3.15 7.66
N CYS A 267 -15.09 4.15 6.76
CA CYS A 267 -15.23 3.89 5.34
C CYS A 267 -13.85 3.63 4.79
N GLU A 268 -13.75 2.86 3.71
CA GLU A 268 -12.47 2.47 3.13
C GLU A 268 -11.82 3.51 2.30
N ARG A 269 -10.48 3.47 2.30
CA ARG A 269 -9.71 4.33 1.42
C ARG A 269 -10.00 3.85 -0.01
N ARG A 270 -10.15 4.81 -0.93
CA ARG A 270 -10.33 4.50 -2.34
C ARG A 270 -9.22 5.06 -3.18
N ARG A 271 -8.63 4.18 -3.97
CA ARG A 271 -7.49 4.49 -4.83
C ARG A 271 -7.88 4.54 -6.28
N THR A 272 -7.28 5.47 -7.00
CA THR A 272 -7.67 5.54 -8.39
C THR A 272 -6.94 4.49 -9.19
N ALA A 273 -7.65 3.86 -10.11
CA ALA A 273 -7.11 2.86 -11.01
C ALA A 273 -7.51 3.27 -12.40
N MET A 274 -6.67 3.00 -13.39
CA MET A 274 -7.00 3.38 -14.77
C MET A 274 -6.89 2.24 -15.75
N GLY A 275 -7.93 2.02 -16.52
CA GLY A 275 -7.95 0.95 -17.52
C GLY A 275 -7.63 1.47 -18.91
N GLY A 276 -6.57 0.91 -19.49
CA GLY A 276 -6.15 1.31 -20.81
C GLY A 276 -7.00 0.81 -21.96
N PRO A 277 -6.97 1.59 -23.10
CA PRO A 277 -7.65 1.12 -24.32
C PRO A 277 -6.87 -0.12 -24.84
N PHE A 278 -7.50 -1.30 -24.74
CA PHE A 278 -6.84 -2.56 -25.09
C PHE A 278 -6.07 -2.58 -26.45
N ALA A 279 -6.67 -2.04 -27.55
CA ALA A 279 -6.00 -2.05 -28.84
C ALA A 279 -4.64 -1.37 -28.80
N LEU A 280 -4.50 -0.28 -28.00
CA LEU A 280 -3.22 0.42 -27.82
C LEU A 280 -2.30 -0.36 -26.88
N ASN A 281 -2.84 -0.97 -25.80
CA ASN A 281 -2.05 -1.79 -24.89
C ASN A 281 -1.48 -3.09 -25.51
N ALA A 282 -2.28 -3.86 -26.32
CA ALA A 282 -1.80 -5.09 -26.98
C ALA A 282 -0.37 -4.93 -27.65
N PRO A 283 -0.11 -3.98 -28.60
CA PRO A 283 1.24 -3.87 -29.16
C PRO A 283 2.30 -3.52 -28.16
N ILE A 284 1.91 -2.83 -27.04
CA ILE A 284 2.88 -2.44 -25.97
C ILE A 284 3.26 -3.67 -25.15
N MET A 285 2.24 -4.43 -24.76
CA MET A 285 2.40 -5.65 -23.99
C MET A 285 3.26 -6.67 -24.76
N ALA A 286 3.10 -6.74 -26.12
CA ALA A 286 3.84 -7.64 -26.98
C ALA A 286 5.37 -7.46 -26.81
N VAL A 287 5.79 -6.23 -26.42
CA VAL A 287 7.21 -5.93 -26.20
C VAL A 287 7.49 -6.03 -24.70
N ALA A 288 6.56 -5.51 -23.84
CA ALA A 288 6.74 -5.52 -22.38
C ALA A 288 6.94 -6.91 -21.76
N GLN A 289 6.19 -7.93 -22.26
CA GLN A 289 6.38 -9.27 -21.73
C GLN A 289 7.79 -9.82 -21.99
N PRO A 290 8.31 -9.80 -23.23
CA PRO A 290 9.72 -10.21 -23.45
C PRO A 290 10.75 -9.42 -22.59
N VAL A 291 10.46 -8.11 -22.29
CA VAL A 291 11.32 -7.27 -21.42
C VAL A 291 11.36 -7.88 -20.02
N ARG A 292 10.17 -8.25 -19.45
CA ARG A 292 10.05 -8.88 -18.12
C ARG A 292 10.85 -10.13 -18.07
N ASN A 293 10.71 -10.97 -19.09
CA ASN A 293 11.43 -12.24 -19.19
C ASN A 293 12.92 -12.00 -19.11
N LYS A 294 13.41 -10.98 -19.86
CA LYS A 294 14.83 -10.67 -19.84
C LYS A 294 15.31 -10.25 -18.45
N ILE A 295 14.66 -9.23 -17.87
CA ILE A 295 15.05 -8.69 -16.57
C ILE A 295 14.90 -9.70 -15.43
N TYR A 296 13.91 -10.61 -15.51
CA TYR A 296 13.75 -11.58 -14.43
C TYR A 296 14.69 -12.75 -14.58
N SER A 297 15.31 -12.90 -15.79
CA SER A 297 16.31 -13.94 -16.02
C SER A 297 17.72 -13.34 -15.84
N LYS A 298 18.19 -12.52 -16.80
CA LYS A 298 19.51 -11.92 -16.77
C LYS A 298 19.71 -11.11 -15.53
N TYR A 299 18.74 -10.29 -15.16
CA TYR A 299 18.93 -9.46 -13.98
C TYR A 299 18.16 -9.92 -12.78
N ALA A 300 18.04 -11.28 -12.61
CA ALA A 300 17.30 -11.97 -11.56
C ALA A 300 17.69 -11.51 -10.18
N TYR A 301 18.96 -11.19 -9.99
CA TYR A 301 19.41 -10.75 -8.69
C TYR A 301 18.62 -9.54 -8.20
N THR A 302 18.53 -8.51 -9.03
CA THR A 302 17.87 -7.28 -8.64
C THR A 302 16.35 -7.39 -8.75
N PHE A 303 15.84 -8.07 -9.80
CA PHE A 303 14.44 -8.09 -10.20
C PHE A 303 13.55 -9.28 -9.98
N HIS A 304 14.13 -10.50 -9.90
CA HIS A 304 13.32 -11.70 -9.74
C HIS A 304 13.22 -12.19 -8.28
N HIS A 305 12.05 -11.95 -7.67
CA HIS A 305 11.77 -12.25 -6.27
C HIS A 305 10.62 -13.24 -6.10
N THR A 306 10.89 -14.34 -5.38
CA THR A 306 9.91 -15.40 -5.15
C THR A 306 9.57 -15.60 -3.65
N THR A 307 10.28 -16.51 -2.99
CA THR A 307 10.01 -16.87 -1.61
C THR A 307 10.78 -16.00 -0.64
N ARG A 308 10.44 -16.13 0.65
CA ARG A 308 11.15 -15.41 1.71
C ARG A 308 12.63 -15.81 1.77
N LEU A 309 12.92 -17.08 1.45
CA LEU A 309 14.28 -17.63 1.48
C LEU A 309 15.09 -17.21 0.30
N ASN A 310 14.44 -17.09 -0.86
CA ASN A 310 15.06 -16.56 -2.08
C ASN A 310 15.63 -15.12 -1.81
N LYS A 311 14.85 -14.28 -1.07
CA LYS A 311 15.19 -12.93 -0.68
C LYS A 311 16.31 -12.95 0.37
N GLU A 312 16.15 -13.83 1.36
CA GLU A 312 17.10 -13.98 2.47
C GLU A 312 18.47 -14.32 2.02
N GLU A 313 18.61 -15.20 1.03
CA GLU A 313 19.91 -15.61 0.48
C GLU A 313 20.76 -14.41 0.01
N LYS A 314 20.10 -13.43 -0.65
CA LYS A 314 20.73 -12.21 -1.17
C LYS A 314 21.13 -11.24 -0.04
N VAL A 315 20.14 -10.89 0.79
CA VAL A 315 20.29 -9.96 1.90
C VAL A 315 21.33 -10.42 2.95
N LYS A 316 21.43 -11.76 3.24
CA LYS A 316 22.35 -12.33 4.24
C LYS A 316 23.79 -11.97 3.93
N GLU A 317 24.11 -11.89 2.63
CA GLU A 317 25.44 -11.56 2.11
C GLU A 317 25.84 -10.10 2.32
N TRP A 318 24.87 -9.23 2.67
CA TRP A 318 25.09 -7.79 2.82
C TRP A 318 25.58 -7.45 4.19
N SER A 319 26.36 -6.39 4.26
CA SER A 319 26.83 -5.89 5.54
C SER A 319 25.79 -4.85 6.07
N LEU A 320 25.08 -4.17 5.14
CA LEU A 320 24.05 -3.19 5.45
C LEU A 320 22.89 -3.35 4.50
N CYS A 321 21.67 -3.29 5.04
CA CYS A 321 20.42 -3.36 4.27
C CYS A 321 19.52 -2.18 4.63
N VAL A 322 19.18 -1.35 3.62
CA VAL A 322 18.33 -0.19 3.82
C VAL A 322 17.01 -0.38 3.03
N ALA A 323 15.87 -0.45 3.75
CA ALA A 323 14.53 -0.57 3.13
C ALA A 323 13.96 0.84 2.91
N THR A 324 13.82 1.21 1.65
CA THR A 324 13.32 2.52 1.25
C THR A 324 11.80 2.58 0.97
N ASP A 325 11.31 3.82 1.01
CA ASP A 325 9.93 4.22 0.84
C ASP A 325 9.79 5.44 -0.11
N VAL A 326 8.93 5.32 -1.15
CA VAL A 326 8.63 6.40 -2.11
C VAL A 326 7.24 7.06 -1.89
N SER A 327 7.21 8.41 -1.93
CA SER A 327 6.00 9.23 -1.79
C SER A 327 5.19 9.24 -3.12
N ASP A 328 3.92 8.75 -3.11
CA ASP A 328 3.06 8.53 -4.28
C ASP A 328 3.76 8.52 -5.64
N HIS A 329 4.51 7.44 -5.79
CA HIS A 329 5.32 6.91 -6.85
C HIS A 329 4.76 7.10 -8.27
N ASP A 330 3.54 6.58 -8.55
CA ASP A 330 2.92 6.66 -9.87
C ASP A 330 2.51 8.06 -10.24
N THR A 331 2.01 8.80 -9.28
CA THR A 331 1.52 10.14 -9.58
C THR A 331 2.68 11.15 -9.85
N PHE A 332 3.83 10.90 -9.18
CA PHE A 332 5.03 11.72 -9.32
C PHE A 332 5.96 11.30 -10.46
N TRP A 333 5.70 10.14 -11.07
CA TRP A 333 6.50 9.59 -12.15
C TRP A 333 6.67 10.66 -13.24
N PRO A 334 7.94 10.95 -13.66
CA PRO A 334 8.17 12.08 -14.59
C PRO A 334 8.02 11.83 -16.08
N GLY A 335 7.23 12.68 -16.72
CA GLY A 335 7.05 12.61 -18.18
C GLY A 335 8.36 12.77 -18.95
N TRP A 336 9.39 13.44 -18.33
CA TRP A 336 10.71 13.54 -18.98
C TRP A 336 11.35 12.18 -19.15
N LEU A 337 11.04 11.26 -18.23
CA LEU A 337 11.53 9.90 -18.37
C LEU A 337 10.86 9.19 -19.57
N ARG A 338 9.52 9.38 -19.78
CA ARG A 338 8.83 8.81 -20.93
C ARG A 338 9.57 9.26 -22.21
N ASP A 339 9.88 10.59 -22.29
CA ASP A 339 10.55 11.17 -23.44
C ASP A 339 11.96 10.65 -23.64
N LEU A 340 12.71 10.47 -22.53
CA LEU A 340 14.07 9.95 -22.54
C LEU A 340 14.01 8.50 -23.09
N ILE A 341 13.09 7.67 -22.51
CA ILE A 341 12.93 6.26 -22.88
C ILE A 341 12.69 6.14 -24.35
N CYS A 342 11.73 6.95 -24.84
CA CYS A 342 11.39 6.95 -26.26
C CYS A 342 12.55 7.34 -27.14
N ASP A 343 13.30 8.37 -26.70
CA ASP A 343 14.47 8.85 -27.44
C ASP A 343 15.51 7.75 -27.59
N GLU A 344 15.82 7.10 -26.44
CA GLU A 344 16.79 6.01 -26.43
C GLU A 344 16.35 4.77 -27.24
N LEU A 345 15.04 4.39 -27.18
CA LEU A 345 14.55 3.29 -27.99
C LEU A 345 14.72 3.62 -29.45
N LEU A 346 14.48 4.91 -29.85
CA LEU A 346 14.67 5.30 -31.24
C LEU A 346 16.13 5.08 -31.65
N ASN A 347 17.06 5.58 -30.84
CA ASN A 347 18.50 5.44 -31.05
C ASN A 347 18.90 4.00 -31.13
N MET A 348 18.20 3.11 -30.39
CA MET A 348 18.51 1.68 -30.39
C MET A 348 18.14 1.02 -31.72
N GLY A 349 17.27 1.68 -32.47
CA GLY A 349 16.81 1.22 -33.76
C GLY A 349 15.41 0.64 -33.75
N TYR A 350 14.63 0.93 -32.68
CA TYR A 350 13.23 0.50 -32.56
C TYR A 350 12.34 1.22 -33.61
N ALA A 351 11.38 0.49 -34.23
CA ALA A 351 10.44 1.08 -35.17
C ALA A 351 9.85 2.40 -34.61
N PRO A 352 10.07 3.60 -35.29
CA PRO A 352 9.47 4.86 -34.79
C PRO A 352 7.93 4.83 -34.58
N TRP A 353 7.20 4.08 -35.44
CA TRP A 353 5.77 3.95 -35.25
C TRP A 353 5.43 3.29 -33.91
N TRP A 354 6.24 2.28 -33.48
CA TRP A 354 5.97 1.59 -32.22
C TRP A 354 6.27 2.52 -31.06
N VAL A 355 7.38 3.23 -31.16
CA VAL A 355 7.81 4.16 -30.15
C VAL A 355 6.68 5.20 -29.97
N LYS A 356 6.09 5.70 -31.10
CA LYS A 356 5.00 6.67 -31.06
C LYS A 356 3.78 6.16 -30.27
N LEU A 357 3.41 4.89 -30.48
CA LEU A 357 2.28 4.24 -29.78
C LEU A 357 2.62 4.24 -28.29
N PHE A 358 3.89 3.86 -27.96
CA PHE A 358 4.43 3.78 -26.60
C PHE A 358 4.39 5.16 -25.93
N GLU A 359 4.92 6.16 -26.63
CA GLU A 359 4.92 7.54 -26.16
C GLU A 359 3.48 7.99 -25.88
N THR A 360 2.61 7.82 -26.87
CA THR A 360 1.21 8.20 -26.76
C THR A 360 0.49 7.57 -25.57
N SER A 361 0.78 6.30 -25.28
CA SER A 361 0.16 5.57 -24.17
C SER A 361 0.43 6.27 -22.83
N LEU A 362 1.48 7.08 -22.81
CA LEU A 362 1.89 7.77 -21.60
C LEU A 362 1.55 9.30 -21.58
N LYS A 363 0.65 9.74 -22.50
CA LYS A 363 0.20 11.14 -22.55
C LYS A 363 -1.33 11.19 -22.71
N LEU A 364 -1.95 10.03 -22.56
CA LEU A 364 -3.35 9.91 -22.85
C LEU A 364 -4.32 10.61 -21.90
N PRO A 365 -5.43 11.21 -22.49
CA PRO A 365 -6.54 11.72 -21.66
C PRO A 365 -7.13 10.65 -20.72
N VAL A 366 -7.89 11.15 -19.72
CA VAL A 366 -8.51 10.29 -18.70
C VAL A 366 -10.00 10.59 -18.53
N TYR A 367 -10.81 9.53 -18.58
CA TYR A 367 -12.24 9.67 -18.39
C TYR A 367 -12.53 9.34 -16.92
N VAL A 368 -13.04 10.34 -16.21
CA VAL A 368 -13.38 10.20 -14.80
C VAL A 368 -14.79 9.71 -14.62
N GLY A 369 -14.89 8.57 -13.97
CA GLY A 369 -16.13 7.90 -13.69
C GLY A 369 -16.95 8.57 -12.63
N ALA A 370 -16.96 7.98 -11.42
CA ALA A 370 -17.78 8.52 -10.32
C ALA A 370 -17.03 8.59 -8.97
N PRO A 371 -16.33 9.73 -8.73
CA PRO A 371 -15.58 9.88 -7.46
C PRO A 371 -16.44 10.02 -6.23
N ALA A 372 -17.67 10.47 -6.42
CA ALA A 372 -18.63 10.67 -5.34
C ALA A 372 -20.05 10.76 -5.94
N PRO A 373 -21.14 10.72 -5.11
CA PRO A 373 -22.49 10.92 -5.66
C PRO A 373 -22.61 12.26 -6.34
N GLU A 374 -23.35 12.28 -7.48
CA GLU A 374 -23.57 13.44 -8.35
C GLU A 374 -22.25 14.18 -8.84
N GLN A 375 -21.18 13.42 -9.08
CA GLN A 375 -19.90 13.93 -9.56
C GLN A 375 -19.29 12.94 -10.57
N GLY A 376 -18.48 13.47 -11.49
CA GLY A 376 -17.75 12.65 -12.44
C GLY A 376 -18.24 12.78 -13.87
N HIS A 377 -18.17 11.68 -14.62
CA HIS A 377 -18.61 11.63 -16.00
C HIS A 377 -18.06 12.77 -16.86
N THR A 378 -16.71 12.92 -16.78
CA THR A 378 -15.98 13.97 -17.46
C THR A 378 -14.70 13.43 -18.05
N LEU A 379 -14.44 13.83 -19.29
CA LEU A 379 -13.18 13.52 -19.95
C LEU A 379 -12.14 14.68 -19.67
N LEU A 380 -10.95 14.36 -19.20
CA LEU A 380 -9.90 15.35 -18.98
C LEU A 380 -8.84 15.11 -20.06
N GLY A 381 -8.49 16.18 -20.75
CA GLY A 381 -7.57 16.13 -21.88
C GLY A 381 -8.32 15.93 -23.19
N ASP A 382 -7.68 16.31 -24.29
CA ASP A 382 -8.28 16.17 -25.60
C ASP A 382 -7.63 14.99 -26.31
N PRO A 383 -8.41 13.93 -26.64
CA PRO A 383 -7.83 12.76 -27.33
C PRO A 383 -7.31 13.06 -28.71
N SER A 384 -7.69 14.22 -29.30
CA SER A 384 -7.22 14.60 -30.62
C SER A 384 -5.78 14.96 -30.58
N ASN A 385 -5.25 15.37 -29.41
CA ASN A 385 -3.83 15.71 -29.26
C ASN A 385 -3.34 15.31 -27.88
N PRO A 386 -3.02 14.00 -27.67
CA PRO A 386 -2.66 13.53 -26.30
C PRO A 386 -1.52 14.34 -25.72
N ASP A 387 -1.78 15.00 -24.57
CA ASP A 387 -0.77 15.82 -23.93
C ASP A 387 -0.88 15.91 -22.40
N LEU A 388 -1.52 14.92 -21.76
CA LEU A 388 -1.58 14.90 -20.29
C LEU A 388 -0.24 14.45 -19.65
N GLU A 389 -0.04 14.89 -18.38
CA GLU A 389 1.12 14.59 -17.54
C GLU A 389 0.63 14.01 -16.21
N VAL A 390 -0.15 12.94 -16.26
CA VAL A 390 -0.78 12.30 -15.07
C VAL A 390 0.19 11.46 -14.17
N GLY A 391 1.47 11.45 -14.58
CA GLY A 391 2.47 10.59 -13.99
C GLY A 391 2.41 9.30 -14.79
N LEU A 392 2.38 8.16 -14.07
CA LEU A 392 2.27 6.83 -14.66
C LEU A 392 0.82 6.37 -14.53
N SER A 393 0.20 5.88 -15.62
CA SER A 393 -1.18 5.34 -15.63
C SER A 393 -1.14 3.88 -15.23
N SER A 394 -1.87 3.46 -14.18
CA SER A 394 -1.89 2.04 -13.71
C SER A 394 -2.22 0.96 -14.77
N GLY A 395 -3.00 1.32 -15.80
CA GLY A 395 -3.40 0.40 -16.85
C GLY A 395 -2.59 0.50 -18.12
N GLN A 396 -1.40 1.09 -18.03
CA GLN A 396 -0.57 1.20 -19.24
C GLN A 396 0.07 -0.19 -19.38
N GLY A 397 0.32 -0.60 -20.62
CA GLY A 397 0.88 -1.92 -20.92
C GLY A 397 2.20 -2.32 -20.30
N ALA A 398 2.95 -1.34 -19.81
CA ALA A 398 4.31 -1.57 -19.25
C ALA A 398 4.55 -0.84 -17.92
N THR A 399 3.48 -0.49 -17.18
CA THR A 399 3.64 0.34 -15.99
C THR A 399 4.67 -0.12 -15.05
N ASP A 400 4.66 -1.46 -14.68
CA ASP A 400 5.61 -2.09 -13.74
C ASP A 400 7.03 -1.81 -14.20
N LEU A 401 7.32 -1.95 -15.54
CA LEU A 401 8.63 -1.67 -16.11
C LEU A 401 9.00 -0.20 -15.99
N MET A 402 8.05 0.70 -16.22
CA MET A 402 8.28 2.16 -16.10
C MET A 402 8.65 2.60 -14.68
N GLY A 403 7.98 2.00 -13.69
CA GLY A 403 8.23 2.25 -12.25
C GLY A 403 9.53 1.60 -11.83
N THR A 404 9.78 0.36 -12.33
CA THR A 404 11.02 -0.38 -12.04
C THR A 404 12.24 0.36 -12.62
N LEU A 405 12.11 0.82 -13.90
CA LEU A 405 13.19 1.55 -14.57
C LEU A 405 13.50 2.78 -13.80
N LEU A 406 12.45 3.63 -13.52
CA LEU A 406 12.71 4.86 -12.77
C LEU A 406 13.45 4.62 -11.46
N MET A 407 12.82 3.76 -10.62
CA MET A 407 13.28 3.50 -9.27
C MET A 407 14.63 2.83 -9.15
N SER A 408 14.89 1.81 -9.98
CA SER A 408 16.18 1.12 -9.93
C SER A 408 17.33 2.14 -10.11
N ILE A 409 17.21 3.03 -11.11
CA ILE A 409 18.24 4.01 -11.38
C ILE A 409 18.28 5.08 -10.24
N THR A 410 17.10 5.53 -9.77
CA THR A 410 16.98 6.49 -8.67
C THR A 410 17.75 6.00 -7.44
N TYR A 411 17.59 4.71 -7.06
CA TYR A 411 18.28 4.13 -5.89
C TYR A 411 19.78 4.01 -6.13
N LEU A 412 20.18 3.57 -7.36
CA LEU A 412 21.59 3.43 -7.73
C LEU A 412 22.27 4.80 -7.64
N VAL A 413 21.63 5.87 -8.21
CA VAL A 413 22.14 7.23 -8.16
C VAL A 413 22.30 7.72 -6.71
N MET A 414 21.33 7.41 -5.87
CA MET A 414 21.36 7.77 -4.47
C MET A 414 22.57 7.09 -3.79
N GLN A 415 22.85 5.79 -4.15
CA GLN A 415 24.00 5.02 -3.60
C GLN A 415 25.32 5.67 -4.11
N LEU A 416 25.36 6.11 -5.39
CA LEU A 416 26.53 6.72 -5.99
C LEU A 416 26.81 8.05 -5.32
N ASP A 417 25.77 8.92 -5.27
CA ASP A 417 25.89 10.25 -4.69
C ASP A 417 26.32 10.21 -3.23
N HIS A 418 25.66 9.40 -2.43
CA HIS A 418 25.91 9.41 -1.01
C HIS A 418 26.97 8.47 -0.44
N THR A 419 27.32 7.39 -1.21
CA THR A 419 28.18 6.33 -0.68
C THR A 419 29.30 5.87 -1.59
N ALA A 420 29.14 5.96 -2.91
CA ALA A 420 30.20 5.44 -3.79
C ALA A 420 30.77 6.37 -4.89
N PRO A 421 31.38 7.54 -4.50
CA PRO A 421 31.95 8.47 -5.48
C PRO A 421 33.06 7.89 -6.36
N HIS A 422 33.74 6.87 -5.82
CA HIS A 422 34.84 6.14 -6.46
C HIS A 422 34.37 5.28 -7.61
N LEU A 423 33.02 5.11 -7.76
CA LEU A 423 32.48 4.32 -8.85
C LEU A 423 32.14 5.20 -9.98
N ASN A 424 32.09 6.53 -9.76
CA ASN A 424 31.73 7.51 -10.79
C ASN A 424 32.60 7.47 -12.03
N SER A 425 33.87 7.17 -11.85
CA SER A 425 34.89 7.01 -12.87
C SER A 425 34.53 5.86 -13.86
N ARG A 426 33.82 4.82 -13.40
CA ARG A 426 33.45 3.69 -14.26
C ARG A 426 32.30 4.06 -15.24
N ILE A 427 31.62 5.23 -15.00
CA ILE A 427 30.50 5.70 -15.82
C ILE A 427 30.96 6.96 -16.58
N LYS A 428 31.59 6.71 -17.76
CA LYS A 428 32.23 7.72 -18.58
C LYS A 428 31.50 8.00 -19.85
N ASP A 429 30.91 6.96 -20.44
CA ASP A 429 30.17 7.02 -21.72
C ASP A 429 29.05 5.95 -21.76
N MET A 430 28.38 5.80 -22.88
CA MET A 430 27.35 4.77 -22.96
C MET A 430 27.84 3.33 -22.74
N PRO A 431 28.89 2.86 -23.44
CA PRO A 431 29.35 1.48 -23.23
C PRO A 431 29.79 1.23 -21.79
N SER A 432 30.49 2.19 -21.16
CA SER A 432 30.89 2.00 -19.76
C SER A 432 29.69 2.06 -18.81
N ALA A 433 28.66 2.93 -19.11
CA ALA A 433 27.45 3.00 -18.29
C ALA A 433 26.74 1.66 -18.34
N CYS A 434 26.61 1.03 -19.58
CA CYS A 434 25.95 -0.28 -19.80
C CYS A 434 26.66 -1.37 -19.10
N ARG A 435 28.04 -1.38 -19.20
CA ARG A 435 28.89 -2.40 -18.58
C ARG A 435 28.71 -2.39 -17.07
N PHE A 436 28.76 -1.15 -16.48
CA PHE A 436 28.61 -0.92 -15.05
C PHE A 436 27.24 -1.39 -14.57
N LEU A 437 26.16 -0.93 -15.24
CA LEU A 437 24.80 -1.25 -14.85
C LEU A 437 24.53 -2.72 -14.92
N ASP A 438 25.02 -3.37 -16.01
CA ASP A 438 24.88 -4.82 -16.23
C ASP A 438 25.48 -5.58 -15.07
N SER A 439 26.65 -5.09 -14.59
CA SER A 439 27.32 -5.68 -13.44
C SER A 439 26.55 -5.40 -12.13
N TYR A 440 26.08 -4.16 -11.94
CA TYR A 440 25.35 -3.73 -10.76
C TYR A 440 24.07 -4.51 -10.61
N TRP A 441 23.32 -4.64 -11.71
CA TRP A 441 22.04 -5.36 -11.74
C TRP A 441 22.20 -6.85 -11.47
N GLN A 442 23.40 -7.42 -11.75
CA GLN A 442 23.69 -8.83 -11.50
C GLN A 442 24.12 -9.09 -10.03
N GLY A 443 24.17 -8.02 -9.22
CA GLY A 443 24.63 -8.04 -7.84
C GLY A 443 26.16 -8.16 -7.69
N HIS A 444 26.92 -7.74 -8.74
CA HIS A 444 28.38 -7.87 -8.78
C HIS A 444 29.19 -6.75 -8.21
N GLU A 445 28.55 -5.68 -7.79
CA GLU A 445 29.28 -4.55 -7.20
C GLU A 445 29.20 -4.57 -5.70
N GLU A 446 29.93 -3.69 -5.04
CA GLU A 446 29.87 -3.61 -3.56
C GLU A 446 28.58 -2.90 -3.08
N ILE A 447 27.92 -2.20 -4.01
CA ILE A 447 26.62 -1.59 -3.82
C ILE A 447 25.59 -2.49 -4.58
N ARG A 448 24.49 -2.80 -3.88
CA ARG A 448 23.52 -3.72 -4.40
C ARG A 448 22.09 -3.27 -4.12
N GLN A 449 21.11 -3.90 -4.79
CA GLN A 449 19.70 -3.62 -4.56
C GLN A 449 18.87 -4.78 -5.03
N ILE A 450 17.67 -4.89 -4.46
CA ILE A 450 16.63 -5.83 -4.81
C ILE A 450 15.40 -4.91 -4.87
N SER A 451 14.70 -4.89 -6.01
CA SER A 451 13.56 -4.00 -6.16
C SER A 451 12.45 -4.55 -7.06
N LYS A 452 11.27 -3.93 -6.93
CA LYS A 452 10.09 -4.10 -7.76
C LYS A 452 9.28 -2.79 -7.66
N SER A 453 9.39 -1.94 -8.71
CA SER A 453 8.81 -0.60 -8.76
C SER A 453 9.33 0.23 -7.56
N ASP A 454 8.39 0.68 -6.68
CA ASP A 454 8.66 1.48 -5.47
C ASP A 454 9.22 0.70 -4.28
N ASP A 455 8.98 -0.65 -4.22
CA ASP A 455 9.54 -1.46 -3.12
C ASP A 455 10.97 -1.85 -3.39
N ALA A 456 11.85 -1.62 -2.44
CA ALA A 456 13.25 -1.94 -2.60
C ALA A 456 13.94 -2.10 -1.28
N MET A 457 15.10 -2.82 -1.34
CA MET A 457 16.06 -2.96 -0.27
C MET A 457 17.41 -2.71 -0.85
N LEU A 458 18.14 -1.75 -0.30
CA LEU A 458 19.45 -1.35 -0.82
C LEU A 458 20.57 -1.93 0.04
N GLY A 459 21.55 -2.52 -0.61
CA GLY A 459 22.64 -3.12 0.11
C GLY A 459 24.05 -2.66 -0.16
N TRP A 460 24.89 -2.86 0.85
CA TRP A 460 26.31 -2.56 0.89
C TRP A 460 27.04 -3.78 1.43
N THR A 461 28.09 -4.19 0.74
CA THR A 461 28.95 -5.26 1.20
C THR A 461 30.14 -4.55 1.84
N LYS A 462 31.18 -5.31 2.23
CA LYS A 462 32.42 -4.73 2.79
C LYS A 462 33.12 -3.95 1.69
N GLY A 463 33.63 -2.78 2.04
CA GLY A 463 34.30 -1.93 1.07
C GLY A 463 34.26 -0.46 1.41
N ARG A 464 34.72 0.32 0.41
CA ARG A 464 34.81 1.78 0.46
C ARG A 464 33.45 2.47 0.72
N ALA A 465 32.39 1.95 0.06
CA ALA A 465 31.05 2.48 0.08
C ALA A 465 30.29 2.24 1.38
N LEU A 466 30.64 1.17 2.14
CA LEU A 466 29.97 0.79 3.39
C LEU A 466 29.81 1.91 4.42
N VAL A 467 30.87 2.73 4.59
CA VAL A 467 30.80 3.82 5.54
C VAL A 467 29.77 4.89 5.10
N GLY A 468 29.79 5.20 3.78
CA GLY A 468 28.85 6.12 3.14
C GLY A 468 27.41 5.63 3.30
N GLY A 469 27.26 4.31 3.18
CA GLY A 469 26.01 3.62 3.35
C GLY A 469 25.42 3.92 4.70
N HIS A 470 26.24 3.86 5.78
CA HIS A 470 25.77 4.15 7.13
C HIS A 470 25.38 5.61 7.32
N ARG A 471 26.10 6.55 6.64
CA ARG A 471 25.83 8.00 6.67
C ARG A 471 24.50 8.30 5.99
N LEU A 472 24.24 7.59 4.87
CA LEU A 472 22.98 7.69 4.09
C LEU A 472 21.81 7.26 4.94
N PHE A 473 21.97 6.10 5.62
CA PHE A 473 20.97 5.52 6.50
C PHE A 473 20.66 6.52 7.61
N GLU A 474 21.71 7.17 8.11
CA GLU A 474 21.57 8.20 9.12
C GLU A 474 20.80 9.42 8.59
N MET A 475 21.09 9.82 7.34
CA MET A 475 20.42 10.95 6.72
C MET A 475 18.91 10.67 6.64
N LEU A 476 18.58 9.40 6.25
CA LEU A 476 17.20 8.92 6.12
C LEU A 476 16.51 8.92 7.46
N LYS A 477 17.20 8.41 8.54
CA LYS A 477 16.64 8.41 9.88
C LYS A 477 16.25 9.84 10.30
N GLU A 478 17.18 10.78 10.08
CA GLU A 478 16.99 12.19 10.42
C GLU A 478 15.79 12.79 9.72
N GLY A 479 15.60 12.43 8.45
CA GLY A 479 14.50 12.92 7.66
C GLY A 479 14.40 14.42 7.48
N LYS A 480 15.54 15.08 7.28
CA LYS A 480 15.52 16.53 7.09
C LYS A 480 15.88 16.85 5.66
N VAL A 481 16.71 15.99 5.03
CA VAL A 481 17.18 16.15 3.64
C VAL A 481 16.74 14.96 2.75
N ASN A 482 16.21 15.30 1.55
CA ASN A 482 15.83 14.26 0.60
C ASN A 482 17.09 13.78 -0.10
N PRO A 483 17.40 12.47 -0.05
CA PRO A 483 18.62 11.98 -0.69
C PRO A 483 18.56 11.86 -2.23
N SER A 484 17.41 12.14 -2.82
CA SER A 484 17.28 12.04 -4.26
C SER A 484 16.83 13.40 -4.90
N PRO A 485 17.30 13.72 -6.15
CA PRO A 485 16.71 14.85 -6.87
C PRO A 485 15.41 14.43 -7.63
N TYR A 486 15.15 13.12 -7.76
CA TYR A 486 14.09 12.59 -8.59
C TYR A 486 12.73 12.30 -7.95
N MET A 487 12.76 11.70 -6.74
CA MET A 487 11.52 11.34 -6.01
C MET A 487 11.72 11.62 -4.52
N LYS A 488 10.61 11.70 -3.75
CA LYS A 488 10.70 11.93 -2.30
C LYS A 488 10.90 10.57 -1.58
N ILE A 489 12.14 10.30 -1.17
CA ILE A 489 12.57 9.04 -0.55
C ILE A 489 12.77 9.19 0.95
N SER A 490 12.42 8.12 1.67
CA SER A 490 12.56 7.98 3.11
C SER A 490 12.86 6.51 3.41
N TYR A 491 12.96 6.19 4.69
CA TYR A 491 13.19 4.81 5.04
C TYR A 491 11.87 4.26 5.47
N GLU A 492 11.64 2.97 5.25
CA GLU A 492 10.39 2.30 5.66
C GLU A 492 10.39 2.06 7.18
N HIS A 493 9.29 2.45 7.85
CA HIS A 493 9.10 2.22 9.29
C HIS A 493 8.69 0.72 9.47
N GLY A 494 9.69 -0.14 9.70
CA GLY A 494 9.50 -1.57 9.78
C GLY A 494 9.77 -2.14 8.40
N GLY A 495 11.04 -2.23 8.05
CA GLY A 495 11.48 -2.66 6.74
C GLY A 495 10.99 -4.02 6.33
N ALA A 496 10.27 -4.09 5.21
CA ALA A 496 9.73 -5.29 4.59
C ALA A 496 9.89 -5.21 3.06
N PHE A 497 10.07 -6.35 2.41
CA PHE A 497 10.24 -6.38 0.97
C PHE A 497 9.29 -7.37 0.37
N LEU A 498 8.37 -6.82 -0.44
CA LEU A 498 7.36 -7.56 -1.17
C LEU A 498 6.56 -8.46 -0.24
N GLY A 499 6.04 -7.87 0.83
CA GLY A 499 5.18 -8.54 1.81
C GLY A 499 5.83 -9.44 2.84
N ASP A 500 7.21 -9.49 2.84
CA ASP A 500 8.02 -10.24 3.82
C ASP A 500 8.79 -9.30 4.70
N ILE A 501 8.59 -9.43 6.01
CA ILE A 501 9.26 -8.58 6.99
C ILE A 501 10.69 -9.06 7.17
N LEU A 502 11.66 -8.13 7.15
CA LEU A 502 13.04 -8.49 7.45
C LEU A 502 13.19 -8.44 8.96
N LEU A 503 13.17 -9.65 9.57
CA LEU A 503 13.25 -9.84 11.01
C LEU A 503 14.69 -9.93 11.50
N TYR A 504 15.14 -8.86 12.16
CA TYR A 504 16.47 -8.78 12.73
C TYR A 504 16.46 -9.39 14.14
N ASP A 505 17.66 -9.75 14.65
CA ASP A 505 17.77 -10.16 16.04
C ASP A 505 18.52 -9.06 16.80
N SER A 506 19.13 -9.40 17.95
CA SER A 506 19.90 -8.48 18.82
C SER A 506 21.04 -7.79 18.10
N ARG A 507 21.70 -8.49 17.17
CA ARG A 507 22.82 -8.02 16.36
C ARG A 507 22.47 -6.89 15.40
N ARG A 508 21.21 -6.79 14.95
CA ARG A 508 20.74 -5.79 13.97
C ARG A 508 21.62 -5.76 12.73
N GLU A 509 21.90 -6.98 12.21
CA GLU A 509 22.75 -7.19 11.04
C GLU A 509 22.02 -8.04 10.02
N PRO A 510 22.16 -7.74 8.68
CA PRO A 510 21.53 -8.58 7.66
C PRO A 510 21.93 -10.06 7.70
N GLY A 511 23.15 -10.32 8.11
CA GLY A 511 23.64 -11.70 8.19
C GLY A 511 22.88 -12.62 9.14
N SER A 512 22.35 -12.05 10.22
CA SER A 512 21.60 -12.66 11.32
C SER A 512 20.08 -12.54 11.13
N ALA A 513 19.65 -11.75 10.12
CA ALA A 513 18.25 -11.43 9.88
C ALA A 513 17.57 -12.46 9.02
N ILE A 514 16.26 -12.62 9.21
CA ILE A 514 15.47 -13.53 8.40
C ILE A 514 14.25 -12.84 7.81
N PHE A 515 13.84 -13.28 6.62
CA PHE A 515 12.60 -12.80 6.04
C PHE A 515 11.46 -13.71 6.54
N VAL A 516 10.42 -13.09 7.11
CA VAL A 516 9.26 -13.83 7.58
C VAL A 516 7.97 -13.24 6.92
N GLY A 517 6.92 -14.07 6.77
CA GLY A 517 5.65 -13.59 6.28
C GLY A 517 5.08 -12.52 7.21
N ASN A 518 4.38 -11.53 6.64
CA ASN A 518 3.76 -10.48 7.44
C ASN A 518 2.39 -10.95 7.92
N ILE A 519 2.26 -11.20 9.25
CA ILE A 519 0.97 -11.71 9.79
C ILE A 519 -0.16 -10.75 9.61
N ASN A 520 0.15 -9.44 9.58
CA ASN A 520 -0.85 -8.40 9.31
C ASN A 520 -1.43 -8.56 7.92
N SER A 521 -0.58 -8.91 6.93
CA SER A 521 -1.03 -9.15 5.56
C SER A 521 -1.91 -10.39 5.49
N MET A 522 -1.69 -11.39 6.37
CA MET A 522 -2.60 -12.55 6.43
C MET A 522 -4.00 -12.09 6.85
N LEU A 523 -4.05 -11.29 7.93
CA LEU A 523 -5.29 -10.73 8.47
C LEU A 523 -6.04 -9.83 7.45
N ASN A 524 -5.26 -8.98 6.73
CA ASN A 524 -5.74 -8.16 5.62
C ASN A 524 -6.41 -9.06 4.58
N ASN A 525 -5.70 -10.09 4.11
CA ASN A 525 -6.21 -10.99 3.11
C ASN A 525 -7.45 -11.79 3.56
N GLN A 526 -7.43 -12.35 4.81
CA GLN A 526 -8.54 -13.18 5.29
C GLN A 526 -9.77 -12.43 5.72
N PHE A 527 -9.62 -11.26 6.33
CA PHE A 527 -10.79 -10.55 6.85
C PHE A 527 -11.14 -9.25 6.16
N SER A 528 -10.20 -8.68 5.40
CA SER A 528 -10.48 -7.46 4.67
C SER A 528 -10.16 -7.61 3.18
N PRO A 529 -10.76 -8.61 2.46
CA PRO A 529 -10.50 -8.71 1.02
C PRO A 529 -10.89 -7.44 0.24
N GLU A 530 -10.19 -7.22 -0.90
CA GLU A 530 -10.44 -6.04 -1.70
C GLU A 530 -11.81 -6.14 -2.36
N TYR A 531 -12.16 -7.36 -2.81
CA TYR A 531 -13.42 -7.66 -3.48
C TYR A 531 -14.23 -8.72 -2.72
N GLY A 532 -15.51 -8.81 -3.05
CA GLY A 532 -16.34 -9.88 -2.53
C GLY A 532 -16.09 -11.20 -3.28
N VAL A 533 -16.81 -12.27 -2.87
CA VAL A 533 -16.64 -13.58 -3.49
C VAL A 533 -17.14 -13.69 -4.93
N GLN A 534 -18.07 -12.76 -5.35
CA GLN A 534 -18.70 -12.70 -6.68
C GLN A 534 -19.37 -14.02 -6.99
N SER A 535 -20.10 -14.62 -6.02
CA SER A 535 -20.71 -15.94 -6.22
C SER A 535 -21.62 -16.04 -7.46
N GLY A 536 -22.00 -14.85 -7.94
CA GLY A 536 -22.82 -14.67 -9.14
C GLY A 536 -22.10 -15.15 -10.39
N VAL A 537 -20.82 -14.77 -10.50
CA VAL A 537 -19.97 -15.07 -11.65
C VAL A 537 -19.66 -16.57 -11.67
N ARG A 538 -20.34 -17.34 -12.58
CA ARG A 538 -20.22 -18.79 -12.74
C ARG A 538 -18.80 -19.26 -13.01
N ASP A 539 -18.12 -18.62 -13.99
CA ASP A 539 -16.74 -18.91 -14.35
C ASP A 539 -15.78 -18.30 -13.29
N ARG A 540 -15.32 -19.14 -12.37
CA ARG A 540 -14.45 -18.73 -11.26
C ARG A 540 -13.15 -18.11 -11.69
N SER A 541 -12.60 -18.55 -12.85
CA SER A 541 -11.34 -17.99 -13.37
C SER A 541 -11.46 -16.49 -13.74
N LYS A 542 -12.71 -16.04 -13.98
CA LYS A 542 -12.98 -14.65 -14.28
C LYS A 542 -13.13 -13.75 -13.02
N ARG A 543 -13.42 -14.34 -11.87
CA ARG A 543 -13.62 -13.62 -10.61
C ARG A 543 -12.33 -12.93 -10.12
N LYS A 544 -12.50 -11.89 -9.29
CA LYS A 544 -11.38 -11.20 -8.66
C LYS A 544 -10.72 -12.15 -7.60
N ARG A 545 -11.54 -13.01 -6.92
CA ARG A 545 -11.01 -14.01 -5.98
C ARG A 545 -11.54 -15.38 -6.43
N PRO A 546 -10.88 -16.04 -7.41
CA PRO A 546 -11.43 -17.29 -7.95
C PRO A 546 -11.63 -18.44 -6.96
N PHE A 547 -10.63 -18.77 -6.15
CA PHE A 547 -10.76 -19.86 -5.19
C PHE A 547 -10.30 -19.41 -3.81
N PRO A 548 -11.15 -18.61 -3.10
CA PRO A 548 -10.74 -18.07 -1.80
C PRO A 548 -10.27 -19.08 -0.76
N GLY A 549 -10.95 -20.22 -0.71
CA GLY A 549 -10.70 -21.30 0.23
C GLY A 549 -9.30 -21.86 0.22
N LEU A 550 -8.65 -21.91 -0.98
CA LEU A 550 -7.27 -22.43 -1.20
C LEU A 550 -6.17 -21.77 -0.34
N ALA A 551 -6.35 -20.49 0.01
CA ALA A 551 -5.40 -19.75 0.82
C ALA A 551 -5.06 -20.46 2.15
N TRP A 552 -6.00 -21.25 2.68
CA TRP A 552 -5.82 -21.99 3.93
C TRP A 552 -4.75 -23.01 3.80
N ALA A 553 -4.64 -23.61 2.62
CA ALA A 553 -3.63 -24.63 2.33
C ALA A 553 -2.22 -24.10 2.26
N SER A 554 -2.01 -22.84 1.88
CA SER A 554 -0.68 -22.25 1.76
C SER A 554 -0.29 -21.42 2.94
N MET A 555 -1.23 -21.15 3.87
CA MET A 555 -1.04 -20.29 5.05
C MET A 555 0.25 -20.53 5.88
N LYS A 556 0.50 -21.82 6.29
CA LYS A 556 1.66 -22.17 7.12
C LYS A 556 2.94 -21.87 6.33
N ASP A 557 2.96 -22.23 5.04
CA ASP A 557 4.14 -21.97 4.21
C ASP A 557 4.38 -20.47 4.08
N THR A 558 3.32 -19.68 3.86
CA THR A 558 3.41 -18.22 3.72
C THR A 558 3.72 -17.51 5.05
N TYR A 559 2.89 -17.78 6.07
CA TYR A 559 3.00 -17.07 7.35
C TYR A 559 3.68 -17.76 8.56
N GLY A 560 3.95 -19.07 8.43
CA GLY A 560 4.49 -19.93 9.49
C GLY A 560 5.71 -19.47 10.20
N ALA A 561 6.57 -18.73 9.50
CA ALA A 561 7.80 -18.21 10.12
C ALA A 561 7.59 -16.91 10.90
N CYS A 562 6.34 -16.32 10.90
CA CYS A 562 6.10 -15.12 11.71
C CYS A 562 6.15 -15.55 13.17
N PRO A 563 6.98 -14.90 14.02
CA PRO A 563 7.05 -15.32 15.45
C PRO A 563 5.68 -15.58 16.11
N ILE A 564 4.69 -14.74 15.84
CA ILE A 564 3.41 -14.84 16.50
C ILE A 564 2.33 -15.67 15.76
N TYR A 565 2.75 -16.42 14.72
CA TYR A 565 1.86 -17.22 13.87
C TYR A 565 0.79 -18.02 14.64
N SER A 566 1.24 -18.93 15.55
CA SER A 566 0.38 -19.79 16.37
C SER A 566 -0.53 -18.98 17.27
N ASP A 567 0.03 -17.97 17.97
CA ASP A 567 -0.70 -17.07 18.83
C ASP A 567 -1.87 -16.38 18.09
N VAL A 568 -1.60 -15.86 16.85
CA VAL A 568 -2.60 -15.17 16.02
C VAL A 568 -3.71 -16.13 15.61
N LEU A 569 -3.34 -17.34 15.14
CA LEU A 569 -4.32 -18.31 14.72
C LEU A 569 -5.24 -18.76 15.87
N GLU A 570 -4.65 -18.89 17.08
CA GLU A 570 -5.42 -19.23 18.27
C GLU A 570 -6.32 -18.06 18.64
N ALA A 571 -5.81 -16.80 18.57
CA ALA A 571 -6.59 -15.58 18.87
C ALA A 571 -7.79 -15.50 17.93
N ILE A 572 -7.57 -15.81 16.62
CA ILE A 572 -8.65 -15.81 15.61
C ILE A 572 -9.72 -16.81 16.04
N GLU A 573 -9.28 -18.04 16.37
CA GLU A 573 -10.17 -19.14 16.75
C GLU A 573 -11.05 -18.75 17.94
N ARG A 574 -10.41 -18.18 18.97
CA ARG A 574 -11.05 -17.74 20.20
C ARG A 574 -12.07 -16.65 19.90
N CYS A 575 -11.65 -15.63 19.13
CA CYS A 575 -12.54 -14.54 18.78
C CYS A 575 -13.72 -14.93 17.86
N TRP A 576 -13.50 -15.85 16.92
CA TRP A 576 -14.52 -16.34 15.98
C TRP A 576 -15.55 -17.17 16.74
N TRP A 577 -15.10 -17.97 17.73
CA TRP A 577 -15.98 -18.73 18.63
C TRP A 577 -16.88 -17.76 19.39
N ASN A 578 -16.30 -16.66 19.95
CA ASN A 578 -17.06 -15.67 20.70
C ASN A 578 -18.14 -14.99 19.85
N ALA A 579 -17.81 -14.72 18.58
CA ALA A 579 -18.70 -14.01 17.66
C ALA A 579 -19.74 -14.83 16.94
N PHE A 580 -19.36 -16.03 16.50
CA PHE A 580 -20.23 -16.91 15.69
C PHE A 580 -20.69 -18.19 16.37
N GLY A 581 -19.96 -18.61 17.40
CA GLY A 581 -20.21 -19.86 18.09
C GLY A 581 -19.84 -21.05 17.23
N GLU A 582 -18.76 -20.88 16.41
CA GLU A 582 -18.28 -21.87 15.44
C GLU A 582 -16.79 -21.87 15.41
N SER A 583 -16.21 -22.97 14.89
CA SER A 583 -14.76 -23.08 14.71
C SER A 583 -14.32 -22.44 13.39
N TYR A 584 -13.46 -21.39 13.49
CA TYR A 584 -12.96 -20.75 12.28
C TYR A 584 -12.19 -21.75 11.45
N ARG A 585 -11.32 -22.55 12.11
CA ARG A 585 -10.48 -23.57 11.48
C ARG A 585 -11.35 -24.51 10.65
N ALA A 586 -12.44 -25.03 11.26
CA ALA A 586 -13.36 -25.95 10.61
C ALA A 586 -14.05 -25.31 9.38
N TYR A 587 -14.50 -24.06 9.58
CA TYR A 587 -15.14 -23.26 8.56
C TYR A 587 -14.21 -23.15 7.32
N ARG A 588 -12.89 -22.89 7.56
CA ARG A 588 -11.89 -22.73 6.52
C ARG A 588 -11.54 -24.03 5.88
N GLU A 589 -11.60 -25.12 6.65
CA GLU A 589 -11.32 -26.45 6.12
C GLU A 589 -12.43 -26.84 5.16
N ASP A 590 -13.69 -26.50 5.49
CA ASP A 590 -14.76 -26.82 4.56
C ASP A 590 -14.57 -26.01 3.26
N MET A 591 -14.28 -24.71 3.39
CA MET A 591 -14.09 -23.83 2.24
C MET A 591 -12.99 -24.35 1.38
N LEU A 592 -11.84 -24.77 2.02
CA LEU A 592 -10.69 -25.36 1.33
C LEU A 592 -11.09 -26.61 0.56
N LYS A 593 -11.82 -27.55 1.23
CA LYS A 593 -12.31 -28.78 0.57
C LYS A 593 -13.13 -28.39 -0.64
N ARG A 594 -14.16 -27.48 -0.48
CA ARG A 594 -15.06 -27.06 -1.56
C ARG A 594 -14.30 -26.51 -2.76
N ASP A 595 -13.38 -25.59 -2.48
CA ASP A 595 -12.54 -24.94 -3.51
C ASP A 595 -11.54 -25.88 -4.18
N THR A 596 -11.02 -26.88 -3.43
CA THR A 596 -10.13 -27.88 -4.02
C THR A 596 -10.91 -28.69 -5.09
N LEU A 597 -12.16 -29.08 -4.76
CA LEU A 597 -13.03 -29.85 -5.64
C LEU A 597 -13.42 -29.02 -6.84
N GLU A 598 -13.74 -27.74 -6.60
CA GLU A 598 -14.15 -26.82 -7.65
C GLU A 598 -13.00 -26.56 -8.64
N LEU A 599 -11.74 -26.44 -8.09
CA LEU A 599 -10.56 -26.24 -8.89
C LEU A 599 -10.34 -27.33 -9.93
N SER A 600 -10.57 -28.59 -9.60
CA SER A 600 -10.38 -29.71 -10.54
C SER A 600 -11.17 -29.51 -11.86
N ARG A 601 -12.31 -28.76 -11.80
CA ARG A 601 -13.15 -28.46 -12.97
C ARG A 601 -12.40 -27.57 -13.94
N TYR A 602 -11.45 -26.78 -13.43
CA TYR A 602 -10.68 -25.79 -14.19
C TYR A 602 -9.31 -26.28 -14.68
N VAL A 603 -8.74 -27.30 -14.00
CA VAL A 603 -7.41 -27.83 -14.30
C VAL A 603 -7.56 -29.18 -15.00
N ALA A 604 -7.15 -29.21 -16.29
CA ALA A 604 -7.22 -30.40 -17.17
C ALA A 604 -6.49 -31.63 -16.59
N SER A 605 -5.32 -31.39 -15.97
CA SER A 605 -4.46 -32.40 -15.34
C SER A 605 -5.10 -33.01 -14.07
N MET A 606 -5.94 -32.18 -13.40
CA MET A 606 -6.66 -32.56 -12.21
C MET A 606 -7.89 -33.36 -12.45
N ALA A 607 -7.79 -34.60 -11.97
CA ALA A 607 -8.84 -35.61 -11.88
C ALA A 607 -9.92 -35.07 -10.96
N ARG A 608 -11.16 -35.54 -11.16
CA ARG A 608 -12.40 -35.20 -10.45
C ARG A 608 -12.27 -34.81 -8.96
N GLN A 609 -11.18 -35.29 -8.27
CA GLN A 609 -10.80 -35.02 -6.85
C GLN A 609 -9.28 -35.07 -6.54
N ALA A 610 -8.43 -34.89 -7.58
CA ALA A 610 -6.96 -34.97 -7.61
C ALA A 610 -6.14 -34.56 -6.38
N GLY A 611 -6.59 -33.51 -5.68
CA GLY A 611 -5.92 -32.99 -4.49
C GLY A 611 -4.79 -32.04 -4.83
N LEU A 612 -4.60 -31.03 -3.98
CA LEU A 612 -3.62 -29.96 -4.16
C LEU A 612 -2.13 -30.39 -4.25
N ALA A 613 -1.91 -31.70 -4.32
CA ALA A 613 -0.63 -32.40 -4.38
C ALA A 613 0.45 -31.69 -5.18
N GLU A 614 0.15 -31.43 -6.46
CA GLU A 614 1.07 -30.84 -7.41
C GLU A 614 1.26 -29.32 -7.31
N LEU A 615 0.43 -28.66 -6.50
CA LEU A 615 0.44 -27.20 -6.31
C LEU A 615 1.38 -26.66 -5.26
N THR A 616 2.02 -25.53 -5.61
CA THR A 616 2.96 -24.83 -4.76
C THR A 616 2.18 -23.84 -3.90
N PRO A 617 2.80 -23.31 -2.80
CA PRO A 617 2.15 -22.25 -2.02
C PRO A 617 1.82 -21.00 -2.85
N ILE A 618 2.74 -20.60 -3.78
CA ILE A 618 2.51 -19.48 -4.70
C ILE A 618 1.25 -19.75 -5.52
N ASP A 619 1.13 -20.97 -6.14
CA ASP A 619 -0.05 -21.36 -6.92
C ASP A 619 -1.33 -21.13 -6.13
N LEU A 620 -1.32 -21.53 -4.84
CA LEU A 620 -2.49 -21.41 -3.96
C LEU A 620 -2.86 -19.95 -3.60
N GLU A 621 -1.82 -19.13 -3.25
CA GLU A 621 -2.03 -17.74 -2.87
C GLU A 621 -2.57 -16.94 -4.01
N VAL A 622 -2.11 -17.26 -5.24
CA VAL A 622 -2.49 -16.65 -6.50
C VAL A 622 -3.89 -17.07 -6.90
N LEU A 623 -4.23 -18.34 -6.73
CA LEU A 623 -5.58 -18.76 -7.15
C LEU A 623 -6.67 -18.13 -6.22
N ALA A 624 -6.28 -17.82 -4.96
CA ALA A 624 -7.16 -17.20 -3.98
C ALA A 624 -7.20 -15.69 -4.20
N ASP A 625 -6.06 -15.15 -4.71
CA ASP A 625 -5.88 -13.71 -4.95
C ASP A 625 -4.96 -13.43 -6.14
N PRO A 626 -5.48 -13.41 -7.37
CA PRO A 626 -4.60 -13.18 -8.54
C PRO A 626 -4.00 -11.76 -8.66
N ASN A 627 -4.49 -10.82 -7.83
CA ASN A 627 -3.92 -9.49 -7.71
C ASN A 627 -2.44 -9.61 -7.24
N LYS A 628 -2.08 -10.69 -6.52
CA LYS A 628 -0.73 -10.97 -6.05
C LYS A 628 0.21 -11.20 -7.22
N LEU A 629 -0.36 -11.56 -8.37
CA LEU A 629 0.39 -11.82 -9.60
C LEU A 629 0.78 -10.50 -10.31
N GLN A 630 0.16 -9.39 -9.88
CA GLN A 630 0.32 -8.04 -10.39
C GLN A 630 1.22 -7.16 -9.52
N TYR A 631 1.62 -7.65 -8.35
CA TYR A 631 2.43 -6.83 -7.46
C TYR A 631 3.45 -7.64 -6.66
N LYS A 632 3.18 -8.90 -6.39
CA LYS A 632 4.06 -9.72 -5.55
C LYS A 632 4.88 -10.75 -6.38
N TRP A 633 4.23 -11.42 -7.33
CA TRP A 633 4.87 -12.43 -8.18
C TRP A 633 4.66 -12.13 -9.66
N THR A 634 5.19 -13.01 -10.50
CA THR A 634 5.03 -12.93 -11.94
C THR A 634 4.60 -14.31 -12.46
N GLU A 635 4.15 -14.34 -13.70
CA GLU A 635 3.71 -15.49 -14.48
C GLU A 635 4.65 -16.71 -14.36
N ALA A 636 5.96 -16.51 -14.45
CA ALA A 636 6.92 -17.59 -14.39
C ALA A 636 6.95 -18.29 -13.01
N ASP A 637 6.49 -17.62 -11.95
CA ASP A 637 6.49 -18.16 -10.59
C ASP A 637 5.35 -19.18 -10.35
N VAL A 638 4.44 -19.27 -11.32
CA VAL A 638 3.25 -20.09 -11.26
C VAL A 638 3.36 -21.30 -12.20
N SER A 639 2.99 -22.51 -11.67
CA SER A 639 2.92 -23.80 -12.37
C SER A 639 2.22 -23.65 -13.68
N ALA A 640 2.60 -24.48 -14.65
CA ALA A 640 2.09 -24.43 -16.02
C ALA A 640 0.58 -24.57 -16.13
N ASN A 641 0.07 -25.56 -15.43
CA ASN A 641 -1.34 -25.88 -15.42
C ASN A 641 -2.21 -24.81 -14.73
N ILE A 642 -1.65 -24.11 -13.75
CA ILE A 642 -2.34 -23.07 -13.01
C ILE A 642 -2.40 -21.79 -13.84
N HIS A 643 -1.34 -21.51 -14.58
CA HIS A 643 -1.24 -20.37 -15.45
C HIS A 643 -2.42 -20.31 -16.38
N GLU A 644 -2.74 -21.46 -16.99
CA GLU A 644 -3.84 -21.65 -17.94
C GLU A 644 -5.24 -21.42 -17.37
N VAL A 645 -5.40 -21.46 -16.05
CA VAL A 645 -6.67 -21.18 -15.34
C VAL A 645 -6.89 -19.63 -15.39
N LEU A 646 -5.83 -18.85 -15.25
CA LEU A 646 -5.93 -17.41 -15.13
C LEU A 646 -5.69 -16.61 -16.36
N MET A 647 -4.96 -17.19 -17.33
CA MET A 647 -4.58 -16.47 -18.53
C MET A 647 -4.87 -17.29 -19.74
N HIS A 648 -4.91 -16.59 -20.87
CA HIS A 648 -4.96 -17.18 -22.19
C HIS A 648 -4.07 -16.33 -23.13
N GLY A 649 -3.33 -16.97 -24.02
CA GLY A 649 -2.45 -16.25 -24.93
C GLY A 649 -2.73 -16.34 -26.42
N VAL A 650 -2.30 -15.30 -27.16
CA VAL A 650 -2.34 -15.20 -28.62
C VAL A 650 -1.08 -15.97 -29.01
N SER A 651 -1.10 -16.82 -30.08
CA SER A 651 0.08 -17.62 -30.49
C SER A 651 1.35 -16.82 -30.71
N VAL A 652 2.47 -17.45 -30.32
CA VAL A 652 3.81 -16.90 -30.48
C VAL A 652 4.14 -16.64 -31.97
N GLU A 653 3.43 -17.30 -32.91
CA GLU A 653 3.61 -17.11 -34.34
C GLU A 653 3.21 -15.72 -34.74
N LYS A 654 2.08 -15.25 -34.18
CA LYS A 654 1.53 -13.91 -34.44
C LYS A 654 2.43 -12.82 -33.80
N THR A 655 2.92 -13.10 -32.59
CA THR A 655 3.71 -12.13 -31.86
C THR A 655 5.08 -12.05 -32.44
N GLU A 656 5.66 -13.20 -32.81
CA GLU A 656 7.01 -13.33 -33.39
C GLU A 656 7.12 -12.43 -34.63
N ARG A 657 6.11 -12.48 -35.54
CA ARG A 657 6.03 -11.68 -36.74
C ARG A 657 5.98 -10.20 -36.33
N PHE A 658 5.19 -9.87 -35.27
CA PHE A 658 4.99 -8.51 -34.82
C PHE A 658 6.28 -7.97 -34.33
N LEU A 659 6.90 -8.73 -33.46
CA LEU A 659 8.16 -8.37 -32.80
C LEU A 659 9.28 -8.08 -33.74
N ARG A 660 9.36 -8.83 -34.83
CA ARG A 660 10.38 -8.70 -35.88
C ARG A 660 10.26 -7.31 -36.49
N SER A 661 9.02 -6.85 -36.73
CA SER A 661 8.74 -5.54 -37.33
C SER A 661 9.03 -4.33 -36.41
N VAL A 662 9.15 -4.55 -35.09
CA VAL A 662 9.35 -3.51 -34.10
C VAL A 662 10.85 -3.27 -33.82
N MET A 663 11.51 -4.38 -33.46
CA MET A 663 12.86 -4.47 -32.97
C MET A 663 13.95 -4.13 -33.93
N PRO A 664 15.13 -3.67 -33.41
CA PRO A 664 16.26 -3.34 -34.28
C PRO A 664 16.88 -4.56 -34.95
N ARG A 665 17.14 -4.41 -36.28
CA ARG A 665 17.76 -5.40 -37.21
C ARG A 665 17.45 -6.90 -36.97
N PRO B 2 -57.96 -22.66 30.11
CA PRO B 2 -58.91 -23.16 31.14
C PRO B 2 -58.18 -23.58 32.43
N ARG B 3 -56.84 -23.60 32.31
CA ARG B 3 -55.76 -23.88 33.23
C ARG B 3 -54.50 -23.95 32.34
N ARG B 4 -53.80 -22.83 32.25
CA ARG B 4 -52.61 -22.80 31.43
C ARG B 4 -51.53 -23.69 32.04
N ALA B 5 -50.55 -24.06 31.23
CA ALA B 5 -49.41 -24.88 31.60
C ALA B 5 -48.38 -24.01 32.26
N PRO B 6 -47.75 -24.50 33.37
CA PRO B 6 -46.67 -23.71 33.98
C PRO B 6 -45.45 -23.67 33.05
N ALA B 7 -44.84 -22.49 32.87
CA ALA B 7 -43.65 -22.33 32.04
C ALA B 7 -42.53 -21.69 32.83
N PHE B 8 -41.32 -22.22 32.74
CA PHE B 8 -40.20 -21.70 33.50
C PHE B 8 -39.06 -21.26 32.57
N PRO B 9 -38.35 -20.18 32.90
CA PRO B 9 -37.23 -19.76 32.06
C PRO B 9 -36.02 -20.65 32.34
N LEU B 10 -34.98 -20.57 31.46
CA LEU B 10 -33.77 -21.39 31.67
C LEU B 10 -33.15 -21.06 33.01
N SER B 11 -33.18 -19.77 33.36
CA SER B 11 -32.78 -19.19 34.63
C SER B 11 -33.32 -19.98 35.83
N ASP B 12 -34.57 -20.38 35.82
CA ASP B 12 -35.22 -21.10 36.91
C ASP B 12 -34.55 -22.44 37.18
N ILE B 13 -34.45 -22.78 38.45
CA ILE B 13 -33.93 -24.04 38.95
C ILE B 13 -34.58 -25.25 38.29
N LYS B 14 -35.90 -25.21 38.04
CA LYS B 14 -36.60 -26.36 37.38
C LYS B 14 -36.02 -26.69 35.98
N ALA B 15 -35.62 -25.64 35.23
CA ALA B 15 -35.05 -25.77 33.91
C ALA B 15 -33.60 -26.18 34.08
N GLN B 16 -32.95 -25.56 35.03
CA GLN B 16 -31.58 -25.81 35.35
C GLN B 16 -31.33 -27.27 35.68
N MET B 17 -32.21 -27.86 36.45
CA MET B 17 -32.09 -29.22 36.87
C MET B 17 -32.15 -30.22 35.73
N LEU B 18 -32.55 -29.75 34.53
CA LEU B 18 -32.64 -30.60 33.33
C LEU B 18 -31.30 -30.86 32.61
N PHE B 19 -30.28 -30.09 32.98
CA PHE B 19 -28.97 -30.13 32.34
C PHE B 19 -27.92 -30.39 33.35
N ALA B 20 -27.22 -31.52 33.09
CA ALA B 20 -26.09 -31.98 33.88
C ALA B 20 -24.92 -30.96 33.90
N ASN B 21 -24.13 -31.00 34.99
CA ASN B 21 -23.00 -30.09 35.17
C ASN B 21 -21.78 -30.54 34.28
N ASN B 22 -22.00 -30.43 32.98
CA ASN B 22 -21.05 -30.74 31.96
C ASN B 22 -21.32 -29.85 30.76
N ILE B 23 -20.30 -29.70 29.93
CA ILE B 23 -20.35 -28.84 28.79
C ILE B 23 -21.39 -29.18 27.74
N LYS B 24 -21.44 -30.42 27.22
CA LYS B 24 -22.45 -30.73 26.18
C LYS B 24 -23.88 -30.28 26.59
N ALA B 25 -24.26 -30.67 27.87
CA ALA B 25 -25.57 -30.44 28.49
C ALA B 25 -25.80 -28.97 28.65
N GLN B 26 -24.79 -28.26 29.15
CA GLN B 26 -24.96 -26.83 29.33
C GLN B 26 -25.17 -26.12 28.00
N GLN B 27 -24.36 -26.48 26.95
CA GLN B 27 -24.43 -25.96 25.57
C GLN B 27 -25.83 -26.20 24.96
N ALA B 28 -26.43 -27.39 25.27
CA ALA B 28 -27.73 -27.75 24.77
C ALA B 28 -28.81 -26.84 25.32
N SER B 29 -28.73 -26.54 26.62
CA SER B 29 -29.67 -25.67 27.33
C SER B 29 -29.71 -24.28 26.68
N LYS B 30 -28.51 -23.72 26.38
CA LYS B 30 -28.25 -22.41 25.82
C LYS B 30 -28.32 -22.29 24.31
N ARG B 31 -28.16 -23.40 23.52
CA ARG B 31 -28.20 -23.42 22.03
C ARG B 31 -29.17 -22.41 21.42
N SER B 32 -28.59 -21.46 20.68
CA SER B 32 -29.26 -20.31 20.05
C SER B 32 -29.84 -20.68 18.73
N PHE B 33 -30.77 -19.88 18.19
CA PHE B 33 -31.38 -20.16 16.86
C PHE B 33 -30.23 -20.12 15.86
N LYS B 34 -30.07 -21.16 15.01
CA LYS B 34 -29.00 -21.21 14.01
C LYS B 34 -29.60 -21.46 12.60
N GLU B 35 -28.98 -20.89 11.53
CA GLU B 35 -29.42 -21.07 10.13
C GLU B 35 -28.28 -20.87 9.19
N GLY B 36 -28.35 -21.47 8.00
CA GLY B 36 -27.29 -21.41 7.01
C GLY B 36 -27.33 -22.56 6.03
N ALA B 37 -26.83 -22.32 4.79
CA ALA B 37 -26.88 -23.29 3.68
C ALA B 37 -26.30 -24.60 3.98
N ILE B 38 -27.02 -25.68 3.60
CA ILE B 38 -26.53 -27.05 3.77
C ILE B 38 -25.53 -27.45 2.67
N GLU B 39 -24.63 -28.36 3.00
CA GLU B 39 -23.75 -28.85 1.98
C GLU B 39 -24.53 -30.02 1.37
N THR B 40 -25.34 -29.70 0.35
CA THR B 40 -26.15 -30.67 -0.39
C THR B 40 -25.35 -31.94 -0.72
N TYR B 41 -24.18 -31.76 -1.38
CA TYR B 41 -23.19 -32.78 -1.68
C TYR B 41 -21.91 -32.16 -1.30
N GLU B 42 -20.85 -33.00 -1.10
CA GLU B 42 -19.55 -32.51 -0.72
C GLU B 42 -19.08 -31.47 -1.73
N GLY B 43 -18.84 -30.30 -1.21
CA GLY B 43 -18.37 -29.23 -2.05
C GLY B 43 -19.42 -28.42 -2.75
N LEU B 44 -20.71 -28.76 -2.57
CA LEU B 44 -21.81 -28.02 -3.17
C LEU B 44 -22.80 -27.52 -2.16
N LEU B 45 -23.02 -26.17 -2.10
CA LEU B 45 -24.04 -25.60 -1.18
C LEU B 45 -25.42 -25.54 -1.78
N SER B 46 -26.43 -25.66 -0.94
CA SER B 46 -27.83 -25.62 -1.38
C SER B 46 -28.17 -24.32 -2.08
N VAL B 47 -27.44 -23.24 -1.73
CA VAL B 47 -27.68 -21.89 -2.28
C VAL B 47 -26.76 -21.51 -3.45
N ASP B 48 -25.93 -22.49 -3.93
CA ASP B 48 -25.02 -22.34 -5.07
C ASP B 48 -25.88 -21.87 -6.25
N PRO B 49 -25.47 -20.78 -6.93
CA PRO B 49 -26.29 -20.22 -8.00
C PRO B 49 -26.58 -21.19 -9.12
N ARG B 50 -25.60 -22.06 -9.44
CA ARG B 50 -25.73 -23.04 -10.53
C ARG B 50 -26.78 -24.05 -10.13
N PHE B 51 -26.74 -24.47 -8.85
CA PHE B 51 -27.69 -25.43 -8.29
C PHE B 51 -29.09 -24.87 -8.28
N LEU B 52 -29.21 -23.60 -7.88
CA LEU B 52 -30.48 -22.93 -7.85
C LEU B 52 -31.05 -22.76 -9.25
N SER B 53 -30.17 -22.36 -10.22
CA SER B 53 -30.52 -22.26 -11.66
C SER B 53 -31.10 -23.61 -12.22
N PHE B 54 -30.38 -24.72 -11.87
CA PHE B 54 -30.71 -26.09 -12.19
C PHE B 54 -32.12 -26.39 -11.64
N LYS B 55 -32.35 -26.06 -10.37
CA LYS B 55 -33.63 -26.29 -9.73
C LYS B 55 -34.76 -25.53 -10.44
N ASN B 56 -34.48 -24.28 -10.79
CA ASN B 56 -35.47 -23.49 -11.47
C ASN B 56 -35.87 -24.13 -12.84
N GLU B 57 -34.85 -24.46 -13.66
CA GLU B 57 -35.06 -25.10 -14.97
C GLU B 57 -35.72 -26.48 -14.84
N LEU B 58 -35.18 -27.34 -13.95
CA LEU B 58 -35.74 -28.68 -13.79
C LEU B 58 -37.18 -28.76 -13.29
N SER B 59 -37.52 -27.99 -12.21
CA SER B 59 -38.88 -27.96 -11.63
C SER B 59 -39.93 -27.48 -12.64
N ARG B 60 -39.58 -26.44 -13.41
CA ARG B 60 -40.43 -25.86 -14.43
C ARG B 60 -40.63 -26.85 -15.55
N TYR B 61 -39.54 -27.40 -16.11
CA TYR B 61 -39.65 -28.35 -17.21
C TYR B 61 -40.50 -29.61 -16.88
N LEU B 62 -40.23 -30.21 -15.72
CA LEU B 62 -40.91 -31.44 -15.35
C LEU B 62 -42.39 -31.21 -15.09
N THR B 63 -42.75 -30.08 -14.44
CA THR B 63 -44.17 -29.77 -14.20
C THR B 63 -44.84 -29.59 -15.56
N ASP B 64 -44.24 -28.82 -16.46
CA ASP B 64 -44.70 -28.55 -17.82
C ASP B 64 -45.02 -29.85 -18.61
N HIS B 65 -44.00 -30.74 -18.72
CA HIS B 65 -44.12 -31.97 -19.52
C HIS B 65 -44.76 -33.13 -18.87
N PHE B 66 -44.76 -33.16 -17.56
CA PHE B 66 -45.35 -34.27 -16.86
C PHE B 66 -46.36 -33.78 -15.85
N PRO B 67 -47.51 -33.32 -16.36
CA PRO B 67 -48.53 -32.81 -15.44
C PRO B 67 -49.14 -33.98 -14.68
N ALA B 68 -49.60 -33.72 -13.46
CA ALA B 68 -50.19 -34.74 -12.60
C ALA B 68 -51.28 -35.53 -13.31
N ASN B 69 -51.26 -36.86 -13.13
CA ASN B 69 -52.28 -37.77 -13.68
C ASN B 69 -52.98 -38.41 -12.52
N VAL B 70 -53.89 -37.66 -11.89
CA VAL B 70 -54.67 -38.14 -10.73
C VAL B 70 -56.17 -37.96 -10.99
N ASP B 71 -56.93 -39.07 -11.06
CA ASP B 71 -58.35 -38.99 -11.33
C ASP B 71 -59.21 -38.36 -10.18
N GLU B 72 -60.54 -38.25 -10.41
CA GLU B 72 -61.54 -37.65 -9.52
C GLU B 72 -61.55 -38.31 -8.17
N TYR B 73 -61.01 -39.56 -8.12
CA TYR B 73 -60.95 -40.46 -6.98
C TYR B 73 -59.58 -40.56 -6.38
N GLY B 74 -58.75 -39.57 -6.71
CA GLY B 74 -57.40 -39.53 -6.18
C GLY B 74 -56.58 -40.72 -6.60
N ARG B 75 -56.96 -41.33 -7.72
CA ARG B 75 -56.26 -42.47 -8.29
C ARG B 75 -55.21 -42.00 -9.27
N VAL B 76 -53.99 -42.50 -9.08
CA VAL B 76 -52.96 -42.16 -10.02
C VAL B 76 -53.13 -43.07 -11.26
N TYR B 77 -52.73 -42.57 -12.38
CA TYR B 77 -52.71 -43.30 -13.63
C TYR B 77 -51.59 -42.71 -14.50
N GLY B 78 -51.49 -43.20 -15.75
CA GLY B 78 -50.57 -42.72 -16.77
C GLY B 78 -49.15 -42.58 -16.32
N ASN B 79 -48.65 -41.32 -16.28
CA ASN B 79 -47.27 -40.99 -15.97
C ASN B 79 -46.80 -41.24 -14.55
N GLY B 80 -47.74 -41.45 -13.62
CA GLY B 80 -47.44 -41.65 -12.20
C GLY B 80 -46.99 -40.37 -11.50
N VAL B 81 -47.57 -39.22 -11.87
CA VAL B 81 -47.20 -37.94 -11.27
C VAL B 81 -48.41 -37.44 -10.50
N ARG B 82 -48.21 -36.97 -9.23
CA ARG B 82 -49.31 -36.43 -8.41
C ARG B 82 -49.33 -34.94 -8.17
N THR B 83 -48.20 -34.24 -8.38
CA THR B 83 -48.14 -32.77 -8.30
C THR B 83 -47.13 -32.16 -9.27
N ASN B 84 -46.91 -30.87 -9.03
CA ASN B 84 -45.94 -30.04 -9.66
C ASN B 84 -44.61 -30.40 -8.94
N PHE B 85 -43.51 -30.03 -9.60
CA PHE B 85 -42.17 -30.34 -9.19
C PHE B 85 -41.61 -29.22 -8.43
N PHE B 86 -42.46 -28.22 -8.07
CA PHE B 86 -42.01 -26.98 -7.41
C PHE B 86 -41.60 -27.09 -5.97
N GLY B 87 -41.86 -28.22 -5.33
CA GLY B 87 -41.49 -28.43 -3.94
C GLY B 87 -40.00 -28.40 -3.68
N MET B 88 -39.19 -28.51 -4.75
CA MET B 88 -37.75 -28.50 -4.68
C MET B 88 -37.22 -27.08 -4.51
N ARG B 89 -38.06 -26.09 -4.82
CA ARG B 89 -37.70 -24.68 -4.79
C ARG B 89 -37.57 -24.03 -3.41
N HIS B 90 -36.62 -24.51 -2.59
CA HIS B 90 -36.33 -24.00 -1.24
C HIS B 90 -34.87 -23.71 -0.99
N MET B 91 -34.61 -22.79 -0.07
CA MET B 91 -33.25 -22.39 0.29
C MET B 91 -32.87 -23.27 1.45
N ASN B 92 -32.47 -24.52 1.11
CA ASN B 92 -32.18 -25.55 2.12
C ASN B 92 -31.16 -25.11 3.18
N GLY B 93 -31.56 -25.19 4.45
CA GLY B 93 -30.72 -24.80 5.57
C GLY B 93 -31.20 -23.54 6.21
N PHE B 94 -32.11 -22.82 5.50
CA PHE B 94 -32.75 -21.59 5.96
C PHE B 94 -34.21 -21.88 6.29
N PRO B 95 -34.60 -21.78 7.60
CA PRO B 95 -35.97 -22.12 8.00
C PRO B 95 -36.98 -21.02 7.84
N MET B 96 -38.24 -21.41 7.79
CA MET B 96 -39.36 -20.49 7.85
C MET B 96 -39.26 -19.90 9.30
N ILE B 97 -39.73 -18.65 9.48
CA ILE B 97 -39.66 -18.04 10.80
C ILE B 97 -41.03 -17.54 11.21
N PRO B 98 -41.49 -17.83 12.45
CA PRO B 98 -40.84 -18.67 13.47
C PRO B 98 -41.30 -20.12 13.32
N ALA B 99 -40.70 -20.99 14.11
CA ALA B 99 -41.14 -22.37 14.25
C ALA B 99 -42.26 -22.37 15.34
N THR B 100 -43.08 -23.39 15.34
CA THR B 100 -44.14 -23.41 16.31
C THR B 100 -43.68 -23.73 17.75
N TRP B 101 -44.41 -23.15 18.68
CA TRP B 101 -44.27 -23.53 20.06
C TRP B 101 -45.17 -24.78 20.19
N PRO B 102 -44.65 -25.88 20.78
CA PRO B 102 -45.49 -27.07 20.94
C PRO B 102 -46.68 -26.81 21.85
N LEU B 103 -47.86 -27.29 21.46
CA LEU B 103 -49.02 -27.15 22.33
C LEU B 103 -48.84 -28.07 23.51
N ALA B 104 -48.89 -27.46 24.71
CA ALA B 104 -48.81 -28.13 26.00
C ALA B 104 -50.07 -29.01 26.25
N SER B 105 -51.23 -28.69 25.63
CA SER B 105 -52.42 -29.53 25.72
C SER B 105 -53.26 -29.44 24.47
N ASN B 106 -53.59 -30.61 23.91
CA ASN B 106 -54.36 -30.75 22.68
C ASN B 106 -55.85 -30.90 22.97
N LEU B 107 -56.24 -30.73 24.23
CA LEU B 107 -57.61 -31.01 24.61
C LEU B 107 -58.63 -30.16 23.93
N LYS B 108 -58.45 -28.82 24.00
CA LYS B 108 -59.34 -27.87 23.33
C LYS B 108 -59.30 -28.15 21.84
N LYS B 109 -58.06 -28.09 21.23
CA LYS B 109 -57.89 -28.37 19.81
C LYS B 109 -58.71 -29.58 19.30
N ARG B 110 -58.60 -30.74 20.01
CA ARG B 110 -59.32 -31.99 19.67
C ARG B 110 -60.82 -31.79 19.70
N ALA B 111 -61.28 -31.25 20.85
CA ALA B 111 -62.66 -30.99 21.16
C ALA B 111 -63.28 -30.08 20.11
N ASP B 112 -62.63 -28.90 19.82
CA ASP B 112 -63.07 -27.96 18.79
C ASP B 112 -63.12 -28.59 17.41
N ALA B 113 -62.28 -29.59 17.10
CA ALA B 113 -62.31 -30.30 15.83
C ALA B 113 -63.40 -31.38 15.85
N ASP B 114 -64.20 -31.40 16.91
CA ASP B 114 -65.29 -32.35 17.09
C ASP B 114 -64.77 -33.81 17.06
N LEU B 115 -63.70 -34.02 17.83
CA LEU B 115 -63.11 -35.32 17.97
C LEU B 115 -63.32 -35.84 19.43
N ALA B 116 -63.74 -37.13 19.50
CA ALA B 116 -64.09 -37.89 20.71
C ALA B 116 -63.06 -37.77 21.85
N ASP B 117 -63.55 -37.62 23.10
CA ASP B 117 -62.67 -37.57 24.27
C ASP B 117 -62.53 -38.94 25.00
N GLY B 118 -62.85 -40.00 24.27
CA GLY B 118 -62.81 -41.38 24.73
C GLY B 118 -63.49 -42.27 23.71
N PRO B 119 -63.39 -43.63 23.84
CA PRO B 119 -64.09 -44.52 22.86
C PRO B 119 -65.57 -44.15 22.82
N VAL B 120 -66.19 -44.21 21.66
CA VAL B 120 -67.58 -43.79 21.51
C VAL B 120 -68.51 -44.92 21.97
N SER B 121 -68.26 -46.10 21.43
CA SER B 121 -69.07 -47.25 21.72
C SER B 121 -68.20 -48.23 22.48
N GLU B 122 -68.91 -49.25 23.12
CA GLU B 122 -68.23 -50.29 23.85
C GLU B 122 -67.39 -51.09 22.88
N ARG B 123 -67.93 -51.33 21.64
CA ARG B 123 -67.19 -52.05 20.60
C ARG B 123 -65.80 -51.43 20.43
N ASP B 124 -65.74 -50.08 20.24
CA ASP B 124 -64.52 -49.33 20.05
C ASP B 124 -63.62 -49.52 21.25
N ASN B 125 -64.20 -49.49 22.48
CA ASN B 125 -63.46 -49.70 23.74
C ASN B 125 -62.84 -51.09 23.75
N LEU B 126 -63.59 -52.09 23.32
CA LEU B 126 -63.11 -53.47 23.22
C LEU B 126 -61.99 -53.57 22.18
N LEU B 127 -62.22 -53.00 20.99
CA LEU B 127 -61.25 -53.00 19.90
C LEU B 127 -59.89 -52.35 20.25
N PHE B 128 -59.93 -51.19 20.90
CA PHE B 128 -58.70 -50.52 21.30
C PHE B 128 -58.01 -51.36 22.32
N ARG B 129 -58.76 -51.90 23.31
CA ARG B 129 -58.23 -52.82 24.33
C ARG B 129 -57.66 -54.13 23.69
N ALA B 130 -58.38 -54.67 22.62
CA ALA B 130 -57.98 -55.86 21.86
C ALA B 130 -56.56 -55.65 21.26
N ALA B 131 -56.34 -54.57 20.45
CA ALA B 131 -55.01 -54.14 19.92
C ALA B 131 -53.93 -54.17 20.99
N VAL B 132 -54.24 -53.66 22.22
CA VAL B 132 -53.30 -53.66 23.34
C VAL B 132 -52.94 -55.12 23.69
N ARG B 133 -54.00 -55.96 23.82
CA ARG B 133 -53.90 -57.37 24.19
C ARG B 133 -53.10 -58.11 23.14
N LEU B 134 -53.37 -57.86 21.85
CA LEU B 134 -52.63 -58.51 20.77
C LEU B 134 -51.22 -58.01 20.62
N MET B 135 -50.98 -56.71 20.74
CA MET B 135 -49.64 -56.14 20.59
C MET B 135 -48.71 -56.49 21.72
N PHE B 136 -49.19 -56.49 22.97
CA PHE B 136 -48.34 -56.67 24.15
C PHE B 136 -48.31 -58.05 24.77
N SER B 137 -48.89 -59.05 24.10
CA SER B 137 -48.97 -60.36 24.72
C SER B 137 -47.78 -61.34 24.78
N ASP B 138 -47.51 -62.09 23.70
CA ASP B 138 -46.49 -63.13 23.83
C ASP B 138 -45.14 -62.73 23.35
N LEU B 139 -44.49 -61.80 24.11
CA LEU B 139 -43.22 -61.14 23.74
C LEU B 139 -41.94 -61.90 23.91
N GLU B 140 -41.06 -61.80 22.92
CA GLU B 140 -39.77 -62.44 22.97
C GLU B 140 -38.66 -61.39 23.21
N PRO B 141 -37.81 -61.58 24.26
CA PRO B 141 -36.73 -60.60 24.53
C PRO B 141 -35.69 -60.52 23.43
N VAL B 142 -35.34 -59.30 23.09
CA VAL B 142 -34.30 -58.99 22.11
C VAL B 142 -33.29 -57.98 22.66
N PRO B 143 -32.03 -57.98 22.17
CA PRO B 143 -31.10 -56.95 22.65
C PRO B 143 -31.65 -55.54 22.41
N LEU B 144 -31.36 -54.65 23.36
CA LEU B 144 -31.73 -53.25 23.28
C LEU B 144 -30.73 -52.57 22.31
N LYS B 145 -31.19 -52.26 21.08
CA LYS B 145 -30.31 -51.65 20.07
C LYS B 145 -30.38 -50.15 20.17
N ILE B 146 -29.20 -49.51 20.09
CA ILE B 146 -28.94 -48.06 20.19
C ILE B 146 -28.29 -47.51 18.89
N ARG B 147 -28.89 -46.47 18.29
CA ARG B 147 -28.34 -45.84 17.10
C ARG B 147 -27.08 -45.12 17.47
N LYS B 148 -26.05 -45.31 16.66
CA LYS B 148 -24.75 -44.66 16.85
C LYS B 148 -24.92 -43.15 16.62
N GLY B 149 -24.21 -42.37 17.44
CA GLY B 149 -24.26 -40.93 17.33
C GLY B 149 -25.47 -40.25 17.94
N SER B 150 -26.58 -40.99 18.28
CA SER B 150 -27.80 -40.48 18.97
C SER B 150 -27.41 -39.79 20.33
N SER B 151 -28.27 -38.90 20.87
CA SER B 151 -27.97 -38.25 22.14
C SER B 151 -28.77 -38.85 23.26
N THR B 152 -28.24 -38.75 24.53
CA THR B 152 -28.98 -39.21 25.70
C THR B 152 -30.00 -38.18 26.09
N CYS B 153 -29.72 -36.92 25.68
CA CYS B 153 -30.55 -35.77 25.99
C CYS B 153 -30.64 -35.61 27.48
N ILE B 154 -31.78 -35.19 28.01
CA ILE B 154 -31.89 -34.92 29.43
C ILE B 154 -31.49 -36.08 30.45
N PRO B 155 -30.47 -35.79 31.34
CA PRO B 155 -29.77 -34.51 31.55
C PRO B 155 -28.34 -34.41 31.02
N TYR B 156 -27.75 -35.53 30.50
CA TYR B 156 -26.34 -35.65 30.11
C TYR B 156 -25.93 -35.27 28.73
N PHE B 157 -26.83 -35.36 27.80
CA PHE B 157 -26.59 -35.02 26.41
C PHE B 157 -25.35 -35.72 25.84
N SER B 158 -25.16 -37.01 26.17
CA SER B 158 -24.05 -37.78 25.69
C SER B 158 -24.30 -38.39 24.33
N ASN B 159 -23.27 -38.52 23.50
CA ASN B 159 -23.31 -39.12 22.16
C ASN B 159 -22.38 -40.37 22.10
N ASP B 160 -21.60 -40.57 23.20
CA ASP B 160 -20.73 -41.73 23.37
C ASP B 160 -21.50 -43.01 23.66
N MET B 161 -21.28 -44.03 22.80
CA MET B 161 -21.91 -45.32 22.93
C MET B 161 -21.61 -46.03 24.23
N GLY B 162 -20.41 -45.85 24.70
CA GLY B 162 -20.01 -46.47 25.97
C GLY B 162 -20.89 -46.03 27.08
N THR B 163 -21.03 -44.68 27.18
CA THR B 163 -21.84 -43.94 28.14
C THR B 163 -23.30 -44.36 27.98
N LYS B 164 -23.75 -44.39 26.71
CA LYS B 164 -25.11 -44.77 26.37
C LYS B 164 -25.45 -46.16 26.87
N ILE B 165 -24.55 -47.14 26.67
CA ILE B 165 -24.77 -48.52 27.12
C ILE B 165 -24.87 -48.56 28.65
N GLU B 166 -23.91 -47.87 29.36
CA GLU B 166 -23.87 -47.72 30.83
C GLU B 166 -25.24 -47.25 31.31
N ILE B 167 -25.69 -46.10 30.76
CA ILE B 167 -27.00 -45.46 31.06
C ILE B 167 -28.18 -46.46 30.97
N ALA B 168 -28.23 -47.16 29.80
CA ALA B 168 -29.27 -48.13 29.42
C ALA B 168 -29.29 -49.33 30.34
N GLU B 169 -28.08 -49.92 30.59
CA GLU B 169 -27.95 -51.08 31.47
C GLU B 169 -28.48 -50.73 32.87
N ARG B 170 -27.93 -49.63 33.42
CA ARG B 170 -28.28 -49.08 34.73
C ARG B 170 -29.79 -48.78 34.82
N ALA B 171 -30.34 -48.17 33.76
CA ALA B 171 -31.74 -47.82 33.71
C ALA B 171 -32.59 -49.05 33.82
N LEU B 172 -32.12 -50.16 33.19
CA LEU B 172 -32.86 -51.40 33.22
C LEU B 172 -32.84 -52.04 34.61
N GLU B 173 -31.73 -51.80 35.32
CA GLU B 173 -31.56 -52.26 36.70
C GLU B 173 -32.44 -51.47 37.66
N LYS B 174 -32.48 -50.14 37.53
CA LYS B 174 -33.24 -49.25 38.45
C LYS B 174 -34.64 -48.76 38.03
N ALA B 175 -35.16 -49.23 36.88
CA ALA B 175 -36.48 -48.86 36.36
C ALA B 175 -37.58 -49.12 37.39
N GLU B 176 -37.52 -50.27 38.07
CA GLU B 176 -38.52 -50.65 39.06
C GLU B 176 -38.60 -49.64 40.19
N GLU B 177 -37.44 -49.33 40.72
CA GLU B 177 -37.30 -48.45 41.87
C GLU B 177 -37.93 -47.11 41.59
N ALA B 178 -37.59 -46.56 40.36
CA ALA B 178 -38.02 -45.31 39.77
C ALA B 178 -39.56 -45.35 39.50
N GLY B 179 -40.03 -46.39 38.81
CA GLY B 179 -41.45 -46.58 38.56
C GLY B 179 -42.21 -46.40 39.84
N ASN B 180 -41.72 -47.11 40.89
CA ASN B 180 -42.32 -47.15 42.21
C ASN B 180 -42.39 -45.81 42.88
N LEU B 181 -41.31 -45.04 42.79
CA LEU B 181 -41.28 -43.68 43.36
C LEU B 181 -42.35 -42.80 42.71
N MET B 182 -42.47 -42.91 41.37
CA MET B 182 -43.43 -42.17 40.59
C MET B 182 -44.82 -42.60 41.09
N LEU B 183 -45.01 -43.92 41.39
CA LEU B 183 -46.33 -44.41 41.86
C LEU B 183 -46.70 -43.69 43.13
N GLN B 184 -45.73 -43.44 44.01
CA GLN B 184 -45.88 -42.71 45.27
C GLN B 184 -45.91 -41.17 45.04
N GLY B 185 -45.99 -40.76 43.78
CA GLY B 185 -46.05 -39.36 43.39
C GLY B 185 -44.77 -38.59 43.58
N LYS B 186 -43.62 -39.31 43.84
CA LYS B 186 -42.26 -38.76 44.09
C LYS B 186 -41.45 -38.63 42.79
N PHE B 187 -41.92 -37.75 41.88
CA PHE B 187 -41.32 -37.57 40.56
C PHE B 187 -39.90 -37.06 40.50
N ASP B 188 -39.65 -36.06 41.36
CA ASP B 188 -38.36 -35.43 41.42
C ASP B 188 -37.37 -36.41 41.94
N ASP B 189 -37.82 -37.30 42.84
CA ASP B 189 -36.94 -38.32 43.40
C ASP B 189 -36.52 -39.31 42.33
N ALA B 190 -37.50 -39.76 41.50
CA ALA B 190 -37.23 -40.71 40.43
C ALA B 190 -36.23 -40.08 39.46
N TYR B 191 -36.39 -38.77 39.14
CA TYR B 191 -35.50 -38.03 38.24
C TYR B 191 -34.14 -37.81 38.83
N GLN B 192 -34.10 -37.43 40.10
CA GLN B 192 -32.82 -37.16 40.76
C GLN B 192 -31.98 -38.37 40.89
N LEU B 193 -32.59 -39.48 41.31
CA LEU B 193 -31.91 -40.75 41.49
C LEU B 193 -31.63 -41.48 40.20
N HIS B 194 -32.62 -41.50 39.31
CA HIS B 194 -32.49 -42.32 38.13
C HIS B 194 -32.62 -41.65 36.79
N GLN B 195 -32.71 -40.31 36.77
CA GLN B 195 -32.82 -39.46 35.56
C GLN B 195 -34.01 -39.87 34.71
N MET B 196 -35.07 -40.38 35.38
CA MET B 196 -36.27 -40.82 34.73
C MET B 196 -37.33 -39.78 35.05
N GLY B 197 -37.49 -38.90 34.06
CA GLY B 197 -38.38 -37.78 34.11
C GLY B 197 -37.71 -36.59 33.45
N GLY B 198 -37.96 -35.41 34.00
CA GLY B 198 -37.41 -34.16 33.48
C GLY B 198 -38.35 -33.64 32.40
N ALA B 199 -37.89 -33.72 31.16
CA ALA B 199 -38.61 -33.22 30.01
C ALA B 199 -38.06 -33.80 28.69
N TYR B 200 -38.82 -33.51 27.62
CA TYR B 200 -38.41 -33.77 26.26
C TYR B 200 -37.61 -32.57 25.87
N TYR B 201 -36.62 -32.74 25.02
CA TYR B 201 -35.81 -31.64 24.52
C TYR B 201 -36.24 -31.31 23.07
N VAL B 202 -36.85 -30.12 22.90
CA VAL B 202 -37.39 -29.70 21.63
C VAL B 202 -36.37 -29.12 20.71
N VAL B 203 -36.23 -29.77 19.54
CA VAL B 203 -35.33 -29.40 18.44
C VAL B 203 -36.20 -29.26 17.20
N TYR B 204 -35.81 -28.43 16.25
CA TYR B 204 -36.59 -28.21 15.02
C TYR B 204 -35.80 -28.74 13.82
N ARG B 205 -36.28 -29.83 13.20
CA ARG B 205 -35.60 -30.45 12.06
C ARG B 205 -36.29 -29.90 10.81
N ALA B 206 -35.73 -30.03 9.59
CA ALA B 206 -36.48 -29.44 8.47
C ALA B 206 -37.16 -30.33 7.44
N GLN B 207 -38.31 -29.91 6.96
CA GLN B 207 -39.01 -30.59 5.88
C GLN B 207 -38.62 -29.83 4.58
N SER B 208 -37.58 -30.37 3.97
CA SER B 208 -36.85 -29.83 2.82
C SER B 208 -37.63 -29.54 1.56
N THR B 209 -38.79 -30.20 1.43
CA THR B 209 -39.72 -30.02 0.32
C THR B 209 -41.07 -29.92 0.92
N ASP B 210 -41.80 -28.88 0.54
CA ASP B 210 -43.17 -28.64 0.95
C ASP B 210 -43.84 -27.92 -0.21
N ALA B 211 -45.21 -28.01 -0.28
CA ALA B 211 -46.07 -27.43 -1.32
C ALA B 211 -45.74 -26.05 -1.80
N ILE B 212 -45.65 -25.89 -3.14
CA ILE B 212 -45.41 -24.63 -3.85
C ILE B 212 -46.16 -24.75 -5.11
N THR B 213 -46.93 -23.72 -5.49
CA THR B 213 -47.75 -23.70 -6.73
C THR B 213 -47.44 -22.46 -7.56
N LEU B 214 -47.72 -22.50 -8.88
CA LEU B 214 -47.45 -21.34 -9.72
C LEU B 214 -48.75 -20.74 -10.10
N ASP B 215 -49.00 -19.48 -9.68
CA ASP B 215 -50.28 -18.81 -9.98
C ASP B 215 -50.30 -18.42 -11.46
N PRO B 216 -51.22 -19.00 -12.26
CA PRO B 216 -51.26 -18.66 -13.70
C PRO B 216 -51.61 -17.21 -13.99
N LYS B 217 -52.43 -16.57 -13.12
CA LYS B 217 -52.85 -15.17 -13.22
C LYS B 217 -51.61 -14.27 -13.11
N THR B 218 -50.83 -14.46 -12.05
CA THR B 218 -49.70 -13.59 -11.78
C THR B 218 -48.34 -14.07 -12.31
N GLY B 219 -48.19 -15.38 -12.55
CA GLY B 219 -46.92 -15.95 -12.96
C GLY B 219 -45.96 -15.99 -11.79
N LYS B 220 -46.51 -15.79 -10.56
CA LYS B 220 -45.81 -15.77 -9.27
C LYS B 220 -46.01 -17.05 -8.47
N PHE B 221 -44.92 -17.50 -7.80
CA PHE B 221 -44.96 -18.75 -7.04
C PHE B 221 -45.55 -18.52 -5.69
N VAL B 222 -46.32 -19.51 -5.17
CA VAL B 222 -46.91 -19.43 -3.86
C VAL B 222 -46.58 -20.62 -2.98
N SER B 223 -45.91 -20.34 -1.84
CA SER B 223 -45.61 -21.35 -0.83
C SER B 223 -46.82 -21.60 0.08
N LYS B 224 -47.07 -22.89 0.42
CA LYS B 224 -48.13 -23.34 1.32
C LYS B 224 -47.95 -22.70 2.67
N ASP B 225 -49.01 -22.04 3.18
CA ASP B 225 -48.92 -21.40 4.50
C ASP B 225 -48.92 -22.45 5.59
N ARG B 226 -47.92 -22.33 6.52
CA ARG B 226 -47.81 -23.29 7.61
C ARG B 226 -48.08 -22.53 8.91
N MET B 227 -49.17 -22.93 9.61
CA MET B 227 -49.61 -22.26 10.85
C MET B 227 -48.76 -22.56 12.05
N VAL B 228 -48.40 -21.53 12.77
CA VAL B 228 -47.56 -21.73 13.95
C VAL B 228 -48.17 -21.10 15.17
N ALA B 229 -47.98 -21.72 16.33
CA ALA B 229 -48.52 -21.20 17.57
C ALA B 229 -47.46 -20.40 18.20
N ASP B 230 -47.92 -19.26 18.80
CA ASP B 230 -47.05 -18.42 19.59
C ASP B 230 -46.94 -18.99 21.02
N PHE B 231 -46.00 -18.46 21.85
CA PHE B 231 -45.87 -18.99 23.19
C PHE B 231 -47.22 -19.02 23.99
N GLU B 232 -47.94 -17.88 23.97
CA GLU B 232 -49.22 -17.80 24.67
C GLU B 232 -50.18 -18.88 24.24
N TYR B 233 -50.35 -19.06 22.95
CA TYR B 233 -51.25 -20.06 22.39
C TYR B 233 -50.83 -21.50 22.85
N ALA B 234 -49.53 -21.81 22.82
CA ALA B 234 -49.00 -23.11 23.19
C ALA B 234 -49.36 -23.54 24.63
N VAL B 235 -49.11 -22.64 25.64
CA VAL B 235 -49.34 -22.84 27.09
C VAL B 235 -50.84 -22.84 27.43
N THR B 236 -51.57 -21.97 26.79
CA THR B 236 -53.00 -21.86 26.98
C THR B 236 -53.78 -22.90 26.11
N GLY B 237 -53.04 -23.75 25.42
CA GLY B 237 -53.63 -24.77 24.57
C GLY B 237 -54.65 -24.29 23.55
N GLY B 238 -54.47 -23.05 23.09
CA GLY B 238 -55.32 -22.49 22.06
C GLY B 238 -56.19 -21.36 22.52
N GLU B 239 -56.58 -21.45 23.83
CA GLU B 239 -57.39 -20.48 24.62
C GLU B 239 -56.97 -19.00 24.36
N GLN B 240 -55.78 -18.64 24.78
CA GLN B 240 -55.29 -17.33 24.51
C GLN B 240 -54.20 -17.45 23.41
N GLY B 241 -53.48 -16.34 23.13
CA GLY B 241 -52.45 -16.27 22.09
C GLY B 241 -52.98 -16.40 20.68
N SER B 242 -52.06 -16.49 19.72
CA SER B 242 -52.47 -16.65 18.30
C SER B 242 -51.76 -17.75 17.48
N LEU B 243 -52.46 -18.19 16.45
CA LEU B 243 -52.01 -19.19 15.50
C LEU B 243 -51.94 -18.45 14.16
N PHE B 244 -50.79 -18.38 13.54
CA PHE B 244 -50.62 -17.63 12.32
C PHE B 244 -49.66 -18.32 11.35
N ALA B 245 -49.67 -17.91 10.07
CA ALA B 245 -48.77 -18.46 9.05
C ALA B 245 -47.33 -17.98 9.26
N ALA B 246 -46.37 -18.93 9.31
CA ALA B 246 -44.94 -18.63 9.48
C ALA B 246 -44.44 -17.95 8.20
N SER B 247 -43.32 -17.21 8.26
CA SER B 247 -42.84 -16.58 7.04
C SER B 247 -41.81 -17.42 6.31
N LYS B 248 -42.21 -17.89 5.10
CA LYS B 248 -41.34 -18.67 4.20
C LYS B 248 -40.61 -17.75 3.22
N ASP B 249 -40.89 -16.42 3.28
CA ASP B 249 -40.24 -15.43 2.44
C ASP B 249 -38.73 -15.53 2.66
N ALA B 250 -38.03 -15.78 1.56
CA ALA B 250 -36.57 -15.91 1.61
C ALA B 250 -35.84 -14.64 1.19
N SER B 251 -36.56 -13.51 0.93
CA SER B 251 -35.96 -12.24 0.50
C SER B 251 -34.96 -11.82 1.54
N ARG B 252 -35.31 -12.05 2.84
CA ARG B 252 -34.47 -11.74 3.98
C ARG B 252 -32.99 -12.13 3.86
N LEU B 253 -32.70 -13.26 3.15
CA LEU B 253 -31.37 -13.83 2.93
C LEU B 253 -30.42 -12.94 2.12
N LYS B 254 -30.99 -12.09 1.21
CA LYS B 254 -30.17 -11.15 0.45
C LYS B 254 -29.71 -10.08 1.36
N GLU B 255 -30.64 -9.41 2.07
CA GLU B 255 -30.31 -8.35 3.03
C GLU B 255 -29.38 -8.84 4.17
N GLN B 256 -29.72 -9.98 4.80
CA GLN B 256 -28.98 -10.53 5.94
C GLN B 256 -27.61 -11.13 5.59
N TYR B 257 -27.54 -11.89 4.49
CA TYR B 257 -26.34 -12.65 4.17
C TYR B 257 -25.71 -12.40 2.82
N GLY B 258 -26.39 -11.61 2.01
CA GLY B 258 -25.95 -11.31 0.65
C GLY B 258 -26.09 -12.50 -0.29
N ILE B 259 -27.14 -13.35 -0.04
CA ILE B 259 -27.36 -14.54 -0.84
C ILE B 259 -28.41 -14.21 -1.85
N ASP B 260 -28.05 -14.22 -3.19
CA ASP B 260 -29.12 -13.97 -4.15
C ASP B 260 -30.15 -15.11 -4.21
N VAL B 261 -31.37 -14.68 -3.89
CA VAL B 261 -32.60 -15.44 -3.85
C VAL B 261 -33.31 -15.30 -5.21
N PRO B 262 -33.28 -16.36 -6.06
CA PRO B 262 -34.01 -16.29 -7.33
C PRO B 262 -35.52 -16.23 -7.06
N ASP B 263 -36.33 -15.69 -8.00
CA ASP B 263 -37.77 -15.63 -7.73
C ASP B 263 -38.33 -17.04 -7.69
N GLY B 264 -39.29 -17.22 -6.77
CA GLY B 264 -39.98 -18.48 -6.53
C GLY B 264 -39.24 -19.50 -5.71
N PHE B 265 -38.27 -19.06 -4.88
CA PHE B 265 -37.51 -19.87 -3.93
C PHE B 265 -37.84 -19.40 -2.50
N PHE B 266 -38.06 -20.37 -1.58
CA PHE B 266 -38.55 -20.11 -0.23
C PHE B 266 -37.74 -20.70 0.90
N CYS B 267 -38.05 -20.32 2.14
CA CYS B 267 -37.43 -20.91 3.34
C CYS B 267 -38.15 -22.24 3.60
N GLU B 268 -37.43 -23.33 4.05
CA GLU B 268 -38.05 -24.67 4.31
C GLU B 268 -39.03 -24.68 5.53
N ARG B 269 -39.87 -25.69 5.56
CA ARG B 269 -40.79 -25.90 6.66
C ARG B 269 -40.01 -26.51 7.79
N ARG B 270 -40.13 -25.96 8.95
CA ARG B 270 -39.48 -26.59 10.07
C ARG B 270 -40.46 -27.33 10.95
N ARG B 271 -40.20 -28.61 11.12
CA ARG B 271 -41.01 -29.47 11.96
C ARG B 271 -40.33 -29.56 13.29
N THR B 272 -41.15 -29.89 14.32
CA THR B 272 -40.64 -30.06 15.68
C THR B 272 -40.34 -31.51 16.04
N ALA B 273 -39.14 -31.75 16.52
CA ALA B 273 -38.68 -33.06 16.98
C ALA B 273 -38.39 -33.02 18.50
N MET B 274 -38.66 -34.13 19.20
CA MET B 274 -38.47 -34.14 20.65
C MET B 274 -37.65 -35.29 21.08
N GLY B 275 -36.57 -35.00 21.83
CA GLY B 275 -35.66 -36.03 22.32
C GLY B 275 -35.95 -36.42 23.73
N GLY B 276 -36.27 -37.69 23.91
CA GLY B 276 -36.55 -38.21 25.23
C GLY B 276 -35.37 -38.30 26.20
N PRO B 277 -35.66 -38.22 27.51
CA PRO B 277 -34.62 -38.50 28.50
C PRO B 277 -34.27 -39.99 28.39
N PHE B 278 -33.02 -40.30 27.95
CA PHE B 278 -32.62 -41.67 27.68
C PHE B 278 -32.93 -42.73 28.76
N ALA B 279 -32.66 -42.39 30.02
CA ALA B 279 -32.89 -43.31 31.13
C ALA B 279 -34.34 -43.80 31.19
N LEU B 280 -35.31 -42.91 30.90
CA LEU B 280 -36.71 -43.26 30.88
C LEU B 280 -37.05 -44.05 29.59
N ASN B 281 -36.31 -43.79 28.51
CA ASN B 281 -36.52 -44.38 27.18
C ASN B 281 -36.23 -45.83 27.10
N ALA B 282 -34.99 -46.18 27.39
CA ALA B 282 -34.44 -47.52 27.40
C ALA B 282 -35.42 -48.56 27.96
N PRO B 283 -35.96 -48.38 29.21
CA PRO B 283 -36.92 -49.34 29.77
C PRO B 283 -38.15 -49.51 28.93
N ILE B 284 -38.56 -48.43 28.22
CA ILE B 284 -39.74 -48.44 27.32
C ILE B 284 -39.38 -49.17 26.05
N MET B 285 -38.20 -48.87 25.49
CA MET B 285 -37.65 -49.48 24.30
C MET B 285 -37.50 -50.99 24.48
N ALA B 286 -37.12 -51.43 25.71
CA ALA B 286 -36.93 -52.83 26.06
C ALA B 286 -38.21 -53.65 25.80
N VAL B 287 -39.35 -53.02 25.91
CA VAL B 287 -40.62 -53.68 25.65
C VAL B 287 -41.06 -53.39 24.20
N ALA B 288 -40.91 -52.11 23.75
CA ALA B 288 -41.25 -51.56 22.43
C ALA B 288 -40.74 -52.45 21.29
N GLN B 289 -39.42 -52.80 21.34
CA GLN B 289 -38.85 -53.62 20.27
C GLN B 289 -39.43 -54.97 20.15
N PRO B 290 -39.57 -55.78 21.23
CA PRO B 290 -40.28 -57.06 21.09
C PRO B 290 -41.73 -56.91 20.54
N VAL B 291 -42.41 -55.77 20.83
CA VAL B 291 -43.76 -55.54 20.28
C VAL B 291 -43.69 -55.37 18.77
N ARG B 292 -42.71 -54.64 18.26
CA ARG B 292 -42.51 -54.47 16.82
C ARG B 292 -42.32 -55.81 16.16
N ASN B 293 -41.43 -56.63 16.75
CA ASN B 293 -41.13 -57.92 16.21
C ASN B 293 -42.40 -58.76 16.10
N LYS B 294 -43.25 -58.74 17.16
CA LYS B 294 -44.54 -59.47 17.16
C LYS B 294 -45.44 -59.01 16.03
N ILE B 295 -45.74 -57.73 15.98
CA ILE B 295 -46.63 -57.17 14.98
C ILE B 295 -46.11 -57.28 13.55
N TYR B 296 -44.75 -57.21 13.35
CA TYR B 296 -44.24 -57.35 11.98
C TYR B 296 -44.18 -58.78 11.53
N SER B 297 -44.27 -59.74 12.49
CA SER B 297 -44.27 -61.14 12.18
C SER B 297 -45.72 -61.62 12.14
N LYS B 298 -46.39 -61.79 13.32
CA LYS B 298 -47.77 -62.29 13.41
C LYS B 298 -48.66 -61.47 12.58
N TYR B 299 -48.64 -60.12 12.72
CA TYR B 299 -49.50 -59.29 11.85
C TYR B 299 -48.79 -58.63 10.70
N ALA B 300 -47.97 -59.41 9.99
CA ALA B 300 -47.21 -58.97 8.83
C ALA B 300 -48.09 -58.43 7.72
N TYR B 301 -49.28 -59.01 7.53
CA TYR B 301 -50.18 -58.58 6.48
C TYR B 301 -50.47 -57.08 6.60
N THR B 302 -50.88 -56.64 7.77
CA THR B 302 -51.27 -55.27 8.02
C THR B 302 -50.07 -54.38 8.23
N PHE B 303 -49.04 -54.87 8.97
CA PHE B 303 -47.92 -54.07 9.47
C PHE B 303 -46.54 -54.17 8.87
N HIS B 304 -46.18 -55.30 8.25
CA HIS B 304 -44.85 -55.47 7.67
C HIS B 304 -44.77 -55.19 6.16
N HIS B 305 -44.20 -54.02 5.80
CA HIS B 305 -44.11 -53.56 4.42
C HIS B 305 -42.67 -53.35 3.97
N THR B 306 -42.32 -53.95 2.81
CA THR B 306 -40.95 -53.88 2.28
C THR B 306 -40.89 -53.28 0.87
N THR B 307 -40.99 -54.15 -0.18
CA THR B 307 -40.88 -53.78 -1.59
C THR B 307 -42.22 -53.39 -2.16
N ARG B 308 -42.25 -52.85 -3.39
CA ARG B 308 -43.51 -52.54 -4.07
C ARG B 308 -44.14 -53.87 -4.48
N LEU B 309 -43.30 -54.94 -4.64
CA LEU B 309 -43.82 -56.26 -4.92
C LEU B 309 -44.62 -56.88 -3.75
N ASN B 310 -44.14 -56.67 -2.52
CA ASN B 310 -44.75 -57.07 -1.25
C ASN B 310 -46.17 -56.46 -1.15
N LYS B 311 -46.22 -55.16 -1.42
CA LYS B 311 -47.40 -54.35 -1.32
C LYS B 311 -48.41 -54.73 -2.40
N GLU B 312 -47.91 -54.84 -3.64
CA GLU B 312 -48.72 -55.18 -4.80
C GLU B 312 -49.40 -56.50 -4.66
N GLU B 313 -48.73 -57.54 -4.12
CA GLU B 313 -49.33 -58.86 -3.88
C GLU B 313 -50.60 -58.78 -3.09
N LYS B 314 -50.60 -57.94 -2.02
CA LYS B 314 -51.76 -57.74 -1.11
C LYS B 314 -52.92 -57.01 -1.78
N VAL B 315 -52.59 -55.81 -2.30
CA VAL B 315 -53.54 -54.90 -2.96
C VAL B 315 -54.21 -55.50 -4.21
N LYS B 316 -53.48 -56.33 -5.03
CA LYS B 316 -54.00 -56.95 -6.27
C LYS B 316 -55.25 -57.76 -5.98
N GLU B 317 -55.26 -58.45 -4.82
CA GLU B 317 -56.32 -59.30 -4.31
C GLU B 317 -57.59 -58.54 -3.92
N TRP B 318 -57.50 -57.21 -3.77
CA TRP B 318 -58.61 -56.36 -3.35
C TRP B 318 -59.48 -55.96 -4.48
N SER B 319 -60.76 -55.83 -4.18
CA SER B 319 -61.72 -55.33 -5.14
C SER B 319 -61.72 -53.74 -5.08
N LEU B 320 -61.45 -53.18 -3.91
CA LEU B 320 -61.37 -51.75 -3.74
C LEU B 320 -60.19 -51.42 -2.79
N CYS B 321 -59.43 -50.36 -3.14
CA CYS B 321 -58.32 -49.84 -2.36
C CYS B 321 -58.50 -48.37 -2.15
N VAL B 322 -58.57 -47.95 -0.89
CA VAL B 322 -58.73 -46.53 -0.54
C VAL B 322 -57.53 -46.03 0.23
N ALA B 323 -56.80 -45.04 -0.32
CA ALA B 323 -55.62 -44.44 0.36
C ALA B 323 -56.04 -43.23 1.20
N THR B 324 -55.93 -43.37 2.51
CA THR B 324 -56.33 -42.38 3.50
C THR B 324 -55.18 -41.46 3.96
N ASP B 325 -55.61 -40.33 4.53
CA ASP B 325 -54.80 -39.22 4.99
C ASP B 325 -55.28 -38.66 6.36
N VAL B 326 -54.34 -38.54 7.34
CA VAL B 326 -54.61 -37.97 8.69
C VAL B 326 -54.03 -36.55 8.90
N SER B 327 -54.86 -35.66 9.48
CA SER B 327 -54.53 -34.26 9.80
C SER B 327 -53.70 -34.20 11.12
N ASP B 328 -52.45 -33.68 11.05
CA ASP B 328 -51.42 -33.66 12.12
C ASP B 328 -51.68 -34.63 13.27
N HIS B 329 -51.48 -35.89 12.88
CA HIS B 329 -51.55 -37.17 13.53
C HIS B 329 -50.99 -37.23 14.93
N ASP B 330 -49.73 -36.83 15.12
CA ASP B 330 -49.02 -36.88 16.41
C ASP B 330 -49.43 -35.80 17.39
N THR B 331 -49.87 -34.65 16.88
CA THR B 331 -50.29 -33.56 17.74
C THR B 331 -51.71 -33.80 18.24
N PHE B 332 -52.53 -34.47 17.42
CA PHE B 332 -53.92 -34.78 17.76
C PHE B 332 -54.12 -36.11 18.51
N TRP B 333 -53.03 -36.90 18.66
CA TRP B 333 -53.06 -38.18 19.31
C TRP B 333 -53.68 -38.02 20.69
N PRO B 334 -54.71 -38.82 21.05
CA PRO B 334 -55.43 -38.59 22.33
C PRO B 334 -54.87 -39.17 23.62
N GLY B 335 -54.85 -38.33 24.65
CA GLY B 335 -54.36 -38.76 25.95
C GLY B 335 -55.19 -39.89 26.51
N TRP B 336 -56.49 -39.87 26.15
CA TRP B 336 -57.37 -40.91 26.64
C TRP B 336 -56.89 -42.26 26.18
N LEU B 337 -56.26 -42.27 24.99
CA LEU B 337 -55.71 -43.49 24.46
C LEU B 337 -54.56 -43.94 25.31
N ARG B 338 -53.71 -43.01 25.79
CA ARG B 338 -52.60 -43.41 26.67
C ARG B 338 -53.13 -44.11 27.89
N ASP B 339 -54.09 -43.44 28.53
CA ASP B 339 -54.68 -43.95 29.75
C ASP B 339 -55.35 -45.32 29.59
N LEU B 340 -56.02 -45.51 28.41
CA LEU B 340 -56.68 -46.76 28.03
C LEU B 340 -55.62 -47.84 27.93
N ILE B 341 -54.53 -47.55 27.16
CA ILE B 341 -53.40 -48.45 26.92
C ILE B 341 -52.82 -48.93 28.22
N CYS B 342 -52.50 -47.97 29.10
CA CYS B 342 -51.98 -48.27 30.43
C CYS B 342 -52.92 -49.15 31.25
N ASP B 343 -54.22 -48.77 31.24
CA ASP B 343 -55.21 -49.51 31.96
C ASP B 343 -55.22 -50.98 31.57
N GLU B 344 -55.38 -51.31 30.27
CA GLU B 344 -55.41 -52.72 29.88
C GLU B 344 -54.11 -53.45 30.26
N LEU B 345 -52.97 -52.78 30.03
CA LEU B 345 -51.67 -53.34 30.35
C LEU B 345 -51.63 -53.74 31.80
N LEU B 346 -52.19 -52.88 32.68
CA LEU B 346 -52.27 -53.25 34.09
C LEU B 346 -53.13 -54.54 34.22
N ASN B 347 -54.37 -54.54 33.61
CA ASN B 347 -55.29 -55.67 33.61
C ASN B 347 -54.65 -56.86 32.96
N MET B 348 -53.71 -56.66 32.03
CA MET B 348 -53.01 -57.77 31.38
C MET B 348 -52.08 -58.47 32.35
N GLY B 349 -51.68 -57.73 33.39
CA GLY B 349 -50.79 -58.24 34.42
C GLY B 349 -49.37 -57.73 34.35
N TYR B 350 -49.17 -56.63 33.57
CA TYR B 350 -47.90 -55.91 33.43
C TYR B 350 -47.52 -55.22 34.76
N ALA B 351 -46.27 -55.32 35.15
CA ALA B 351 -45.78 -54.67 36.33
C ALA B 351 -46.32 -53.22 36.40
N PRO B 352 -47.02 -52.80 37.49
CA PRO B 352 -47.52 -51.40 37.57
C PRO B 352 -46.41 -50.34 37.54
N TRP B 353 -45.19 -50.64 38.09
CA TRP B 353 -44.11 -49.69 38.05
C TRP B 353 -43.71 -49.40 36.58
N TRP B 354 -43.70 -50.41 35.71
CA TRP B 354 -43.30 -50.22 34.31
C TRP B 354 -44.37 -49.42 33.61
N VAL B 355 -45.64 -49.76 33.86
CA VAL B 355 -46.78 -49.07 33.28
C VAL B 355 -46.70 -47.59 33.65
N LYS B 356 -46.33 -47.28 34.95
CA LYS B 356 -46.18 -45.90 35.44
C LYS B 356 -45.11 -45.12 34.66
N LEU B 357 -43.97 -45.79 34.41
CA LEU B 357 -42.89 -45.20 33.63
C LEU B 357 -43.43 -44.88 32.21
N PHE B 358 -44.13 -45.87 31.61
CA PHE B 358 -44.74 -45.78 30.31
C PHE B 358 -45.72 -44.61 30.25
N GLU B 359 -46.67 -44.57 31.22
CA GLU B 359 -47.68 -43.51 31.34
C GLU B 359 -46.95 -42.17 31.40
N THR B 360 -45.99 -42.05 32.34
CA THR B 360 -45.26 -40.82 32.57
C THR B 360 -44.57 -40.32 31.32
N SER B 361 -43.99 -41.24 30.52
CA SER B 361 -43.27 -40.87 29.30
C SER B 361 -44.17 -40.11 28.32
N LEU B 362 -45.50 -40.27 28.51
CA LEU B 362 -46.48 -39.67 27.65
C LEU B 362 -47.22 -38.47 28.29
N LYS B 363 -46.66 -37.89 29.39
CA LYS B 363 -47.24 -36.72 30.05
C LYS B 363 -46.14 -35.72 30.35
N LEU B 364 -44.97 -35.99 29.80
CA LEU B 364 -43.79 -35.23 30.17
C LEU B 364 -43.70 -33.78 29.69
N PRO B 365 -43.18 -32.86 30.61
CA PRO B 365 -42.89 -31.48 30.20
C PRO B 365 -41.95 -31.41 28.98
N VAL B 366 -41.89 -30.21 28.37
CA VAL B 366 -41.06 -30.00 27.19
C VAL B 366 -40.20 -28.77 27.32
N TYR B 367 -38.86 -28.94 27.04
CA TYR B 367 -37.91 -27.83 27.02
C TYR B 367 -37.83 -27.33 25.59
N VAL B 368 -38.28 -26.10 25.38
CA VAL B 368 -38.25 -25.48 24.07
C VAL B 368 -36.96 -24.78 23.82
N GLY B 369 -36.30 -25.22 22.76
CA GLY B 369 -35.01 -24.71 22.35
C GLY B 369 -35.04 -23.32 21.76
N ALA B 370 -34.92 -23.24 20.42
CA ALA B 370 -34.94 -21.95 19.74
C ALA B 370 -35.81 -21.95 18.45
N PRO B 371 -37.11 -21.60 18.63
CA PRO B 371 -38.04 -21.57 17.49
C PRO B 371 -37.77 -20.45 16.48
N ALA B 372 -37.14 -19.38 16.98
CA ALA B 372 -36.78 -18.23 16.17
C ALA B 372 -35.64 -17.46 16.88
N PRO B 373 -34.97 -16.48 16.24
CA PRO B 373 -33.97 -15.70 16.97
C PRO B 373 -34.61 -15.00 18.19
N GLU B 374 -33.85 -14.92 19.31
CA GLU B 374 -34.33 -14.27 20.55
C GLU B 374 -35.75 -14.79 21.04
N GLN B 375 -35.92 -16.11 20.98
CA GLN B 375 -37.07 -16.86 21.45
C GLN B 375 -36.63 -18.26 21.90
N GLY B 376 -37.36 -18.80 22.86
CA GLY B 376 -37.16 -20.15 23.34
C GLY B 376 -36.61 -20.28 24.73
N HIS B 377 -35.76 -21.28 24.97
CA HIS B 377 -35.11 -21.52 26.26
C HIS B 377 -36.09 -21.45 27.43
N THR B 378 -37.16 -22.24 27.32
CA THR B 378 -38.25 -22.31 28.28
C THR B 378 -38.72 -23.74 28.44
N LEU B 379 -39.05 -24.09 29.66
CA LEU B 379 -39.66 -25.36 30.00
C LEU B 379 -41.20 -25.11 30.22
N LEU B 380 -42.05 -25.86 29.51
CA LEU B 380 -43.52 -25.86 29.67
C LEU B 380 -43.78 -27.17 30.41
N GLY B 381 -44.67 -27.11 31.36
CA GLY B 381 -44.89 -28.29 32.17
C GLY B 381 -43.91 -28.37 33.34
N ASP B 382 -44.46 -28.70 34.54
CA ASP B 382 -43.64 -28.81 35.75
C ASP B 382 -43.23 -30.28 35.85
N PRO B 383 -41.89 -30.56 35.78
CA PRO B 383 -41.44 -31.94 35.86
C PRO B 383 -41.73 -32.62 37.18
N SER B 384 -42.08 -31.84 38.22
CA SER B 384 -42.41 -32.35 39.54
C SER B 384 -43.71 -33.05 39.52
N ASN B 385 -44.59 -32.72 38.55
CA ASN B 385 -45.89 -33.39 38.37
C ASN B 385 -46.26 -33.50 36.90
N PRO B 386 -45.66 -34.49 36.16
CA PRO B 386 -45.94 -34.58 34.71
C PRO B 386 -47.43 -34.63 34.39
N ASP B 387 -47.91 -33.64 33.64
CA ASP B 387 -49.33 -33.60 33.24
C ASP B 387 -49.62 -32.94 31.88
N LEU B 388 -48.63 -32.91 30.97
CA LEU B 388 -48.85 -32.37 29.64
C LEU B 388 -49.68 -33.33 28.75
N GLU B 389 -50.37 -32.73 27.76
CA GLU B 389 -51.23 -33.38 26.76
C GLU B 389 -50.80 -32.91 25.36
N VAL B 390 -49.50 -33.06 25.06
CA VAL B 390 -48.84 -32.63 23.79
C VAL B 390 -49.18 -33.48 22.56
N GLY B 391 -50.05 -34.47 22.75
CA GLY B 391 -50.35 -35.49 21.78
C GLY B 391 -49.29 -36.56 22.01
N LEU B 392 -48.68 -37.03 20.91
CA LEU B 392 -47.61 -38.02 20.90
C LEU B 392 -46.28 -37.28 20.76
N SER B 393 -45.27 -37.65 21.60
CA SER B 393 -43.89 -37.03 21.55
C SER B 393 -43.03 -37.85 20.63
N SER B 394 -42.41 -37.23 19.61
CA SER B 394 -41.57 -38.01 18.65
C SER B 394 -40.46 -38.93 19.23
N GLY B 395 -39.91 -38.53 20.37
CA GLY B 395 -38.83 -39.24 21.01
C GLY B 395 -39.23 -40.15 22.14
N GLN B 396 -40.49 -40.53 22.18
CA GLN B 396 -40.97 -41.44 23.20
C GLN B 396 -40.62 -42.80 22.66
N GLY B 397 -40.14 -43.66 23.54
CA GLY B 397 -39.61 -44.99 23.19
C GLY B 397 -40.38 -45.93 22.30
N ALA B 398 -41.71 -45.74 22.25
CA ALA B 398 -42.69 -46.58 21.59
C ALA B 398 -43.65 -45.75 20.72
N THR B 399 -43.25 -44.54 20.29
CA THR B 399 -44.18 -43.71 19.51
C THR B 399 -44.85 -44.37 18.37
N ASP B 400 -44.12 -44.83 17.36
CA ASP B 400 -44.64 -45.51 16.17
C ASP B 400 -45.77 -46.49 16.48
N LEU B 401 -45.57 -47.28 17.57
CA LEU B 401 -46.57 -48.21 18.07
C LEU B 401 -47.83 -47.52 18.55
N MET B 402 -47.67 -46.39 19.29
CA MET B 402 -48.78 -45.56 19.77
C MET B 402 -49.66 -44.98 18.65
N GLY B 403 -49.01 -44.43 17.62
CA GLY B 403 -49.67 -43.90 16.44
C GLY B 403 -50.36 -45.00 15.70
N THR B 404 -49.57 -46.07 15.39
CA THR B 404 -50.05 -47.29 14.72
C THR B 404 -51.30 -47.91 15.42
N LEU B 405 -51.19 -48.16 16.75
CA LEU B 405 -52.30 -48.71 17.52
C LEU B 405 -53.49 -47.83 17.29
N LEU B 406 -53.39 -46.48 17.59
CA LEU B 406 -54.56 -45.58 17.40
C LEU B 406 -55.18 -45.81 15.99
N MET B 407 -54.30 -45.56 14.92
CA MET B 407 -54.67 -45.58 13.51
C MET B 407 -55.30 -46.88 12.99
N SER B 408 -54.63 -48.02 13.28
CA SER B 408 -55.15 -49.28 12.83
C SER B 408 -56.63 -49.46 13.28
N ILE B 409 -56.91 -49.18 14.61
CA ILE B 409 -58.28 -49.31 15.10
C ILE B 409 -59.19 -48.27 14.46
N THR B 410 -58.73 -46.98 14.37
CA THR B 410 -59.45 -45.86 13.77
C THR B 410 -59.98 -46.21 12.38
N TYR B 411 -59.11 -46.78 11.52
CA TYR B 411 -59.49 -47.20 10.15
C TYR B 411 -60.42 -48.39 10.14
N LEU B 412 -60.09 -49.42 10.96
CA LEU B 412 -60.96 -50.58 11.11
C LEU B 412 -62.39 -50.14 11.52
N VAL B 413 -62.54 -49.27 12.60
CA VAL B 413 -63.81 -48.71 13.08
C VAL B 413 -64.56 -47.94 11.98
N MET B 414 -63.81 -47.15 11.21
CA MET B 414 -64.33 -46.42 10.08
C MET B 414 -64.90 -47.42 9.01
N GLN B 415 -64.19 -48.59 8.79
CA GLN B 415 -64.66 -49.65 7.89
C GLN B 415 -65.96 -50.32 8.44
N LEU B 416 -65.99 -50.55 9.77
CA LEU B 416 -67.14 -51.15 10.42
C LEU B 416 -68.33 -50.23 10.35
N ASP B 417 -68.15 -48.96 10.78
CA ASP B 417 -69.22 -47.97 10.79
C ASP B 417 -69.79 -47.74 9.41
N HIS B 418 -68.94 -47.51 8.41
CA HIS B 418 -69.44 -47.16 7.11
C HIS B 418 -69.69 -48.27 6.12
N THR B 419 -69.13 -49.48 6.34
CA THR B 419 -69.22 -50.55 5.33
C THR B 419 -69.59 -51.91 5.84
N ALA B 420 -69.15 -52.29 7.05
CA ALA B 420 -69.43 -53.64 7.54
C ALA B 420 -70.27 -53.85 8.93
N PRO B 421 -71.50 -53.30 9.04
CA PRO B 421 -72.27 -53.44 10.29
C PRO B 421 -72.57 -54.88 10.77
N HIS B 422 -72.60 -55.78 9.78
CA HIS B 422 -72.84 -57.20 9.94
C HIS B 422 -71.72 -57.91 10.71
N LEU B 423 -70.73 -57.17 11.16
CA LEU B 423 -69.66 -57.82 11.89
C LEU B 423 -69.68 -57.45 13.32
N ASN B 424 -70.39 -56.36 13.64
CA ASN B 424 -70.56 -55.84 14.99
C ASN B 424 -70.87 -56.93 15.99
N SER B 425 -71.66 -57.93 15.51
CA SER B 425 -72.11 -59.16 16.16
C SER B 425 -70.90 -60.03 16.57
N ARG B 426 -69.79 -60.03 15.78
CA ARG B 426 -68.57 -60.81 16.12
C ARG B 426 -67.78 -60.17 17.29
N ILE B 427 -68.10 -58.90 17.62
CA ILE B 427 -67.43 -58.11 18.65
C ILE B 427 -68.41 -57.89 19.80
N LYS B 428 -68.50 -58.92 20.67
CA LYS B 428 -69.42 -59.02 21.79
C LYS B 428 -68.76 -58.80 23.15
N ASP B 429 -67.53 -59.30 23.32
CA ASP B 429 -66.77 -59.18 24.56
C ASP B 429 -65.27 -59.09 24.24
N MET B 430 -64.41 -59.10 25.29
CA MET B 430 -62.97 -59.06 25.02
C MET B 430 -62.44 -60.23 24.18
N PRO B 431 -62.73 -61.50 24.53
CA PRO B 431 -62.18 -62.60 23.74
C PRO B 431 -62.64 -62.57 22.31
N SER B 432 -63.96 -62.26 22.05
CA SER B 432 -64.45 -62.18 20.67
C SER B 432 -63.85 -61.01 19.95
N ALA B 433 -63.58 -59.88 20.70
CA ALA B 433 -62.93 -58.69 20.11
C ALA B 433 -61.53 -59.11 19.61
N CYS B 434 -60.73 -59.74 20.49
CA CYS B 434 -59.39 -60.19 20.18
C CYS B 434 -59.34 -61.18 19.07
N ARG B 435 -60.30 -62.11 19.03
CA ARG B 435 -60.40 -63.15 18.01
C ARG B 435 -60.59 -62.55 16.61
N PHE B 436 -61.50 -61.54 16.59
CA PHE B 436 -61.87 -60.81 15.39
C PHE B 436 -60.66 -60.03 14.86
N LEU B 437 -60.05 -59.24 15.72
CA LEU B 437 -58.92 -58.39 15.37
C LEU B 437 -57.77 -59.20 14.89
N ASP B 438 -57.46 -60.32 15.57
CA ASP B 438 -56.39 -61.26 15.21
C ASP B 438 -56.61 -61.74 13.78
N SER B 439 -57.88 -62.01 13.41
CA SER B 439 -58.22 -62.40 12.06
C SER B 439 -58.10 -61.20 11.07
N TYR B 440 -58.59 -60.02 11.48
CA TYR B 440 -58.59 -58.83 10.64
C TYR B 440 -57.21 -58.43 10.31
N TRP B 441 -56.33 -58.40 11.34
CA TRP B 441 -54.93 -58.02 11.23
C TRP B 441 -54.13 -58.97 10.32
N GLN B 442 -54.58 -60.24 10.22
CA GLN B 442 -53.95 -61.27 9.40
C GLN B 442 -54.39 -61.21 7.93
N GLY B 443 -55.30 -60.28 7.62
CA GLY B 443 -55.92 -60.11 6.29
C GLY B 443 -57.01 -61.13 5.95
N HIS B 444 -57.60 -61.74 6.99
CA HIS B 444 -58.55 -62.83 6.86
C HIS B 444 -60.02 -62.44 6.69
N GLU B 445 -60.33 -61.16 6.83
CA GLU B 445 -61.72 -60.72 6.67
C GLU B 445 -61.95 -60.12 5.28
N GLU B 446 -63.20 -59.77 4.97
CA GLU B 446 -63.51 -59.15 3.68
C GLU B 446 -63.12 -57.66 3.68
N ILE B 447 -62.87 -57.11 4.86
CA ILE B 447 -62.35 -55.77 5.09
C ILE B 447 -60.86 -55.94 5.51
N ARG B 448 -60.03 -55.14 4.86
CA ARG B 448 -58.59 -55.27 5.02
C ARG B 448 -57.91 -53.94 5.10
N GLN B 449 -56.64 -53.92 5.61
CA GLN B 449 -55.83 -52.71 5.63
C GLN B 449 -54.37 -53.05 5.67
N ILE B 450 -53.56 -52.11 5.20
CA ILE B 450 -52.10 -52.13 5.23
C ILE B 450 -51.77 -50.72 5.76
N SER B 451 -51.03 -50.65 6.88
CA SER B 451 -50.69 -49.38 7.53
C SER B 451 -49.34 -49.32 8.22
N LYS B 452 -48.89 -48.07 8.42
CA LYS B 452 -47.70 -47.65 9.18
C LYS B 452 -48.00 -46.25 9.74
N SER B 453 -48.48 -46.21 11.03
CA SER B 453 -48.96 -45.05 11.75
C SER B 453 -50.10 -44.42 10.96
N ASP B 454 -49.91 -43.16 10.50
CA ASP B 454 -50.88 -42.41 9.69
C ASP B 454 -51.01 -42.86 8.20
N ASP B 455 -49.93 -43.45 7.56
CA ASP B 455 -50.00 -43.93 6.16
C ASP B 455 -50.68 -45.27 6.17
N ALA B 456 -51.78 -45.38 5.33
CA ALA B 456 -52.62 -46.60 5.17
C ALA B 456 -53.33 -46.70 3.83
N MET B 457 -53.65 -47.93 3.47
CA MET B 457 -54.51 -48.25 2.35
C MET B 457 -55.58 -49.24 2.83
N LEU B 458 -56.84 -48.88 2.64
CA LEU B 458 -58.02 -49.61 3.08
C LEU B 458 -58.68 -50.46 1.96
N GLY B 459 -58.65 -51.78 2.19
CA GLY B 459 -59.20 -52.75 1.26
C GLY B 459 -60.54 -53.37 1.58
N TRP B 460 -61.23 -53.74 0.48
CA TRP B 460 -62.50 -54.46 0.42
C TRP B 460 -62.36 -55.55 -0.62
N THR B 461 -62.74 -56.76 -0.26
CA THR B 461 -62.75 -57.88 -1.20
C THR B 461 -64.23 -57.99 -1.61
N LYS B 462 -64.59 -59.06 -2.39
CA LYS B 462 -65.98 -59.29 -2.80
C LYS B 462 -66.77 -59.65 -1.54
N GLY B 463 -68.00 -59.14 -1.44
CA GLY B 463 -68.84 -59.37 -0.28
C GLY B 463 -69.80 -58.26 0.05
N ARG B 464 -70.43 -58.43 1.25
CA ARG B 464 -71.45 -57.57 1.81
C ARG B 464 -70.97 -56.11 1.94
N ALA B 465 -69.73 -55.95 2.46
CA ALA B 465 -69.05 -54.71 2.78
C ALA B 465 -68.60 -53.89 1.58
N LEU B 466 -68.30 -54.55 0.42
CA LEU B 466 -67.85 -53.89 -0.81
C LEU B 466 -68.70 -52.69 -1.27
N VAL B 467 -70.03 -52.81 -1.15
CA VAL B 467 -70.91 -51.70 -1.54
C VAL B 467 -70.71 -50.49 -0.60
N GLY B 468 -70.64 -50.78 0.70
CA GLY B 468 -70.40 -49.77 1.74
C GLY B 468 -69.08 -49.07 1.51
N GLY B 469 -68.11 -49.87 1.07
CA GLY B 469 -66.77 -49.42 0.72
C GLY B 469 -66.83 -48.34 -0.33
N HIS B 470 -67.63 -48.54 -1.37
CA HIS B 470 -67.79 -47.56 -2.44
C HIS B 470 -68.49 -46.26 -2.00
N ARG B 471 -69.44 -46.40 -1.06
CA ARG B 471 -70.18 -45.28 -0.45
C ARG B 471 -69.25 -44.43 0.44
N LEU B 472 -68.33 -45.14 1.18
CA LEU B 472 -67.33 -44.52 2.04
C LEU B 472 -66.37 -43.68 1.20
N PHE B 473 -65.92 -44.28 0.08
CA PHE B 473 -65.01 -43.67 -0.87
C PHE B 473 -65.65 -42.41 -1.41
N GLU B 474 -66.97 -42.51 -1.66
CA GLU B 474 -67.75 -41.38 -2.13
C GLU B 474 -67.83 -40.27 -1.08
N MET B 475 -67.99 -40.67 0.21
CA MET B 475 -68.06 -39.72 1.31
C MET B 475 -66.79 -38.91 1.38
N LEU B 476 -65.63 -39.64 1.24
CA LEU B 476 -64.29 -39.09 1.26
C LEU B 476 -64.07 -38.16 0.09
N LYS B 477 -64.53 -38.55 -1.13
CA LYS B 477 -64.43 -37.69 -2.31
C LYS B 477 -65.10 -36.36 -2.04
N GLU B 478 -66.36 -36.43 -1.53
CA GLU B 478 -67.14 -35.26 -1.18
C GLU B 478 -66.43 -34.33 -0.20
N GLY B 479 -65.65 -34.89 0.73
CA GLY B 479 -64.85 -34.15 1.72
C GLY B 479 -65.66 -33.16 2.52
N LYS B 480 -66.94 -33.50 2.62
CA LYS B 480 -68.01 -32.81 3.30
C LYS B 480 -67.90 -33.19 4.78
N VAL B 481 -68.06 -34.52 5.09
CA VAL B 481 -68.20 -35.17 6.39
C VAL B 481 -66.99 -35.99 6.82
N ASN B 482 -66.64 -35.91 8.11
CA ASN B 482 -65.51 -36.69 8.58
C ASN B 482 -66.01 -38.10 8.91
N PRO B 483 -65.38 -39.13 8.31
CA PRO B 483 -65.80 -40.49 8.56
C PRO B 483 -65.36 -41.09 9.92
N SER B 484 -64.59 -40.35 10.69
CA SER B 484 -64.17 -40.85 11.98
C SER B 484 -64.60 -39.93 13.15
N PRO B 485 -64.91 -40.48 14.36
CA PRO B 485 -65.10 -39.61 15.53
C PRO B 485 -63.73 -39.25 16.19
N TYR B 486 -62.66 -39.97 15.83
CA TYR B 486 -61.35 -39.91 16.48
C TYR B 486 -60.30 -38.95 15.92
N MET B 487 -60.13 -38.97 14.59
CA MET B 487 -59.16 -38.13 13.89
C MET B 487 -59.80 -37.52 12.62
N LYS B 488 -59.20 -36.45 12.09
CA LYS B 488 -59.68 -35.81 10.87
C LYS B 488 -59.10 -36.57 9.65
N ILE B 489 -59.93 -37.47 9.05
CA ILE B 489 -59.53 -38.33 7.92
C ILE B 489 -60.05 -37.80 6.59
N SER B 490 -59.24 -38.00 5.55
CA SER B 490 -59.58 -37.66 4.17
C SER B 490 -58.96 -38.70 3.24
N TYR B 491 -59.13 -38.50 1.92
CA TYR B 491 -58.49 -39.39 1.00
C TYR B 491 -57.27 -38.73 0.50
N GLU B 492 -56.31 -39.54 -0.02
CA GLU B 492 -55.04 -39.05 -0.58
C GLU B 492 -55.33 -38.71 -2.01
N HIS B 493 -54.97 -37.46 -2.40
CA HIS B 493 -55.10 -36.93 -3.75
C HIS B 493 -53.83 -37.35 -4.51
N GLY B 494 -53.73 -38.68 -4.66
CA GLY B 494 -52.66 -39.49 -5.21
C GLY B 494 -52.49 -40.73 -4.34
N GLY B 495 -52.83 -41.88 -4.89
CA GLY B 495 -52.76 -43.10 -4.08
C GLY B 495 -51.37 -43.67 -3.82
N ALA B 496 -50.70 -43.28 -2.76
CA ALA B 496 -49.40 -43.91 -2.58
C ALA B 496 -49.23 -44.49 -1.15
N PHE B 497 -48.47 -45.60 -1.04
CA PHE B 497 -48.27 -46.18 0.26
C PHE B 497 -46.82 -46.40 0.51
N LEU B 498 -46.28 -45.67 1.51
CA LEU B 498 -44.92 -45.74 1.99
C LEU B 498 -43.96 -45.52 0.86
N GLY B 499 -44.18 -44.40 0.18
CA GLY B 499 -43.30 -43.93 -0.89
C GLY B 499 -43.42 -44.63 -2.25
N ASP B 500 -44.46 -45.54 -2.41
CA ASP B 500 -44.74 -46.20 -3.67
C ASP B 500 -46.11 -45.77 -4.14
N ILE B 501 -46.15 -45.27 -5.37
CA ILE B 501 -47.37 -44.82 -6.00
C ILE B 501 -48.17 -46.00 -6.51
N LEU B 502 -49.47 -46.05 -6.21
CA LEU B 502 -50.33 -47.10 -6.71
C LEU B 502 -50.82 -46.60 -8.07
N LEU B 503 -50.17 -47.13 -9.11
CA LEU B 503 -50.44 -46.81 -10.50
C LEU B 503 -51.52 -47.72 -11.11
N TYR B 504 -52.75 -47.18 -11.27
CA TYR B 504 -53.83 -47.92 -11.92
C TYR B 504 -53.68 -47.68 -13.43
N ASP B 505 -54.48 -48.42 -14.21
CA ASP B 505 -54.58 -48.26 -15.67
C ASP B 505 -56.02 -47.82 -16.03
N SER B 506 -56.48 -48.09 -17.27
CA SER B 506 -57.85 -47.79 -17.77
C SER B 506 -58.96 -48.36 -16.90
N ARG B 507 -58.74 -49.59 -16.38
CA ARG B 507 -59.66 -50.32 -15.50
C ARG B 507 -59.95 -49.63 -14.16
N ARG B 508 -59.00 -48.85 -13.61
CA ARG B 508 -59.15 -48.19 -12.29
C ARG B 508 -59.56 -49.20 -11.21
N GLU B 509 -58.83 -50.34 -11.20
CA GLU B 509 -59.07 -51.46 -10.28
C GLU B 509 -57.79 -51.88 -9.64
N PRO B 510 -57.84 -52.30 -8.31
CA PRO B 510 -56.65 -52.78 -7.61
C PRO B 510 -55.94 -53.96 -8.26
N GLY B 511 -56.71 -54.86 -8.88
CA GLY B 511 -56.14 -56.03 -9.56
C GLY B 511 -55.23 -55.77 -10.74
N SER B 512 -55.47 -54.65 -11.44
CA SER B 512 -54.76 -54.14 -12.64
C SER B 512 -53.67 -53.12 -12.30
N ALA B 513 -53.65 -52.65 -11.01
CA ALA B 513 -52.75 -51.61 -10.54
C ALA B 513 -51.41 -52.13 -10.14
N ILE B 514 -50.39 -51.27 -10.29
CA ILE B 514 -49.03 -51.61 -9.85
C ILE B 514 -48.47 -50.57 -8.91
N PHE B 515 -47.62 -51.02 -7.97
CA PHE B 515 -46.91 -50.10 -7.09
C PHE B 515 -45.60 -49.77 -7.77
N VAL B 516 -45.34 -48.46 -7.95
CA VAL B 516 -44.15 -47.95 -8.63
C VAL B 516 -43.46 -46.97 -7.68
N GLY B 517 -42.12 -46.85 -7.82
CA GLY B 517 -41.40 -45.87 -7.05
C GLY B 517 -41.90 -44.46 -7.37
N ASN B 518 -41.89 -43.59 -6.35
CA ASN B 518 -42.30 -42.21 -6.57
C ASN B 518 -41.09 -41.41 -7.03
N ILE B 519 -41.13 -41.01 -8.32
CA ILE B 519 -40.03 -40.21 -8.93
C ILE B 519 -39.81 -38.87 -8.23
N ASN B 520 -40.87 -38.32 -7.65
CA ASN B 520 -40.80 -37.08 -6.92
C ASN B 520 -39.97 -37.27 -5.70
N SER B 521 -40.16 -38.46 -5.02
CA SER B 521 -39.36 -38.79 -3.84
C SER B 521 -37.91 -38.98 -4.18
N MET B 522 -37.58 -39.39 -5.44
CA MET B 522 -36.18 -39.46 -5.92
C MET B 522 -35.56 -38.06 -5.96
N LEU B 523 -36.33 -37.14 -6.57
CA LEU B 523 -35.96 -35.74 -6.70
C LEU B 523 -35.76 -35.03 -5.33
N ASN B 524 -36.72 -35.31 -4.42
CA ASN B 524 -36.66 -34.87 -3.04
C ASN B 524 -35.34 -35.33 -2.40
N ASN B 525 -35.07 -36.64 -2.44
CA ASN B 525 -33.87 -37.22 -1.89
C ASN B 525 -32.58 -36.66 -2.53
N GLN B 526 -32.52 -36.59 -3.90
CA GLN B 526 -31.29 -36.17 -4.60
C GLN B 526 -30.95 -34.72 -4.60
N PHE B 527 -31.97 -33.87 -4.61
CA PHE B 527 -31.77 -32.41 -4.67
C PHE B 527 -32.20 -31.60 -3.48
N SER B 528 -33.06 -32.15 -2.64
CA SER B 528 -33.44 -31.46 -1.42
C SER B 528 -33.20 -32.33 -0.18
N PRO B 529 -31.98 -32.88 0.09
CA PRO B 529 -31.79 -33.62 1.35
C PRO B 529 -32.14 -32.82 2.62
N GLU B 530 -32.46 -33.56 3.67
CA GLU B 530 -32.92 -32.94 4.88
C GLU B 530 -31.74 -32.35 5.62
N TYR B 531 -30.61 -33.03 5.56
CA TYR B 531 -29.35 -32.60 6.19
C TYR B 531 -28.24 -32.45 5.12
N GLY B 532 -27.18 -31.77 5.49
CA GLY B 532 -26.03 -31.70 4.60
C GLY B 532 -25.16 -32.94 4.71
N VAL B 533 -24.05 -32.95 4.00
CA VAL B 533 -23.11 -34.08 4.01
C VAL B 533 -22.35 -34.32 5.31
N GLN B 534 -22.22 -33.28 6.16
CA GLN B 534 -21.52 -33.27 7.47
C GLN B 534 -20.09 -33.69 7.30
N SER B 535 -19.39 -33.23 6.24
CA SER B 535 -18.00 -33.70 6.00
C SER B 535 -17.07 -33.51 7.23
N GLY B 536 -17.55 -32.65 8.14
CA GLY B 536 -16.89 -32.35 9.41
C GLY B 536 -16.79 -33.60 10.30
N VAL B 537 -17.89 -34.35 10.41
CA VAL B 537 -18.00 -35.56 11.22
C VAL B 537 -17.21 -36.69 10.59
N ARG B 538 -16.11 -37.08 11.27
CA ARG B 538 -15.18 -38.11 10.76
C ARG B 538 -15.88 -39.40 10.69
N ASP B 539 -16.44 -39.85 11.79
CA ASP B 539 -17.05 -41.14 11.74
C ASP B 539 -18.39 -41.11 10.92
N ARG B 540 -18.31 -41.57 9.69
CA ARG B 540 -19.46 -41.54 8.78
C ARG B 540 -20.68 -42.24 9.33
N SER B 541 -20.46 -43.21 10.25
CA SER B 541 -21.54 -43.96 10.90
C SER B 541 -22.44 -43.05 11.76
N LYS B 542 -21.85 -41.98 12.36
CA LYS B 542 -22.61 -41.05 13.19
C LYS B 542 -23.11 -39.79 12.46
N ARG B 543 -23.00 -39.76 11.10
CA ARG B 543 -23.60 -38.74 10.24
C ARG B 543 -25.08 -39.04 9.96
N LYS B 544 -25.84 -37.98 9.63
CA LYS B 544 -27.23 -38.08 9.23
C LYS B 544 -27.33 -38.76 7.85
N ARG B 545 -26.34 -38.50 6.95
CA ARG B 545 -26.28 -39.16 5.65
C ARG B 545 -24.87 -39.80 5.55
N PRO B 546 -24.66 -41.02 6.09
CA PRO B 546 -23.33 -41.62 6.12
C PRO B 546 -22.66 -41.82 4.75
N PHE B 547 -23.36 -42.45 3.78
CA PHE B 547 -22.74 -42.68 2.47
C PHE B 547 -23.67 -42.22 1.37
N PRO B 548 -23.80 -40.89 1.17
CA PRO B 548 -24.75 -40.37 0.15
C PRO B 548 -24.67 -40.96 -1.25
N GLY B 549 -23.44 -41.16 -1.76
CA GLY B 549 -23.11 -41.72 -3.06
C GLY B 549 -23.74 -43.05 -3.39
N LEU B 550 -23.86 -43.96 -2.37
CA LEU B 550 -24.44 -45.30 -2.52
C LEU B 550 -25.88 -45.33 -3.11
N ALA B 551 -26.66 -44.27 -2.88
CA ALA B 551 -28.04 -44.17 -3.35
C ALA B 551 -28.17 -44.48 -4.83
N TRP B 552 -27.12 -44.11 -5.62
CA TRP B 552 -27.05 -44.25 -7.07
C TRP B 552 -27.11 -45.65 -7.48
N ALA B 553 -26.49 -46.54 -6.68
CA ALA B 553 -26.45 -47.98 -6.93
C ALA B 553 -27.81 -48.62 -6.79
N SER B 554 -28.66 -48.11 -5.86
CA SER B 554 -30.01 -48.66 -5.67
C SER B 554 -31.11 -48.06 -6.58
N MET B 555 -30.85 -46.86 -7.22
CA MET B 555 -31.69 -45.97 -8.07
C MET B 555 -32.74 -46.53 -9.07
N LYS B 556 -32.29 -47.40 -10.03
CA LYS B 556 -33.15 -48.13 -10.98
C LYS B 556 -34.04 -49.10 -10.17
N ASP B 557 -33.44 -49.76 -9.17
CA ASP B 557 -34.19 -50.68 -8.33
C ASP B 557 -35.31 -50.02 -7.56
N THR B 558 -35.10 -48.81 -7.08
CA THR B 558 -36.14 -48.12 -6.34
C THR B 558 -37.21 -47.47 -7.26
N TYR B 559 -36.72 -46.53 -8.12
CA TYR B 559 -37.52 -45.66 -9.03
C TYR B 559 -37.75 -46.08 -10.51
N GLY B 560 -37.06 -47.15 -10.96
CA GLY B 560 -37.09 -47.68 -12.33
C GLY B 560 -38.40 -48.06 -13.00
N ALA B 561 -39.42 -48.42 -12.19
CA ALA B 561 -40.76 -48.79 -12.64
C ALA B 561 -41.70 -47.56 -12.77
N CYS B 562 -41.19 -46.32 -12.41
CA CYS B 562 -42.02 -45.13 -12.61
C CYS B 562 -42.05 -44.91 -14.12
N PRO B 563 -43.25 -44.79 -14.72
CA PRO B 563 -43.32 -44.57 -16.19
C PRO B 563 -42.31 -43.51 -16.73
N ILE B 564 -42.14 -42.38 -16.04
CA ILE B 564 -41.30 -41.33 -16.54
C ILE B 564 -39.81 -41.36 -16.12
N TYR B 565 -39.38 -42.50 -15.53
CA TYR B 565 -38.03 -42.72 -15.03
C TYR B 565 -36.91 -42.22 -15.96
N SER B 566 -36.84 -42.75 -17.20
CA SER B 566 -35.82 -42.42 -18.21
C SER B 566 -35.91 -40.94 -18.59
N ASP B 567 -37.14 -40.45 -18.86
CA ASP B 567 -37.41 -39.04 -19.20
C ASP B 567 -36.84 -38.09 -18.11
N VAL B 568 -37.10 -38.41 -16.83
CA VAL B 568 -36.63 -37.61 -15.68
C VAL B 568 -35.12 -37.59 -15.63
N LEU B 569 -34.48 -38.75 -15.78
CA LEU B 569 -33.03 -38.85 -15.71
C LEU B 569 -32.37 -38.11 -16.84
N GLU B 570 -33.01 -38.13 -18.06
CA GLU B 570 -32.52 -37.36 -19.21
C GLU B 570 -32.73 -35.86 -18.97
N ALA B 571 -33.93 -35.45 -18.41
CA ALA B 571 -34.24 -34.05 -18.04
C ALA B 571 -33.20 -33.51 -17.04
N ILE B 572 -32.86 -34.33 -16.02
CA ILE B 572 -31.84 -34.01 -15.01
C ILE B 572 -30.52 -33.74 -15.70
N GLU B 573 -30.13 -34.68 -16.61
CA GLU B 573 -28.87 -34.63 -17.32
C GLU B 573 -28.75 -33.35 -18.09
N ARG B 574 -29.84 -33.03 -18.85
CA ARG B 574 -29.96 -31.84 -19.68
C ARG B 574 -29.80 -30.57 -18.86
N CYS B 575 -30.52 -30.49 -17.71
CA CYS B 575 -30.48 -29.33 -16.79
C CYS B 575 -29.20 -29.11 -15.98
N TRP B 576 -28.49 -30.23 -15.71
CA TRP B 576 -27.26 -30.23 -14.96
C TRP B 576 -26.21 -29.79 -15.88
N TRP B 577 -26.38 -30.23 -17.14
CA TRP B 577 -25.49 -29.89 -18.23
C TRP B 577 -25.49 -28.40 -18.53
N ASN B 578 -26.68 -27.78 -18.54
CA ASN B 578 -26.88 -26.35 -18.75
C ASN B 578 -26.34 -25.52 -17.61
N ALA B 579 -26.53 -25.99 -16.36
CA ALA B 579 -26.15 -25.29 -15.12
C ALA B 579 -24.75 -25.46 -14.64
N PHE B 580 -24.18 -26.67 -14.77
CA PHE B 580 -22.84 -26.98 -14.25
C PHE B 580 -21.73 -27.24 -15.33
N GLY B 581 -22.19 -27.49 -16.59
CA GLY B 581 -21.35 -27.83 -17.74
C GLY B 581 -20.71 -29.18 -17.50
N GLU B 582 -21.53 -30.12 -16.95
CA GLU B 582 -21.06 -31.42 -16.49
C GLU B 582 -22.08 -32.52 -16.61
N SER B 583 -21.59 -33.78 -16.61
CA SER B 583 -22.52 -34.94 -16.60
C SER B 583 -22.97 -35.30 -15.19
N TYR B 584 -24.29 -35.14 -14.92
CA TYR B 584 -24.79 -35.50 -13.61
C TYR B 584 -24.54 -36.99 -13.32
N ARG B 585 -24.82 -37.85 -14.31
CA ARG B 585 -24.62 -39.29 -14.23
C ARG B 585 -23.18 -39.60 -13.80
N ALA B 586 -22.20 -38.99 -14.49
CA ALA B 586 -20.79 -39.16 -14.22
C ALA B 586 -20.43 -38.74 -12.78
N TYR B 587 -20.91 -37.54 -12.42
CA TYR B 587 -20.72 -36.94 -11.10
C TYR B 587 -21.09 -37.94 -9.98
N ARG B 588 -22.23 -38.60 -10.21
CA ARG B 588 -22.90 -39.52 -9.31
C ARG B 588 -22.20 -40.87 -9.25
N GLU B 589 -21.54 -41.24 -10.37
CA GLU B 589 -20.81 -42.48 -10.51
C GLU B 589 -19.54 -42.35 -9.74
N ASP B 590 -18.92 -41.15 -9.79
CA ASP B 590 -17.73 -40.95 -9.01
C ASP B 590 -18.05 -41.04 -7.54
N MET B 591 -19.15 -40.37 -7.14
CA MET B 591 -19.61 -40.34 -5.75
C MET B 591 -19.81 -41.74 -5.23
N LEU B 592 -20.48 -42.58 -6.04
CA LEU B 592 -20.74 -43.98 -5.75
C LEU B 592 -19.46 -44.75 -5.53
N LYS B 593 -18.53 -44.65 -6.48
CA LYS B 593 -17.22 -45.31 -6.38
C LYS B 593 -16.55 -44.91 -5.05
N ARG B 594 -16.44 -43.58 -4.78
CA ARG B 594 -15.80 -43.03 -3.57
C ARG B 594 -16.41 -43.57 -2.27
N ASP B 595 -17.76 -43.53 -2.20
CA ASP B 595 -18.49 -44.01 -1.05
C ASP B 595 -18.43 -45.54 -0.90
N THR B 596 -18.32 -46.31 -2.03
CA THR B 596 -18.16 -47.76 -1.95
C THR B 596 -16.81 -48.09 -1.26
N LEU B 597 -15.75 -47.34 -1.63
CA LEU B 597 -14.43 -47.51 -1.05
C LEU B 597 -14.41 -47.10 0.39
N GLU B 598 -15.14 -46.00 0.72
CA GLU B 598 -15.21 -45.47 2.07
C GLU B 598 -15.95 -46.46 2.99
N LEU B 599 -16.99 -47.08 2.46
CA LEU B 599 -17.77 -48.07 3.16
C LEU B 599 -16.93 -49.24 3.65
N SER B 600 -15.98 -49.73 2.84
CA SER B 600 -15.11 -50.86 3.23
C SER B 600 -14.38 -50.61 4.59
N ARG B 601 -14.20 -49.32 4.89
CA ARG B 601 -13.54 -48.84 6.07
C ARG B 601 -14.42 -48.87 7.31
N TYR B 602 -15.70 -49.33 7.13
CA TYR B 602 -16.75 -49.51 8.15
C TYR B 602 -17.31 -50.92 8.22
N VAL B 603 -17.17 -51.71 7.13
CA VAL B 603 -17.61 -53.10 7.05
C VAL B 603 -16.41 -54.03 7.03
N ALA B 604 -16.07 -54.60 8.22
CA ALA B 604 -14.93 -55.52 8.42
C ALA B 604 -15.05 -56.79 7.55
N SER B 605 -16.32 -57.29 7.41
CA SER B 605 -16.71 -58.51 6.68
C SER B 605 -16.47 -58.35 5.19
N MET B 606 -16.89 -57.16 4.65
CA MET B 606 -16.76 -56.74 3.26
C MET B 606 -15.31 -56.58 3.04
N ALA B 607 -14.78 -57.34 2.07
CA ALA B 607 -13.35 -57.30 1.81
C ALA B 607 -12.94 -55.87 1.52
N ARG B 608 -11.70 -55.57 1.93
CA ARG B 608 -11.02 -54.30 1.86
C ARG B 608 -11.31 -53.43 0.59
N GLN B 609 -11.84 -54.06 -0.52
CA GLN B 609 -12.28 -53.48 -1.82
C GLN B 609 -13.37 -54.33 -2.60
N ALA B 610 -13.93 -55.37 -1.95
CA ALA B 610 -14.92 -56.33 -2.46
C ALA B 610 -16.02 -55.88 -3.43
N GLY B 611 -16.52 -54.63 -3.32
CA GLY B 611 -17.63 -54.12 -4.13
C GLY B 611 -18.98 -54.43 -3.50
N LEU B 612 -19.98 -53.61 -3.78
CA LEU B 612 -21.32 -53.69 -3.18
C LEU B 612 -22.10 -55.02 -3.38
N ALA B 613 -21.39 -56.04 -3.86
CA ALA B 613 -21.87 -57.36 -4.23
C ALA B 613 -22.99 -57.90 -3.36
N GLU B 614 -22.68 -58.04 -2.07
CA GLU B 614 -23.62 -58.64 -1.13
C GLU B 614 -24.72 -57.74 -0.59
N LEU B 615 -24.70 -56.42 -0.98
CA LEU B 615 -25.67 -55.40 -0.52
C LEU B 615 -26.93 -55.33 -1.34
N THR B 616 -28.07 -55.22 -0.62
CA THR B 616 -29.40 -55.11 -1.15
C THR B 616 -29.69 -53.64 -1.49
N PRO B 617 -30.73 -53.33 -2.32
CA PRO B 617 -31.06 -51.91 -2.58
C PRO B 617 -31.44 -51.18 -1.30
N ILE B 618 -32.20 -51.89 -0.40
CA ILE B 618 -32.55 -51.39 0.92
C ILE B 618 -31.29 -51.01 1.74
N ASP B 619 -30.29 -51.89 1.79
CA ASP B 619 -29.02 -51.63 2.48
C ASP B 619 -28.40 -50.35 1.96
N LEU B 620 -28.47 -50.13 0.64
CA LEU B 620 -27.91 -48.92 0.01
C LEU B 620 -28.69 -47.62 0.31
N GLU B 621 -30.04 -47.69 0.14
CA GLU B 621 -30.96 -46.57 0.40
C GLU B 621 -30.85 -46.06 1.88
N VAL B 622 -30.65 -47.05 2.83
CA VAL B 622 -30.50 -46.84 4.25
C VAL B 622 -29.15 -46.28 4.57
N LEU B 623 -28.08 -46.77 3.93
CA LEU B 623 -26.74 -46.27 4.23
C LEU B 623 -26.58 -44.82 3.76
N ALA B 624 -27.39 -44.43 2.73
CA ALA B 624 -27.36 -43.09 2.17
C ALA B 624 -28.30 -42.18 2.99
N ASP B 625 -29.36 -42.81 3.60
CA ASP B 625 -30.40 -42.14 4.41
C ASP B 625 -30.96 -43.01 5.52
N PRO B 626 -30.31 -43.07 6.70
CA PRO B 626 -30.83 -43.94 7.79
C PRO B 626 -32.16 -43.53 8.41
N ASN B 627 -32.60 -42.31 8.13
CA ASN B 627 -33.96 -41.83 8.50
C ASN B 627 -35.03 -42.78 7.88
N LYS B 628 -34.76 -43.40 6.68
CA LYS B 628 -35.64 -44.33 5.95
C LYS B 628 -35.83 -45.60 6.74
N LEU B 629 -35.00 -45.80 7.74
CA LEU B 629 -35.13 -46.97 8.57
C LEU B 629 -36.16 -46.73 9.69
N GLN B 630 -36.46 -45.42 9.96
CA GLN B 630 -37.36 -44.90 10.98
C GLN B 630 -38.77 -44.64 10.43
N TYR B 631 -38.96 -44.73 9.10
CA TYR B 631 -40.26 -44.42 8.58
C TYR B 631 -40.69 -45.28 7.40
N LYS B 632 -39.73 -45.81 6.63
CA LYS B 632 -40.06 -46.57 5.43
C LYS B 632 -39.87 -48.07 5.63
N TRP B 633 -38.80 -48.44 6.39
CA TRP B 633 -38.49 -49.83 6.72
C TRP B 633 -38.25 -50.01 8.15
N THR B 634 -37.70 -51.20 8.43
CA THR B 634 -37.28 -51.61 9.74
C THR B 634 -35.87 -52.27 9.75
N GLU B 635 -35.35 -52.37 10.96
CA GLU B 635 -34.09 -52.97 11.32
C GLU B 635 -33.97 -54.37 10.69
N ALA B 636 -35.03 -55.18 10.74
CA ALA B 636 -34.96 -56.56 10.27
C ALA B 636 -34.71 -56.69 8.77
N ASP B 637 -35.10 -55.65 8.02
CA ASP B 637 -35.07 -55.58 6.56
C ASP B 637 -33.70 -55.25 6.01
N VAL B 638 -32.76 -55.01 6.93
CA VAL B 638 -31.36 -54.65 6.64
C VAL B 638 -30.44 -55.78 7.01
N SER B 639 -29.49 -56.12 6.07
CA SER B 639 -28.44 -57.12 6.20
C SER B 639 -27.75 -57.01 7.58
N ALA B 640 -27.30 -58.14 8.06
CA ALA B 640 -26.68 -58.24 9.37
C ALA B 640 -25.46 -57.33 9.55
N ASN B 641 -24.57 -57.34 8.54
CA ASN B 641 -23.35 -56.54 8.53
C ASN B 641 -23.59 -55.05 8.45
N ILE B 642 -24.65 -54.65 7.80
CA ILE B 642 -24.98 -53.25 7.61
C ILE B 642 -25.58 -52.70 8.90
N HIS B 643 -26.41 -53.51 9.58
CA HIS B 643 -27.04 -53.18 10.85
C HIS B 643 -25.99 -52.69 11.85
N GLU B 644 -24.88 -53.42 11.95
CA GLU B 644 -23.77 -53.13 12.83
C GLU B 644 -23.00 -51.81 12.55
N VAL B 645 -23.20 -51.22 11.38
CA VAL B 645 -22.61 -49.94 10.98
C VAL B 645 -23.42 -48.82 11.68
N LEU B 646 -24.70 -49.05 11.80
CA LEU B 646 -25.61 -48.03 12.29
C LEU B 646 -26.01 -48.17 13.71
N MET B 647 -25.96 -49.40 14.29
CA MET B 647 -26.43 -49.64 15.65
C MET B 647 -25.43 -50.39 16.45
N HIS B 648 -25.63 -50.38 17.76
CA HIS B 648 -24.99 -51.22 18.77
C HIS B 648 -26.05 -51.64 19.86
N GLY B 649 -26.01 -52.90 20.30
CA GLY B 649 -26.96 -53.36 21.31
C GLY B 649 -26.45 -53.83 22.65
N VAL B 650 -27.32 -53.72 23.69
CA VAL B 650 -27.07 -54.17 25.07
C VAL B 650 -27.39 -55.66 24.97
N SER B 651 -26.62 -56.57 25.58
CA SER B 651 -26.91 -58.03 25.50
C SER B 651 -28.35 -58.43 25.88
N VAL B 652 -28.91 -59.38 25.14
CA VAL B 652 -30.28 -59.86 25.39
C VAL B 652 -30.37 -60.57 26.76
N GLU B 653 -29.22 -60.95 27.34
CA GLU B 653 -29.15 -61.51 28.70
C GLU B 653 -29.72 -60.47 29.65
N LYS B 654 -29.27 -59.20 29.52
CA LYS B 654 -29.67 -58.08 30.37
C LYS B 654 -31.13 -57.73 30.18
N THR B 655 -31.58 -57.70 28.89
CA THR B 655 -32.95 -57.35 28.50
C THR B 655 -33.91 -58.46 28.89
N GLU B 656 -33.52 -59.72 28.62
CA GLU B 656 -34.17 -61.00 28.97
C GLU B 656 -34.64 -61.00 30.42
N ARG B 657 -33.73 -60.65 31.33
CA ARG B 657 -33.94 -60.57 32.76
C ARG B 657 -34.92 -59.40 33.10
N PHE B 658 -34.76 -58.26 32.42
CA PHE B 658 -35.57 -57.08 32.64
C PHE B 658 -36.98 -57.39 32.27
N LEU B 659 -37.17 -57.93 31.07
CA LEU B 659 -38.46 -58.27 30.51
C LEU B 659 -39.28 -59.22 31.37
N ARG B 660 -38.58 -60.15 32.05
CA ARG B 660 -39.16 -61.13 32.95
C ARG B 660 -39.89 -60.40 34.10
N SER B 661 -39.22 -59.38 34.63
CA SER B 661 -39.72 -58.58 35.74
C SER B 661 -40.91 -57.65 35.40
N VAL B 662 -41.15 -57.38 34.09
CA VAL B 662 -42.20 -56.48 33.60
C VAL B 662 -43.49 -57.26 33.27
N MET B 663 -43.35 -58.24 32.41
CA MET B 663 -44.39 -59.04 31.81
C MET B 663 -45.23 -59.90 32.74
N PRO B 664 -46.51 -60.25 32.30
CA PRO B 664 -47.41 -61.02 33.18
C PRO B 664 -47.07 -62.45 33.48
N ARG B 665 -47.53 -62.89 34.68
CA ARG B 665 -47.49 -64.22 35.34
C ARG B 665 -46.31 -65.15 35.02
N PRO C 2 56.95 23.37 -21.56
CA PRO C 2 57.91 24.05 -20.63
C PRO C 2 57.38 24.03 -19.19
N ARG C 3 56.50 23.01 -19.00
CA ARG C 3 55.65 22.56 -17.90
C ARG C 3 54.18 22.59 -18.41
N ARG C 4 54.01 22.55 -19.80
CA ARG C 4 52.69 22.60 -20.49
C ARG C 4 51.56 21.77 -19.84
N ALA C 5 50.63 22.51 -19.25
CA ALA C 5 49.60 22.01 -18.39
C ALA C 5 48.62 21.09 -19.05
N PRO C 6 48.28 19.92 -18.37
CA PRO C 6 47.19 19.07 -18.90
C PRO C 6 45.83 19.82 -18.81
N ALA C 7 45.02 19.77 -19.88
CA ALA C 7 43.73 20.45 -19.89
C ALA C 7 42.65 19.45 -20.26
N PHE C 8 41.53 19.49 -19.54
CA PHE C 8 40.42 18.55 -19.75
C PHE C 8 39.15 19.28 -20.06
N PRO C 9 38.37 18.79 -21.06
CA PRO C 9 37.11 19.45 -21.38
C PRO C 9 36.07 19.10 -20.32
N LEU C 10 34.93 19.81 -20.31
CA LEU C 10 33.89 19.51 -19.30
C LEU C 10 33.46 18.09 -19.44
N SER C 11 33.34 17.65 -20.72
CA SER C 11 33.04 16.31 -21.20
C SER C 11 33.84 15.23 -20.42
N ASP C 12 35.14 15.45 -20.15
CA ASP C 12 36.00 14.53 -19.45
C ASP C 12 35.57 14.32 -18.01
N ILE C 13 35.66 13.04 -17.59
CA ILE C 13 35.36 12.59 -16.23
C ILE C 13 36.07 13.44 -15.17
N LYS C 14 37.33 13.87 -15.40
CA LYS C 14 38.07 14.68 -14.43
C LYS C 14 37.38 16.00 -14.13
N ALA C 15 36.74 16.59 -15.12
CA ALA C 15 36.02 17.86 -14.99
C ALA C 15 34.68 17.58 -14.36
N GLN C 16 34.08 16.48 -14.83
CA GLN C 16 32.78 16.00 -14.37
C GLN C 16 32.77 15.81 -12.87
N MET C 17 33.85 15.24 -12.33
CA MET C 17 34.04 14.91 -10.94
C MET C 17 34.03 16.09 -10.03
N LEU C 18 34.09 17.30 -10.58
CA LEU C 18 34.10 18.51 -9.74
C LEU C 18 32.74 19.17 -9.49
N PHE C 19 31.73 18.54 -10.03
CA PHE C 19 30.43 19.07 -9.85
C PHE C 19 29.56 18.00 -9.38
N ALA C 20 28.99 18.26 -8.18
CA ALA C 20 28.06 17.37 -7.51
C ALA C 20 26.75 17.15 -8.33
N ASN C 21 26.09 15.98 -8.12
CA ASN C 21 24.84 15.67 -8.80
C ASN C 21 23.65 16.44 -8.16
N ASN C 22 23.70 17.76 -8.38
CA ASN C 22 22.70 18.73 -7.96
C ASN C 22 22.70 19.87 -8.95
N ILE C 23 21.58 20.56 -8.98
CA ILE C 23 21.35 21.60 -9.94
C ILE C 23 22.33 22.79 -9.91
N LYS C 24 22.53 23.45 -8.77
CA LYS C 24 23.44 24.61 -8.69
C LYS C 24 24.82 24.27 -9.29
N ALA C 25 25.39 23.06 -8.88
CA ALA C 25 26.70 22.56 -9.26
C ALA C 25 26.72 22.29 -10.75
N GLN C 26 25.69 21.62 -11.24
CA GLN C 26 25.64 21.30 -12.66
C GLN C 26 25.58 22.54 -13.53
N GLN C 27 24.76 23.57 -13.19
CA GLN C 27 24.72 24.79 -14.02
C GLN C 27 26.01 25.51 -13.92
N ALA C 28 26.67 25.49 -12.73
CA ALA C 28 27.93 26.18 -12.58
C ALA C 28 28.88 25.66 -13.64
N SER C 29 28.93 24.30 -13.80
CA SER C 29 29.80 23.61 -14.76
C SER C 29 29.55 24.09 -16.18
N LYS C 30 28.25 24.15 -16.57
CA LYS C 30 27.73 24.53 -17.90
C LYS C 30 27.58 26.01 -18.20
N ARG C 31 27.42 26.89 -17.15
CA ARG C 31 27.19 28.34 -17.24
C ARG C 31 27.89 28.97 -18.40
N SER C 32 27.08 29.48 -19.31
CA SER C 32 27.43 30.09 -20.57
C SER C 32 27.88 31.50 -20.35
N PHE C 33 28.64 32.10 -21.30
CA PHE C 33 29.08 33.49 -21.18
C PHE C 33 27.82 34.32 -21.11
N LYS C 34 27.65 35.15 -20.06
CA LYS C 34 26.46 36.02 -19.91
C LYS C 34 26.89 37.48 -19.81
N GLU C 35 26.08 38.39 -20.43
CA GLU C 35 26.31 39.83 -20.51
C GLU C 35 25.02 40.46 -20.14
N GLY C 36 24.98 41.72 -19.78
CA GLY C 36 23.72 42.41 -19.51
C GLY C 36 23.79 43.49 -18.47
N ALA C 37 23.06 44.61 -18.71
CA ALA C 37 23.04 45.79 -17.82
C ALA C 37 22.67 45.51 -16.39
N ILE C 38 23.45 46.13 -15.49
CA ILE C 38 23.18 46.01 -14.05
C ILE C 38 22.07 46.98 -13.57
N GLU C 39 21.36 46.59 -12.49
CA GLU C 39 20.38 47.51 -11.95
C GLU C 39 21.18 48.34 -10.97
N THR C 40 21.78 49.44 -11.47
CA THR C 40 22.62 50.37 -10.70
C THR C 40 21.92 50.71 -9.36
N TYR C 41 20.67 51.21 -9.44
CA TYR C 41 19.79 51.50 -8.33
C TYR C 41 18.52 50.86 -8.72
N GLU C 42 17.77 50.46 -7.74
CA GLU C 42 16.46 49.80 -7.85
C GLU C 42 15.62 50.60 -8.89
N GLY C 43 15.32 49.95 -9.98
CA GLY C 43 14.55 50.55 -11.06
C GLY C 43 15.31 51.30 -12.12
N LEU C 44 16.59 51.50 -11.91
CA LEU C 44 17.47 52.22 -12.86
C LEU C 44 18.61 51.35 -13.45
N LEU C 45 18.63 51.17 -14.82
CA LEU C 45 19.69 50.37 -15.44
C LEU C 45 20.91 51.16 -15.76
N SER C 46 22.08 50.50 -15.70
CA SER C 46 23.37 51.13 -16.02
C SER C 46 23.37 51.73 -17.42
N VAL C 47 22.51 51.20 -18.33
CA VAL C 47 22.45 51.61 -19.73
C VAL C 47 21.30 52.52 -20.07
N ASP C 48 20.58 52.99 -19.03
CA ASP C 48 19.48 53.94 -19.19
C ASP C 48 20.08 55.18 -19.85
N PRO C 49 19.48 55.68 -20.94
CA PRO C 49 20.07 56.80 -21.68
C PRO C 49 20.37 58.02 -20.84
N ARG C 50 19.39 58.33 -19.92
CA ARG C 50 19.48 59.49 -19.05
C ARG C 50 20.65 59.36 -18.19
N PHE C 51 20.88 58.12 -17.63
CA PHE C 51 21.98 57.76 -16.72
C PHE C 51 23.30 57.89 -17.45
N LEU C 52 23.29 57.36 -18.68
CA LEU C 52 24.40 57.44 -19.60
C LEU C 52 24.65 58.88 -20.01
N SER C 53 23.59 59.69 -20.16
CA SER C 53 23.78 61.12 -20.45
C SER C 53 24.45 61.83 -19.24
N PHE C 54 23.92 61.56 -18.01
CA PHE C 54 24.35 62.10 -16.75
C PHE C 54 25.83 61.86 -16.61
N LYS C 55 26.25 60.61 -16.93
CA LYS C 55 27.67 60.25 -16.85
C LYS C 55 28.49 61.05 -17.83
N ASN C 56 27.96 61.23 -19.06
CA ASN C 56 28.65 62.03 -20.06
C ASN C 56 28.87 63.48 -19.57
N GLU C 57 27.77 64.15 -19.15
CA GLU C 57 27.85 65.51 -18.63
C GLU C 57 28.74 65.66 -17.34
N LEU C 58 28.54 64.75 -16.35
CA LEU C 58 29.30 64.80 -15.12
C LEU C 58 30.80 64.56 -15.30
N SER C 59 31.20 63.50 -16.04
CA SER C 59 32.62 63.17 -16.28
C SER C 59 33.38 64.29 -16.97
N ARG C 60 32.75 64.91 -17.99
CA ARG C 60 33.29 66.01 -18.76
C ARG C 60 33.45 67.23 -17.88
N TYR C 61 32.36 67.66 -17.17
CA TYR C 61 32.42 68.83 -16.28
C TYR C 61 33.47 68.71 -15.17
N LEU C 62 33.53 67.57 -14.47
CA LEU C 62 34.46 67.40 -13.38
C LEU C 62 35.91 67.39 -13.86
N THR C 63 36.19 66.78 -15.03
CA THR C 63 37.56 66.75 -15.55
C THR C 63 37.91 68.19 -15.89
N ASP C 64 36.91 68.88 -16.48
CA ASP C 64 36.97 70.26 -16.93
C ASP C 64 37.36 71.28 -15.85
N HIS C 65 36.74 71.18 -14.69
CA HIS C 65 36.91 72.08 -13.56
C HIS C 65 37.89 71.61 -12.52
N PHE C 66 38.12 70.32 -12.44
CA PHE C 66 39.02 69.82 -11.42
C PHE C 66 40.10 68.93 -12.02
N PRO C 67 41.07 69.56 -12.71
CA PRO C 67 42.13 68.79 -13.35
C PRO C 67 43.07 68.27 -12.28
N ALA C 68 43.73 67.13 -12.56
CA ALA C 68 44.63 66.46 -11.61
C ALA C 68 45.68 67.36 -11.04
N ASN C 69 45.89 67.28 -9.71
CA ASN C 69 46.93 68.04 -8.98
C ASN C 69 47.93 67.05 -8.37
N VAL C 70 48.82 66.49 -9.22
CA VAL C 70 49.84 65.52 -8.80
C VAL C 70 51.19 65.98 -9.27
N ASP C 71 52.11 66.24 -8.34
CA ASP C 71 53.44 66.74 -8.68
C ASP C 71 54.38 65.77 -9.43
N GLU C 72 55.57 66.23 -9.79
CA GLU C 72 56.63 65.52 -10.53
C GLU C 72 57.07 64.26 -9.81
N TYR C 73 56.75 64.24 -8.52
CA TYR C 73 57.06 63.24 -7.51
C TYR C 73 55.90 62.27 -7.21
N GLY C 74 54.85 62.34 -8.02
CA GLY C 74 53.65 61.54 -7.85
C GLY C 74 52.92 61.88 -6.57
N ARG C 75 53.15 63.10 -6.02
CA ARG C 75 52.53 63.62 -4.79
C ARG C 75 51.26 64.40 -5.07
N VAL C 76 50.28 64.18 -4.20
CA VAL C 76 48.97 64.81 -4.29
C VAL C 76 48.81 66.08 -3.48
N TYR C 77 48.38 67.16 -4.20
CA TYR C 77 48.23 68.48 -3.60
C TYR C 77 46.90 69.10 -4.07
N GLY C 78 46.68 70.34 -3.64
CA GLY C 78 45.54 71.17 -4.00
C GLY C 78 44.18 70.50 -3.89
N ASN C 79 43.51 70.31 -5.04
CA ASN C 79 42.16 69.77 -5.12
C ASN C 79 41.97 68.30 -4.73
N GLY C 80 43.08 67.55 -4.65
CA GLY C 80 43.08 66.12 -4.32
C GLY C 80 42.52 65.27 -5.45
N VAL C 81 42.86 65.64 -6.71
CA VAL C 81 42.43 64.90 -7.90
C VAL C 81 43.65 64.30 -8.57
N ARG C 82 43.58 62.98 -8.89
CA ARG C 82 44.70 62.28 -9.56
C ARG C 82 44.56 61.92 -11.03
N THR C 83 43.34 61.97 -11.57
CA THR C 83 43.06 61.80 -13.01
C THR C 83 41.78 62.49 -13.43
N ASN C 84 41.39 62.09 -14.63
CA ASN C 84 40.15 62.55 -15.20
C ASN C 84 39.00 61.83 -14.48
N PHE C 85 37.82 62.12 -14.88
CA PHE C 85 36.67 61.52 -14.33
C PHE C 85 36.03 60.69 -15.42
N PHE C 86 36.83 60.29 -16.43
CA PHE C 86 36.31 59.47 -17.54
C PHE C 86 36.19 57.98 -17.28
N GLY C 87 36.74 57.53 -16.17
CA GLY C 87 36.67 56.12 -15.79
C GLY C 87 35.27 55.65 -15.55
N MET C 88 34.33 56.59 -15.33
CA MET C 88 32.93 56.23 -15.09
C MET C 88 32.20 55.83 -16.39
N ARG C 89 32.77 56.21 -17.53
CA ARG C 89 32.21 56.00 -18.85
C ARG C 89 32.24 54.55 -19.40
N HIS C 90 31.56 53.62 -18.69
CA HIS C 90 31.41 52.21 -19.09
C HIS C 90 29.96 51.74 -19.11
N MET C 91 29.71 50.75 -19.94
CA MET C 91 28.39 50.14 -20.03
C MET C 91 28.38 48.97 -19.00
N ASN C 92 28.16 49.33 -17.73
CA ASN C 92 28.23 48.37 -16.62
C ASN C 92 27.36 47.12 -16.81
N GLY C 93 27.99 45.96 -16.71
CA GLY C 93 27.33 44.68 -16.87
C GLY C 93 27.70 44.04 -18.19
N PHE C 94 28.32 44.85 -19.12
CA PHE C 94 28.83 44.41 -20.43
C PHE C 94 30.36 44.37 -20.42
N PRO C 95 30.93 43.16 -20.55
CA PRO C 95 32.37 43.04 -20.44
C PRO C 95 33.17 43.27 -21.69
N MET C 96 34.44 43.55 -21.51
CA MET C 96 35.40 43.54 -22.58
C MET C 96 35.46 42.04 -23.04
N ILE C 97 35.70 41.80 -24.35
CA ILE C 97 35.80 40.43 -24.88
C ILE C 97 37.12 40.22 -25.60
N PRO C 98 37.83 39.11 -25.30
CA PRO C 98 37.48 38.10 -24.30
C PRO C 98 38.13 38.45 -22.95
N ALA C 99 37.79 37.66 -21.91
CA ALA C 99 38.48 37.70 -20.63
C ALA C 99 39.73 36.80 -20.75
N THR C 100 40.70 37.02 -19.87
CA THR C 100 41.90 36.22 -19.97
C THR C 100 41.75 34.75 -19.51
N TRP C 101 42.52 33.90 -20.14
CA TRP C 101 42.66 32.56 -19.66
C TRP C 101 43.76 32.69 -18.55
N PRO C 102 43.50 32.13 -17.31
CA PRO C 102 44.53 32.17 -16.27
C PRO C 102 45.79 31.41 -16.65
N LEU C 103 46.95 32.00 -16.37
CA LEU C 103 48.18 31.32 -16.64
C LEU C 103 48.33 30.24 -15.59
N ALA C 104 48.45 28.97 -16.13
CA ALA C 104 48.67 27.72 -15.41
C ALA C 104 50.08 27.75 -14.73
N SER C 105 51.06 28.55 -15.24
CA SER C 105 52.36 28.67 -14.59
C SER C 105 52.99 30.03 -14.84
N ASN C 106 53.41 30.68 -13.77
CA ASN C 106 53.99 32.00 -13.84
C ASN C 106 55.52 31.93 -13.88
N LEU C 107 56.05 30.70 -14.09
CA LEU C 107 57.50 30.52 -13.97
C LEU C 107 58.30 31.26 -14.99
N LYS C 108 57.93 31.06 -16.31
CA LYS C 108 58.61 31.77 -17.40
C LYS C 108 58.33 33.25 -17.24
N LYS C 109 57.03 33.63 -17.18
CA LYS C 109 56.67 35.04 -16.98
C LYS C 109 57.57 35.79 -15.89
N ARG C 110 57.75 35.16 -14.66
CA ARG C 110 58.55 35.72 -13.55
C ARG C 110 60.01 35.89 -13.97
N ALA C 111 60.56 34.79 -14.53
CA ALA C 111 61.90 34.68 -15.00
C ALA C 111 62.22 35.73 -16.05
N ASP C 112 61.35 35.87 -17.08
CA ASP C 112 61.49 36.85 -18.14
C ASP C 112 61.43 38.26 -17.60
N ALA C 113 60.73 38.48 -16.45
CA ALA C 113 60.66 39.82 -15.84
C ALA C 113 61.87 40.05 -14.97
N ASP C 114 62.88 39.13 -15.06
CA ASP C 114 64.13 39.15 -14.30
C ASP C 114 63.82 39.21 -12.77
N LEU C 115 62.86 38.34 -12.38
CA LEU C 115 62.45 38.20 -11.01
C LEU C 115 63.03 36.88 -10.50
N ALA C 116 63.62 36.96 -9.23
CA ALA C 116 64.26 35.89 -8.43
C ALA C 116 63.40 34.63 -8.29
N ASP C 117 64.03 33.45 -8.46
CA ASP C 117 63.32 32.16 -8.33
C ASP C 117 63.52 31.52 -6.93
N GLY C 118 63.86 32.35 -5.97
CA GLY C 118 64.15 31.99 -4.59
C GLY C 118 64.83 33.18 -3.89
N PRO C 119 65.00 33.15 -2.53
CA PRO C 119 65.63 34.30 -1.83
C PRO C 119 67.00 34.53 -2.45
N VAL C 120 67.44 35.79 -2.52
CA VAL C 120 68.70 36.11 -3.17
C VAL C 120 69.83 35.85 -2.17
N SER C 121 69.72 36.50 -1.00
CA SER C 121 70.69 36.39 0.06
C SER C 121 70.10 35.61 1.22
N GLU C 122 71.00 35.20 2.14
CA GLU C 122 70.58 34.50 3.34
C GLU C 122 69.71 35.39 4.18
N ARG C 123 70.04 36.70 4.26
CA ARG C 123 69.28 37.69 5.00
C ARG C 123 67.82 37.61 4.57
N ASP C 124 67.55 37.66 3.24
CA ASP C 124 66.21 37.60 2.66
C ASP C 124 65.55 36.32 3.07
N ASN C 125 66.30 35.19 3.02
CA ASN C 125 65.80 33.87 3.44
C ASN C 125 65.36 33.90 4.93
N LEU C 126 66.15 34.56 5.76
CA LEU C 126 65.86 34.72 7.18
C LEU C 126 64.64 35.55 7.35
N LEU C 127 64.60 36.68 6.71
CA LEU C 127 63.50 37.61 6.80
C LEU C 127 62.12 37.01 6.36
N PHE C 128 62.09 36.25 5.25
CA PHE C 128 60.87 35.62 4.80
C PHE C 128 60.45 34.56 5.78
N ARG C 129 61.41 33.78 6.29
CA ARG C 129 61.18 32.79 7.34
C ARG C 129 60.72 33.48 8.69
N ALA C 130 61.36 34.55 9.11
CA ALA C 130 60.96 35.32 10.27
C ALA C 130 59.54 35.96 10.15
N ALA C 131 59.11 36.32 8.95
CA ALA C 131 57.76 36.79 8.74
C ALA C 131 56.82 35.64 9.13
N VAL C 132 57.15 34.36 8.72
CA VAL C 132 56.38 33.10 8.96
C VAL C 132 56.32 32.86 10.46
N ARG C 133 57.51 32.98 11.11
CA ARG C 133 57.69 32.76 12.53
C ARG C 133 56.85 33.69 13.34
N LEU C 134 56.91 34.99 13.00
CA LEU C 134 56.10 36.00 13.68
C LEU C 134 54.58 35.89 13.38
N MET C 135 54.17 35.65 12.12
CA MET C 135 52.77 35.54 11.77
C MET C 135 52.07 34.34 12.35
N PHE C 136 52.74 33.17 12.35
CA PHE C 136 52.12 31.91 12.74
C PHE C 136 52.35 31.41 14.14
N SER C 137 53.00 32.21 14.99
CA SER C 137 53.37 31.70 16.31
C SER C 137 52.34 31.58 17.46
N ASP C 138 52.03 32.68 18.17
CA ASP C 138 51.21 32.51 19.36
C ASP C 138 49.76 32.80 19.14
N LEU C 139 49.09 31.86 18.40
CA LEU C 139 47.69 31.96 17.97
C LEU C 139 46.60 31.61 18.94
N GLU C 140 45.59 32.47 19.00
CA GLU C 140 44.40 32.26 19.82
C GLU C 140 43.16 31.81 19.00
N PRO C 141 42.52 30.67 19.39
CA PRO C 141 41.38 30.16 18.61
C PRO C 141 40.16 31.04 18.65
N VAL C 142 39.61 31.21 17.48
CA VAL C 142 38.40 32.00 17.26
C VAL C 142 37.40 31.19 16.42
N PRO C 143 36.11 31.48 16.55
CA PRO C 143 35.15 30.80 15.71
C PRO C 143 35.49 30.99 14.20
N LEU C 144 35.26 29.94 13.40
CA LEU C 144 35.40 29.98 11.95
C LEU C 144 34.17 30.77 11.40
N LYS C 145 34.38 32.02 10.99
CA LYS C 145 33.27 32.83 10.49
C LYS C 145 33.12 32.64 9.01
N ILE C 146 31.86 32.54 8.56
CA ILE C 146 31.38 32.31 7.19
C ILE C 146 30.50 33.46 6.71
N ARG C 147 30.84 34.05 5.57
CA ARG C 147 30.03 35.11 4.99
C ARG C 147 28.70 34.51 4.51
N LYS C 148 27.60 35.18 4.85
CA LYS C 148 26.26 34.76 4.40
C LYS C 148 26.16 34.94 2.87
N GLY C 149 25.47 34.02 2.22
CA GLY C 149 25.36 34.10 0.77
C GLY C 149 26.56 33.60 -0.03
N SER C 150 27.74 33.41 0.57
CA SER C 150 28.94 32.83 -0.07
C SER C 150 28.70 31.44 -0.66
N SER C 151 29.48 30.99 -1.65
CA SER C 151 29.28 29.64 -2.23
C SER C 151 30.35 28.69 -1.71
N THR C 152 30.04 27.37 -1.68
CA THR C 152 31.05 26.40 -1.28
C THR C 152 31.85 25.98 -2.49
N CYS C 153 31.36 26.33 -3.65
CA CYS C 153 32.02 25.98 -4.88
C CYS C 153 32.28 24.49 -4.97
N ILE C 154 33.41 24.07 -5.54
CA ILE C 154 33.67 22.66 -5.75
C ILE C 154 33.59 21.71 -4.51
N PRO C 155 32.66 20.69 -4.57
CA PRO C 155 31.80 20.29 -5.70
C PRO C 155 30.31 20.63 -5.62
N TYR C 156 29.85 21.17 -4.45
CA TYR C 156 28.41 21.41 -4.12
C TYR C 156 27.78 22.68 -4.50
N PHE C 157 28.58 23.74 -4.60
CA PHE C 157 28.11 25.05 -4.98
C PHE C 157 26.90 25.50 -4.12
N SER C 158 26.94 25.22 -2.80
CA SER C 158 25.83 25.58 -1.90
C SER C 158 26.00 27.00 -1.41
N ASN C 159 24.85 27.69 -1.17
CA ASN C 159 24.82 29.05 -0.62
C ASN C 159 24.10 29.06 0.73
N ASP C 160 23.52 27.86 1.11
CA ASP C 160 22.82 27.66 2.39
C ASP C 160 23.79 27.54 3.56
N MET C 161 23.57 28.41 4.57
CA MET C 161 24.42 28.48 5.78
C MET C 161 24.41 27.21 6.56
N GLY C 162 23.27 26.57 6.57
CA GLY C 162 23.14 25.32 7.30
C GLY C 162 24.11 24.32 6.80
N THR C 163 24.05 24.14 5.44
CA THR C 163 24.90 23.27 4.63
C THR C 163 26.36 23.67 4.80
N LYS C 164 26.61 24.96 4.73
CA LYS C 164 27.95 25.50 4.87
C LYS C 164 28.58 25.17 6.23
N ILE C 165 27.81 25.32 7.31
CA ILE C 165 28.29 24.99 8.65
C ILE C 165 28.61 23.48 8.74
N GLU C 166 27.69 22.62 8.24
CA GLU C 166 27.84 21.15 8.16
C GLU C 166 29.19 20.89 7.50
N ILE C 167 29.38 21.39 6.25
CA ILE C 167 30.60 21.23 5.45
C ILE C 167 31.87 21.51 6.25
N ALA C 168 31.89 22.74 6.86
CA ALA C 168 32.97 23.33 7.65
C ALA C 168 33.29 22.52 8.86
N GLU C 169 32.24 22.15 9.67
CA GLU C 169 32.44 21.34 10.89
C GLU C 169 33.11 20.02 10.51
N ARG C 170 32.48 19.32 9.54
CA ARG C 170 32.93 18.05 8.99
C ARG C 170 34.37 18.14 8.46
N ALA C 171 34.66 19.24 7.72
CA ALA C 171 35.99 19.48 7.17
C ALA C 171 37.05 19.62 8.27
N LEU C 172 36.69 20.34 9.33
CA LEU C 172 37.54 20.50 10.48
C LEU C 172 37.80 19.12 11.19
N GLU C 173 36.78 18.21 11.17
CA GLU C 173 36.91 16.87 11.72
C GLU C 173 37.80 16.00 10.84
N LYS C 174 37.60 15.99 9.54
CA LYS C 174 38.32 15.13 8.60
C LYS C 174 39.58 15.69 7.85
N ALA C 175 40.00 16.93 8.18
CA ALA C 175 41.18 17.57 7.58
C ALA C 175 42.42 16.72 7.75
N GLU C 176 42.64 16.16 8.95
CA GLU C 176 43.81 15.36 9.24
C GLU C 176 43.87 14.15 8.34
N GLU C 177 42.77 13.43 8.28
CA GLU C 177 42.65 12.22 7.50
C GLU C 177 43.04 12.46 6.04
N ALA C 178 42.44 13.50 5.42
CA ALA C 178 42.67 13.97 4.06
C ALA C 178 44.13 14.49 3.84
N GLY C 179 44.61 15.36 4.72
CA GLY C 179 45.97 15.83 4.65
C GLY C 179 46.94 14.65 4.59
N ASN C 180 46.69 13.63 5.43
CA ASN C 180 47.49 12.41 5.48
C ASN C 180 47.45 11.61 4.17
N LEU C 181 46.26 11.54 3.57
CA LEU C 181 46.06 10.91 2.27
C LEU C 181 46.89 11.62 1.22
N MET C 182 46.81 12.95 1.24
CA MET C 182 47.55 13.83 0.36
C MET C 182 49.07 13.67 0.58
N LEU C 183 49.53 13.28 1.83
CA LEU C 183 50.96 13.02 2.12
C LEU C 183 51.38 11.72 1.40
N GLN C 184 50.46 10.74 1.37
CA GLN C 184 50.65 9.47 0.68
C GLN C 184 50.41 9.56 -0.83
N GLY C 185 50.26 10.80 -1.30
CA GLY C 185 50.04 11.15 -2.69
C GLY C 185 48.72 10.70 -3.23
N LYS C 186 47.73 10.39 -2.33
CA LYS C 186 46.36 9.92 -2.65
C LYS C 186 45.39 11.11 -2.77
N PHE C 187 45.58 11.99 -3.76
CA PHE C 187 44.80 13.20 -3.93
C PHE C 187 43.33 13.03 -4.25
N ASP C 188 43.04 12.04 -5.13
CA ASP C 188 41.68 11.71 -5.57
C ASP C 188 40.96 11.14 -4.46
N ASP C 189 41.64 10.41 -3.58
CA ASP C 189 41.01 9.84 -2.39
C ASP C 189 40.59 10.93 -1.40
N ALA C 190 41.49 11.88 -1.18
CA ALA C 190 41.19 12.97 -0.27
C ALA C 190 39.96 13.74 -0.79
N TYR C 191 39.92 13.99 -2.14
CA TYR C 191 38.83 14.70 -2.77
C TYR C 191 37.54 13.92 -2.75
N GLN C 192 37.61 12.62 -3.05
CA GLN C 192 36.44 11.77 -3.12
C GLN C 192 35.79 11.59 -1.78
N LEU C 193 36.60 11.36 -0.76
CA LEU C 193 36.13 11.16 0.60
C LEU C 193 35.77 12.45 1.30
N HIS C 194 36.59 13.49 1.14
CA HIS C 194 36.37 14.69 1.91
C HIS C 194 36.23 15.98 1.16
N GLN C 195 36.17 15.92 -0.19
CA GLN C 195 36.02 17.06 -1.08
C GLN C 195 37.13 18.11 -0.93
N MET C 196 38.31 17.64 -0.57
CA MET C 196 39.48 18.47 -0.33
C MET C 196 40.46 18.23 -1.49
N GLY C 197 40.41 19.14 -2.43
CA GLY C 197 41.13 19.11 -3.70
C GLY C 197 40.18 19.59 -4.80
N GLY C 198 40.33 19.00 -5.98
CA GLY C 198 39.51 19.36 -7.12
C GLY C 198 40.16 20.49 -7.87
N ALA C 199 39.56 21.65 -7.78
CA ALA C 199 40.04 22.84 -8.46
C ALA C 199 39.40 24.13 -7.88
N TYR C 200 39.97 25.24 -8.37
CA TYR C 200 39.42 26.56 -8.15
C TYR C 200 38.39 26.73 -9.27
N TYR C 201 37.36 27.49 -9.01
CA TYR C 201 36.34 27.73 -10.03
C TYR C 201 36.51 29.17 -10.50
N VAL C 202 36.88 29.30 -11.77
CA VAL C 202 37.15 30.60 -12.36
C VAL C 202 35.92 31.33 -12.80
N VAL C 203 35.76 32.52 -12.18
CA VAL C 203 34.66 33.43 -12.44
C VAL C 203 35.27 34.73 -12.84
N TYR C 204 34.57 35.50 -13.68
CA TYR C 204 35.12 36.78 -14.13
C TYR C 204 34.30 37.87 -13.55
N ARG C 205 34.94 38.59 -12.63
CA ARG C 205 34.28 39.68 -11.93
C ARG C 205 34.61 40.94 -12.69
N ALA C 206 33.77 42.01 -12.59
CA ALA C 206 34.10 43.23 -13.33
C ALA C 206 34.61 44.43 -12.60
N GLN C 207 35.57 45.07 -13.22
CA GLN C 207 36.17 46.30 -12.77
C GLN C 207 35.47 47.43 -13.55
N SER C 208 34.41 47.90 -12.88
CA SER C 208 33.37 48.87 -13.27
C SER C 208 33.91 50.25 -13.76
N THR C 209 35.17 50.58 -13.35
CA THR C 209 35.87 51.79 -13.75
C THR C 209 37.29 51.43 -14.05
N ASP C 210 37.78 51.83 -15.22
CA ASP C 210 39.16 51.63 -15.66
C ASP C 210 39.51 52.85 -16.54
N ALA C 211 40.82 53.13 -16.73
CA ALA C 211 41.40 54.23 -17.53
C ALA C 211 40.76 54.50 -18.87
N ILE C 212 40.40 55.77 -19.07
CA ILE C 212 39.82 56.31 -20.31
C ILE C 212 40.41 57.71 -20.35
N THR C 213 40.87 58.14 -21.56
CA THR C 213 41.45 59.47 -21.80
C THR C 213 40.77 60.12 -22.99
N LEU C 214 40.76 61.46 -23.03
CA LEU C 214 40.14 62.17 -24.12
C LEU C 214 41.23 62.74 -24.97
N ASP C 215 41.29 62.33 -26.26
CA ASP C 215 42.33 62.85 -27.16
C ASP C 215 41.97 64.29 -27.54
N PRO C 216 42.78 65.30 -27.13
CA PRO C 216 42.43 66.70 -27.43
C PRO C 216 42.41 67.03 -28.92
N LYS C 217 43.28 66.35 -29.72
CA LYS C 217 43.42 66.49 -31.17
C LYS C 217 42.12 66.09 -31.85
N THR C 218 41.61 64.89 -31.54
CA THR C 218 40.41 64.36 -32.17
C THR C 218 39.08 64.60 -31.45
N GLY C 219 39.13 64.84 -30.14
CA GLY C 219 37.92 64.99 -29.33
C GLY C 219 37.26 63.64 -29.09
N LYS C 220 38.00 62.54 -29.38
CA LYS C 220 37.56 61.15 -29.26
C LYS C 220 38.17 60.47 -28.04
N PHE C 221 37.35 59.62 -27.36
CA PHE C 221 37.80 58.96 -26.15
C PHE C 221 38.59 57.73 -26.42
N VAL C 222 39.57 57.42 -25.57
CA VAL C 222 40.38 56.23 -25.73
C VAL C 222 40.47 55.37 -24.45
N SER C 223 39.99 54.12 -24.56
CA SER C 223 40.05 53.16 -23.47
C SER C 223 41.44 52.46 -23.39
N LYS C 224 41.94 52.28 -22.14
CA LYS C 224 43.19 51.60 -21.79
C LYS C 224 43.14 50.19 -22.32
N ASP C 225 44.16 49.78 -23.11
CA ASP C 225 44.23 48.42 -23.62
C ASP C 225 44.54 47.45 -22.49
N ARG C 226 43.74 46.38 -22.39
CA ARG C 226 43.94 45.37 -21.36
C ARG C 226 44.33 44.08 -22.05
N MET C 227 45.56 43.60 -21.79
CA MET C 227 46.09 42.39 -22.42
C MET C 227 45.49 41.10 -21.88
N VAL C 228 45.10 40.20 -22.77
CA VAL C 228 44.53 38.93 -22.36
C VAL C 228 45.24 37.78 -22.99
N ALA C 229 45.34 36.67 -22.27
CA ALA C 229 46.01 35.49 -22.80
C ALA C 229 44.98 34.62 -23.40
N ASP C 230 45.36 33.99 -24.51
CA ASP C 230 44.53 33.00 -25.16
C ASP C 230 44.76 31.62 -24.45
N PHE C 231 43.90 30.61 -24.76
CA PHE C 231 44.09 29.32 -24.11
C PHE C 231 45.54 28.73 -24.27
N GLU C 232 46.05 28.73 -25.54
CA GLU C 232 47.40 28.25 -25.78
C GLU C 232 48.48 28.94 -24.88
N TYR C 233 48.44 30.26 -24.80
CA TYR C 233 49.34 31.06 -23.99
C TYR C 233 49.23 30.65 -22.47
N ALA C 234 48.00 30.49 -21.96
CA ALA C 234 47.74 30.13 -20.57
C ALA C 234 48.38 28.81 -20.12
N VAL C 235 48.16 27.72 -20.92
CA VAL C 235 48.65 26.33 -20.68
C VAL C 235 50.16 26.20 -20.85
N THR C 236 50.69 26.85 -21.90
CA THR C 236 52.12 26.91 -22.22
C THR C 236 52.89 27.99 -21.34
N GLY C 237 52.20 28.59 -20.37
CA GLY C 237 52.72 29.61 -19.49
C GLY C 237 53.35 30.81 -20.19
N GLY C 238 52.94 31.09 -21.41
CA GLY C 238 53.47 32.18 -22.21
C GLY C 238 54.15 31.71 -23.48
N GLU C 239 54.96 30.61 -23.34
CA GLU C 239 55.75 29.93 -24.37
C GLU C 239 55.09 30.00 -25.75
N GLN C 240 53.96 29.35 -25.89
CA GLN C 240 53.24 29.39 -27.15
C GLN C 240 52.02 30.28 -26.94
N GLY C 241 51.16 30.35 -27.93
CA GLY C 241 49.98 31.21 -27.87
C GLY C 241 50.28 32.71 -27.93
N SER C 242 49.19 33.51 -27.77
CA SER C 242 49.34 34.96 -27.81
C SER C 242 48.68 35.76 -26.70
N LEU C 243 49.24 36.93 -26.44
CA LEU C 243 48.79 37.89 -25.46
C LEU C 243 48.39 39.11 -26.28
N PHE C 244 47.12 39.52 -26.24
CA PHE C 244 46.61 40.62 -27.05
C PHE C 244 45.60 41.49 -26.29
N ALA C 245 45.34 42.71 -26.78
CA ALA C 245 44.38 43.62 -26.17
C ALA C 245 42.92 43.14 -26.38
N ALA C 246 42.16 43.07 -25.26
CA ALA C 246 40.73 42.67 -25.31
C ALA C 246 39.91 43.77 -25.99
N SER C 247 38.70 43.47 -26.48
CA SER C 247 37.90 44.53 -27.08
C SER C 247 36.92 45.18 -26.16
N LYS C 248 37.16 46.46 -25.85
CA LYS C 248 36.30 47.30 -25.00
C LYS C 248 35.24 48.07 -25.84
N ASP C 249 35.29 47.91 -27.19
CA ASP C 249 34.36 48.56 -28.09
C ASP C 249 32.95 48.17 -27.70
N ALA C 250 32.10 49.16 -27.41
CA ALA C 250 30.73 48.87 -27.00
C ALA C 250 29.71 49.03 -28.11
N SER C 251 30.16 49.34 -29.36
CA SER C 251 29.26 49.51 -30.54
C SER C 251 28.39 48.28 -30.73
N ARG C 252 28.99 47.11 -30.47
CA ARG C 252 28.35 45.81 -30.54
C ARG C 252 26.98 45.70 -29.88
N LEU C 253 26.78 46.46 -28.78
CA LEU C 253 25.56 46.46 -27.94
C LEU C 253 24.31 46.97 -28.65
N LYS C 254 24.50 47.88 -29.64
CA LYS C 254 23.37 48.37 -30.43
C LYS C 254 22.90 47.26 -31.32
N GLU C 255 23.80 46.70 -32.16
CA GLU C 255 23.46 45.59 -33.06
C GLU C 255 22.92 44.33 -32.31
N GLN C 256 23.60 43.91 -31.22
CA GLN C 256 23.26 42.71 -30.45
C GLN C 256 21.99 42.83 -29.59
N TYR C 257 21.83 43.99 -28.92
CA TYR C 257 20.79 44.12 -27.92
C TYR C 257 19.88 45.29 -28.08
N GLY C 258 20.20 46.14 -29.05
CA GLY C 258 19.39 47.34 -29.29
C GLY C 258 19.55 48.41 -28.23
N ILE C 259 20.78 48.52 -27.67
CA ILE C 259 21.10 49.48 -26.63
C ILE C 259 21.85 50.66 -27.22
N ASP C 260 21.40 51.89 -26.84
CA ASP C 260 21.93 53.24 -27.11
C ASP C 260 23.44 53.35 -26.65
N VAL C 261 24.39 53.32 -27.59
CA VAL C 261 25.73 53.48 -27.08
C VAL C 261 26.19 54.91 -27.36
N PRO C 262 26.25 55.82 -26.32
CA PRO C 262 26.76 57.17 -26.57
C PRO C 262 28.26 57.11 -26.90
N ASP C 263 28.79 58.10 -27.63
CA ASP C 263 30.20 58.09 -27.94
C ASP C 263 31.01 58.27 -26.64
N GLY C 264 32.15 57.57 -26.59
CA GLY C 264 33.07 57.57 -25.47
C GLY C 264 32.69 56.71 -24.29
N PHE C 265 31.81 55.72 -24.51
CA PHE C 265 31.40 54.73 -23.52
C PHE C 265 31.89 53.35 -23.97
N PHE C 266 32.45 52.57 -23.02
CA PHE C 266 33.10 51.31 -23.30
C PHE C 266 32.60 50.12 -22.53
N CYS C 267 33.05 48.91 -22.91
CA CYS C 267 32.76 47.70 -22.16
C CYS C 267 33.70 47.64 -20.98
N GLU C 268 33.28 47.00 -19.87
CA GLU C 268 33.98 46.89 -18.57
C GLU C 268 35.19 46.01 -18.62
N ARG C 269 36.21 46.30 -17.77
CA ARG C 269 37.38 45.44 -17.61
C ARG C 269 36.95 44.24 -16.77
N ARG C 270 37.23 43.06 -17.22
CA ARG C 270 36.90 41.91 -16.45
C ARG C 270 38.18 41.31 -15.84
N ARG C 271 38.25 41.33 -14.47
CA ARG C 271 39.32 40.76 -13.64
C ARG C 271 38.87 39.36 -13.26
N THR C 272 39.80 38.41 -13.24
CA THR C 272 39.48 37.01 -12.93
C THR C 272 39.45 36.79 -11.42
N ALA C 273 38.43 36.07 -10.94
CA ALA C 273 38.27 35.68 -9.56
C ALA C 273 38.24 34.17 -9.48
N MET C 274 38.79 33.58 -8.38
CA MET C 274 38.79 32.11 -8.22
C MET C 274 38.18 31.68 -6.91
N GLY C 275 37.21 30.79 -6.98
CA GLY C 275 36.51 30.30 -5.80
C GLY C 275 37.04 28.96 -5.36
N GLY C 276 37.55 28.93 -4.12
CA GLY C 276 38.10 27.71 -3.56
C GLY C 276 37.08 26.62 -3.21
N PRO C 277 37.55 25.33 -3.23
CA PRO C 277 36.70 24.23 -2.73
C PRO C 277 36.57 24.42 -1.21
N PHE C 278 35.40 24.77 -0.73
CA PHE C 278 35.18 25.12 0.67
C PHE C 278 35.73 24.15 1.72
N ALA C 279 35.56 22.81 1.47
CA ALA C 279 36.05 21.78 2.41
C ALA C 279 37.53 21.92 2.69
N LEU C 280 38.34 22.27 1.66
CA LEU C 280 39.77 22.49 1.78
C LEU C 280 40.06 23.85 2.47
N ASN C 281 39.18 24.83 2.27
CA ASN C 281 39.36 26.14 2.87
C ASN C 281 39.12 26.17 4.32
N ALA C 282 37.94 25.60 4.79
CA ALA C 282 37.54 25.57 6.22
C ALA C 282 38.81 25.37 7.14
N PRO C 283 39.58 24.25 7.05
CA PRO C 283 40.85 24.15 7.79
C PRO C 283 41.89 25.31 7.66
N ILE C 284 42.04 25.81 6.43
CA ILE C 284 43.02 26.87 6.20
C ILE C 284 42.62 28.15 6.93
N MET C 285 41.35 28.48 6.77
CA MET C 285 40.69 29.64 7.38
C MET C 285 40.80 29.59 8.91
N ALA C 286 40.65 28.37 9.48
CA ALA C 286 40.67 28.10 10.90
C ALA C 286 41.98 28.58 11.48
N VAL C 287 43.06 28.60 10.70
CA VAL C 287 44.37 29.05 11.17
C VAL C 287 44.53 30.53 10.78
N ALA C 288 44.05 30.88 9.57
CA ALA C 288 44.15 32.19 8.93
C ALA C 288 43.62 33.25 9.75
N GLN C 289 42.40 33.05 10.28
CA GLN C 289 41.74 34.06 11.10
C GLN C 289 42.52 34.40 12.34
N PRO C 290 42.92 33.42 13.19
CA PRO C 290 43.78 33.77 14.33
C PRO C 290 45.07 34.52 13.92
N VAL C 291 45.56 34.28 12.66
CA VAL C 291 46.79 34.92 12.14
C VAL C 291 46.49 36.39 12.05
N ARG C 292 45.37 36.73 11.40
CA ARG C 292 44.89 38.10 11.17
C ARG C 292 44.78 38.86 12.46
N ASN C 293 44.13 38.21 13.44
CA ASN C 293 43.99 38.77 14.79
C ASN C 293 45.34 39.12 15.39
N LYS C 294 46.33 38.20 15.27
CA LYS C 294 47.67 38.46 15.76
C LYS C 294 48.31 39.69 15.10
N ILE C 295 48.40 39.66 13.75
CA ILE C 295 49.05 40.73 12.99
C ILE C 295 48.35 42.08 13.11
N TYR C 296 46.99 42.08 13.28
CA TYR C 296 46.31 43.36 13.40
C TYR C 296 46.38 43.89 14.78
N SER C 297 46.75 43.03 15.76
CA SER C 297 46.90 43.45 17.15
C SER C 297 48.35 43.77 17.42
N LYS C 298 49.23 42.74 17.53
CA LYS C 298 50.67 42.91 17.78
C LYS C 298 51.29 43.83 16.75
N TYR C 299 51.06 43.53 15.45
CA TYR C 299 51.69 44.28 14.36
C TYR C 299 50.91 45.39 13.76
N ALA C 300 49.88 45.83 14.52
CA ALA C 300 48.92 46.91 14.26
C ALA C 300 49.49 48.16 13.58
N TYR C 301 50.77 48.50 13.84
CA TYR C 301 51.41 49.66 13.24
C TYR C 301 51.48 49.45 11.71
N THR C 302 52.03 48.31 11.29
CA THR C 302 52.24 48.01 9.89
C THR C 302 50.96 47.55 9.22
N PHE C 303 50.14 46.73 9.93
CA PHE C 303 48.99 46.00 9.36
C PHE C 303 47.57 46.40 9.64
N HIS C 304 47.31 47.07 10.79
CA HIS C 304 45.95 47.47 11.12
C HIS C 304 45.57 48.89 10.75
N HIS C 305 44.78 49.03 9.68
CA HIS C 305 44.39 50.34 9.13
C HIS C 305 42.86 50.55 9.13
N THR C 306 42.43 51.69 9.73
CA THR C 306 41.03 52.07 9.89
C THR C 306 40.64 53.41 9.17
N THR C 307 40.62 54.52 9.90
CA THR C 307 40.21 55.83 9.41
C THR C 307 41.38 56.56 8.79
N ARG C 308 41.07 57.67 8.13
CA ARG C 308 42.06 58.51 7.48
C ARG C 308 42.97 59.09 8.52
N LEU C 309 42.40 59.36 9.72
CA LEU C 309 43.15 59.98 10.82
C LEU C 309 44.06 59.00 11.53
N ASN C 310 43.63 57.71 11.62
CA ASN C 310 44.43 56.65 12.21
C ASN C 310 45.77 56.60 11.41
N LYS C 311 45.66 56.65 10.02
CA LYS C 311 46.74 56.60 9.02
C LYS C 311 47.61 57.83 9.15
N GLU C 312 46.96 58.99 9.24
CA GLU C 312 47.61 60.29 9.36
C GLU C 312 48.52 60.37 10.53
N GLU C 313 48.10 59.84 11.71
CA GLU C 313 48.92 59.81 12.92
C GLU C 313 50.28 59.17 12.68
N LYS C 314 50.32 58.05 11.91
CA LYS C 314 51.55 57.32 11.59
C LYS C 314 52.48 58.07 10.64
N VAL C 315 51.90 58.43 9.50
CA VAL C 315 52.59 59.13 8.42
C VAL C 315 53.15 60.53 8.81
N LYS C 316 52.42 61.31 9.67
CA LYS C 316 52.84 62.65 10.09
C LYS C 316 54.19 62.61 10.74
N GLU C 317 54.48 61.53 11.49
CA GLU C 317 55.73 61.28 12.21
C GLU C 317 56.94 61.06 11.30
N TRP C 318 56.69 60.75 10.02
CA TRP C 318 57.72 60.43 9.04
C TRP C 318 58.34 61.65 8.45
N SER C 319 59.60 61.51 8.08
CA SER C 319 60.32 62.55 7.39
C SER C 319 60.12 62.36 5.86
N LEU C 320 59.92 61.11 5.42
CA LEU C 320 59.64 60.77 4.02
C LEU C 320 58.59 59.66 3.94
N CYS C 321 57.64 59.81 3.00
CA CYS C 321 56.60 58.83 2.72
C CYS C 321 56.58 58.50 1.23
N VAL C 322 56.80 57.21 0.92
CA VAL C 322 56.84 56.76 -0.45
C VAL C 322 55.69 55.74 -0.65
N ALA C 323 54.74 56.06 -1.54
CA ALA C 323 53.64 55.18 -1.92
C ALA C 323 54.04 54.31 -3.11
N THR C 324 54.16 53.00 -2.86
CA THR C 324 54.60 52.03 -3.85
C THR C 324 53.45 51.33 -4.54
N ASP C 325 53.82 50.76 -5.72
CA ASP C 325 52.96 50.10 -6.68
C ASP C 325 53.52 48.82 -7.25
N VAL C 326 52.74 47.69 -7.12
CA VAL C 326 53.13 46.38 -7.66
C VAL C 326 52.43 45.98 -9.00
N SER C 327 53.25 45.44 -9.95
CA SER C 327 52.81 44.92 -11.25
C SER C 327 52.15 43.50 -11.09
N ASP C 328 50.82 43.36 -11.41
CA ASP C 328 49.98 42.16 -11.16
C ASP C 328 50.57 41.14 -10.19
N HIS C 329 50.57 41.61 -8.95
CA HIS C 329 50.93 41.12 -7.65
C HIS C 329 50.56 39.67 -7.43
N ASP C 330 49.28 39.36 -7.66
CA ASP C 330 48.69 38.07 -7.40
C ASP C 330 49.16 36.99 -8.33
N THR C 331 49.28 37.35 -9.59
CA THR C 331 49.67 36.46 -10.66
C THR C 331 51.18 36.17 -10.63
N PHE C 332 51.98 37.14 -10.20
CA PHE C 332 53.45 37.03 -10.08
C PHE C 332 53.93 36.42 -8.76
N TRP C 333 53.02 36.22 -7.78
CA TRP C 333 53.33 35.68 -6.46
C TRP C 333 54.10 34.41 -6.63
N PRO C 334 55.29 34.29 -5.96
CA PRO C 334 56.18 33.11 -6.23
C PRO C 334 55.90 31.78 -5.52
N GLY C 335 55.91 30.71 -6.28
CA GLY C 335 55.68 29.39 -5.72
C GLY C 335 56.77 29.03 -4.73
N TRP C 336 58.00 29.53 -4.97
CA TRP C 336 59.08 29.26 -4.05
C TRP C 336 58.75 29.76 -2.67
N LEU C 337 58.04 30.92 -2.56
CA LEU C 337 57.58 31.45 -1.31
C LEU C 337 56.55 30.46 -0.66
N ARG C 338 55.71 29.83 -1.43
CA ARG C 338 54.81 28.84 -0.84
C ARG C 338 55.64 27.72 -0.15
N ASP C 339 56.55 27.15 -0.93
CA ASP C 339 57.37 26.07 -0.45
C ASP C 339 58.25 26.45 0.76
N LEU C 340 58.77 27.72 0.78
CA LEU C 340 59.52 28.30 1.89
C LEU C 340 58.61 28.35 3.10
N ILE C 341 57.39 28.95 2.94
CA ILE C 341 56.41 29.10 4.00
C ILE C 341 56.08 27.75 4.64
N CYS C 342 55.75 26.77 3.78
CA CYS C 342 55.49 25.40 4.23
C CYS C 342 56.65 24.80 5.00
N ASP C 343 57.88 24.96 4.46
CA ASP C 343 59.08 24.47 5.12
C ASP C 343 59.21 25.05 6.50
N GLU C 344 59.10 26.37 6.53
CA GLU C 344 59.18 27.07 7.78
C GLU C 344 58.10 26.64 8.70
N LEU C 345 56.92 26.39 8.15
CA LEU C 345 55.87 25.94 9.01
C LEU C 345 56.24 24.67 9.68
N LEU C 346 56.69 23.71 8.94
CA LEU C 346 57.05 22.40 9.45
C LEU C 346 58.03 22.50 10.58
N ASN C 347 59.11 23.27 10.36
CA ASN C 347 60.19 23.51 11.34
C ASN C 347 59.64 24.14 12.58
N MET C 348 58.56 24.92 12.45
CA MET C 348 57.93 25.58 13.60
C MET C 348 57.24 24.56 14.53
N GLY C 349 56.92 23.41 13.94
CA GLY C 349 56.28 22.32 14.67
C GLY C 349 54.83 22.14 14.34
N TYR C 350 54.37 22.75 13.19
CA TYR C 350 53.00 22.64 12.62
C TYR C 350 52.74 21.17 12.08
N ALA C 351 51.52 20.64 12.30
CA ALA C 351 51.01 19.35 11.84
C ALA C 351 51.30 19.19 10.33
N PRO C 352 52.20 18.23 9.94
CA PRO C 352 52.51 18.04 8.51
C PRO C 352 51.29 17.85 7.60
N TRP C 353 50.21 17.20 8.12
CA TRP C 353 48.99 17.02 7.33
C TRP C 353 48.36 18.36 7.01
N TRP C 354 48.40 19.33 7.96
CA TRP C 354 47.79 20.64 7.76
C TRP C 354 48.62 21.41 6.76
N VAL C 355 49.96 21.35 6.93
CA VAL C 355 50.90 21.99 6.02
C VAL C 355 50.67 21.46 4.58
N LYS C 356 50.48 20.13 4.42
CA LYS C 356 50.16 19.52 3.13
C LYS C 356 48.87 20.09 2.50
N LEU C 357 47.80 20.24 3.30
CA LEU C 357 46.53 20.80 2.84
C LEU C 357 46.80 22.25 2.36
N PHE C 358 47.55 23.01 3.19
CA PHE C 358 47.95 24.37 2.93
C PHE C 358 48.75 24.47 1.60
N GLU C 359 49.82 23.66 1.48
CA GLU C 359 50.64 23.59 0.29
C GLU C 359 49.75 23.27 -0.93
N THR C 360 48.95 22.21 -0.83
CA THR C 360 48.06 21.79 -1.90
C THR C 360 47.10 22.88 -2.36
N SER C 361 46.55 23.67 -1.42
CA SER C 361 45.63 24.78 -1.72
C SER C 361 46.27 25.80 -2.66
N LEU C 362 47.62 25.79 -2.71
CA LEU C 362 48.34 26.73 -3.52
C LEU C 362 48.99 26.11 -4.78
N LYS C 363 48.53 24.90 -5.20
CA LYS C 363 49.04 24.24 -6.43
C LYS C 363 47.84 23.71 -7.22
N LEU C 364 46.65 24.10 -6.79
CA LEU C 364 45.45 23.55 -7.31
C LEU C 364 45.09 23.85 -8.75
N PRO C 365 44.57 22.80 -9.50
CA PRO C 365 43.98 23.06 -10.84
C PRO C 365 42.90 24.16 -10.82
N VAL C 366 42.60 24.67 -12.03
CA VAL C 366 41.58 25.69 -12.21
C VAL C 366 40.55 25.30 -13.28
N TYR C 367 39.24 25.42 -12.94
CA TYR C 367 38.19 25.22 -13.91
C TYR C 367 37.81 26.57 -14.49
N VAL C 368 38.02 26.72 -15.78
CA VAL C 368 37.70 27.95 -16.49
C VAL C 368 36.28 27.94 -17.00
N GLY C 369 35.53 28.92 -16.52
CA GLY C 369 34.14 29.09 -16.86
C GLY C 369 33.89 29.54 -18.27
N ALA C 370 33.56 30.83 -18.42
CA ALA C 370 33.26 31.42 -19.70
C ALA C 370 33.92 32.77 -19.96
N PRO C 371 35.16 32.74 -20.50
CA PRO C 371 35.88 34.00 -20.78
C PRO C 371 35.29 34.83 -21.90
N ALA C 372 34.63 34.15 -22.84
CA ALA C 372 33.97 34.76 -23.99
C ALA C 372 32.89 33.84 -24.51
N PRO C 373 31.99 34.27 -25.43
CA PRO C 373 31.00 33.31 -26.01
C PRO C 373 31.71 32.15 -26.73
N GLU C 374 31.13 30.96 -26.63
CA GLU C 374 31.69 29.70 -27.16
C GLU C 374 33.15 29.35 -26.74
N GLN C 375 33.66 29.96 -25.70
CA GLN C 375 34.99 29.76 -25.15
C GLN C 375 34.89 29.40 -23.58
N GLY C 376 35.68 28.42 -23.10
CA GLY C 376 35.71 28.06 -21.68
C GLY C 376 35.41 26.62 -21.38
N HIS C 377 34.76 26.36 -20.24
CA HIS C 377 34.35 25.00 -19.83
C HIS C 377 35.48 23.97 -19.96
N THR C 378 36.64 24.33 -19.35
CA THR C 378 37.86 23.54 -19.38
C THR C 378 38.53 23.56 -18.03
N LEU C 379 39.02 22.38 -17.63
CA LEU C 379 39.79 22.23 -16.42
C LEU C 379 41.27 22.31 -16.83
N LEU C 380 42.02 23.24 -16.22
CA LEU C 380 43.47 23.36 -16.44
C LEU C 380 44.07 22.72 -15.22
N GLY C 381 45.10 21.86 -15.46
CA GLY C 381 45.84 21.05 -14.49
C GLY C 381 45.13 19.73 -14.22
N ASP C 382 45.80 18.75 -13.57
CA ASP C 382 45.18 17.45 -13.23
C ASP C 382 44.97 17.43 -11.71
N PRO C 383 43.71 17.34 -11.23
CA PRO C 383 43.46 17.30 -9.78
C PRO C 383 44.05 16.11 -9.08
N SER C 384 44.45 15.05 -9.85
CA SER C 384 45.04 13.85 -9.31
C SER C 384 46.40 14.13 -8.77
N ASN C 385 47.07 15.15 -9.30
CA ASN C 385 48.40 15.55 -8.83
C ASN C 385 48.56 17.06 -8.92
N PRO C 386 48.04 17.80 -7.91
CA PRO C 386 48.11 19.27 -7.97
C PRO C 386 49.52 19.79 -8.18
N ASP C 387 49.72 20.50 -9.31
CA ASP C 387 51.03 21.07 -9.63
C ASP C 387 51.02 22.39 -10.47
N LEU C 388 49.93 23.17 -10.37
CA LEU C 388 49.90 24.45 -11.04
C LEU C 388 50.70 25.50 -10.27
N GLU C 389 51.18 26.53 -11.03
CA GLU C 389 51.94 27.70 -10.56
C GLU C 389 51.23 28.99 -11.02
N VAL C 390 49.91 29.12 -10.67
CA VAL C 390 49.02 30.24 -11.06
C VAL C 390 49.28 31.55 -10.29
N GLY C 391 50.31 31.55 -9.45
CA GLY C 391 50.62 32.63 -8.53
C GLY C 391 49.83 32.35 -7.29
N LEU C 392 49.14 33.40 -6.79
CA LEU C 392 48.21 33.37 -5.65
C LEU C 392 46.78 33.26 -6.19
N SER C 393 45.96 32.33 -5.66
CA SER C 393 44.54 32.19 -6.06
C SER C 393 43.69 33.07 -5.14
N SER C 394 42.90 34.01 -5.69
CA SER C 394 42.03 34.91 -4.89
C SER C 394 41.15 34.22 -3.82
N GLY C 395 40.70 33.01 -4.10
CA GLY C 395 39.83 32.29 -3.20
C GLY C 395 40.50 31.28 -2.29
N GLN C 396 41.84 31.32 -2.24
CA GLN C 396 42.56 30.48 -1.29
C GLN C 396 42.24 31.11 0.13
N GLY C 397 42.12 30.24 1.12
CA GLY C 397 41.77 30.56 2.51
C GLY C 397 42.50 31.66 3.25
N ALA C 398 43.78 31.93 2.88
CA ALA C 398 44.63 32.89 3.55
C ALA C 398 45.46 33.62 2.52
N THR C 399 44.81 34.20 1.50
CA THR C 399 45.51 34.88 0.39
C THR C 399 46.07 36.15 0.82
N ASP C 400 45.24 36.96 1.48
CA ASP C 400 45.67 38.26 2.02
C ASP C 400 46.96 38.10 2.81
N LEU C 401 47.05 37.03 3.63
CA LEU C 401 48.25 36.76 4.43
C LEU C 401 49.42 36.44 3.53
N MET C 402 49.21 35.60 2.49
CA MET C 402 50.27 35.25 1.54
C MET C 402 50.78 36.45 0.76
N GLY C 403 49.85 37.39 0.50
CA GLY C 403 50.11 38.66 -0.15
C GLY C 403 51.04 39.53 0.69
N THR C 404 50.65 39.66 1.96
CA THR C 404 51.28 40.47 2.98
C THR C 404 52.68 39.93 3.30
N LEU C 405 52.76 38.61 3.55
CA LEU C 405 54.00 37.94 3.93
C LEU C 405 55.06 38.34 2.86
N LEU C 406 54.77 38.07 1.57
CA LEU C 406 55.66 38.46 0.49
C LEU C 406 56.01 39.99 0.48
N MET C 407 54.95 40.80 0.24
CA MET C 407 55.11 42.22 0.09
C MET C 407 55.80 42.95 1.25
N SER C 408 55.37 42.66 2.51
CA SER C 408 55.99 43.29 3.68
C SER C 408 57.53 43.12 3.65
N ILE C 409 58.02 41.86 3.44
CA ILE C 409 59.47 41.54 3.31
C ILE C 409 60.14 42.26 2.07
N THR C 410 59.44 42.11 0.90
CA THR C 410 59.86 42.71 -0.35
C THR C 410 60.20 44.21 -0.15
N TYR C 411 59.28 44.97 0.48
CA TYR C 411 59.49 46.40 0.76
C TYR C 411 60.60 46.61 1.78
N LEU C 412 60.62 45.74 2.85
CA LEU C 412 61.66 45.83 3.85
C LEU C 412 63.10 45.67 3.18
N VAL C 413 63.22 44.58 2.39
CA VAL C 413 64.45 44.26 1.67
C VAL C 413 64.87 45.41 0.77
N MET C 414 63.92 46.00 0.09
CA MET C 414 64.17 47.13 -0.78
C MET C 414 64.70 48.32 0.05
N GLN C 415 64.12 48.54 1.30
CA GLN C 415 64.55 49.62 2.23
C GLN C 415 65.98 49.30 2.71
N LEU C 416 66.25 48.00 3.02
CA LEU C 416 67.56 47.56 3.46
C LEU C 416 68.61 47.77 2.38
N ASP C 417 68.36 47.22 1.18
CA ASP C 417 69.27 47.30 0.06
C ASP C 417 69.54 48.73 -0.35
N HIS C 418 68.52 49.55 -0.48
CA HIS C 418 68.76 50.89 -0.98
C HIS C 418 68.98 52.01 0.02
N THR C 419 68.58 51.80 1.29
CA THR C 419 68.66 52.88 2.27
C THR C 419 69.31 52.54 3.60
N ALA C 420 69.12 51.28 4.10
CA ALA C 420 69.72 50.96 5.38
C ALA C 420 70.65 49.76 5.47
N PRO C 421 71.87 49.82 4.83
CA PRO C 421 72.86 48.73 4.95
C PRO C 421 73.40 48.46 6.38
N HIS C 422 73.35 49.51 7.19
CA HIS C 422 73.75 49.49 8.59
C HIS C 422 72.85 48.63 9.47
N LEU C 423 71.88 47.96 8.89
CA LEU C 423 70.98 47.16 9.67
C LEU C 423 71.13 45.74 9.40
N ASN C 424 71.68 45.37 8.25
CA ASN C 424 71.84 43.94 7.95
C ASN C 424 72.68 43.24 9.05
N SER C 425 73.64 44.02 9.75
CA SER C 425 74.41 43.54 10.91
C SER C 425 73.44 42.99 11.99
N ARG C 426 72.22 43.60 12.13
CA ARG C 426 71.23 43.15 13.10
C ARG C 426 70.56 41.84 12.63
N ILE C 427 70.73 41.46 11.34
CA ILE C 427 70.12 40.27 10.76
C ILE C 427 71.21 39.25 10.45
N LYS C 428 71.55 38.48 11.48
CA LYS C 428 72.63 37.52 11.49
C LYS C 428 72.17 36.08 11.46
N ASP C 429 71.11 35.78 12.19
CA ASP C 429 70.55 34.42 12.31
C ASP C 429 69.01 34.51 12.47
N MET C 430 68.36 33.35 12.68
CA MET C 430 66.91 33.42 12.86
C MET C 430 66.46 34.28 14.04
N PRO C 431 67.01 34.10 15.29
CA PRO C 431 66.54 34.91 16.39
C PRO C 431 66.77 36.39 16.20
N SER C 432 67.90 36.78 15.62
CA SER C 432 68.15 38.21 15.38
C SER C 432 67.24 38.72 14.28
N ALA C 433 66.92 37.88 13.27
CA ALA C 433 65.98 38.30 12.23
C ALA C 433 64.62 38.55 12.92
N CYS C 434 64.09 37.56 13.65
CA CYS C 434 62.80 37.70 14.34
C CYS C 434 62.73 38.88 15.21
N ARG C 435 63.81 39.15 15.97
CA ARG C 435 63.89 40.28 16.88
C ARG C 435 63.77 41.61 16.13
N PHE C 436 64.52 41.70 15.02
CA PHE C 436 64.57 42.86 14.14
C PHE C 436 63.18 43.12 13.51
N LEU C 437 62.61 42.08 12.90
CA LEU C 437 61.35 42.20 12.20
C LEU C 437 60.27 42.58 13.14
N ASP C 438 60.22 41.95 14.36
CA ASP C 438 59.25 42.24 15.42
C ASP C 438 59.29 43.70 15.75
N SER C 439 60.50 44.28 15.80
CA SER C 439 60.70 45.70 16.05
C SER C 439 60.25 46.56 14.85
N TYR C 440 60.62 46.14 13.61
CA TYR C 440 60.30 46.86 12.40
C TYR C 440 58.83 46.94 12.19
N TRP C 441 58.15 45.82 12.35
CA TRP C 441 56.71 45.68 12.19
C TRP C 441 55.93 46.50 13.23
N GLN C 442 56.52 46.76 14.41
CA GLN C 442 55.92 47.57 15.46
C GLN C 442 56.12 49.11 15.24
N GLY C 443 56.82 49.48 14.15
CA GLY C 443 57.16 50.85 13.80
C GLY C 443 58.30 51.43 14.63
N HIS C 444 59.16 50.54 15.22
CA HIS C 444 60.26 50.92 16.12
C HIS C 444 61.58 51.24 15.49
N GLU C 445 61.72 51.06 14.19
CA GLU C 445 62.98 51.39 13.52
C GLU C 445 62.88 52.75 12.80
N GLU C 446 63.98 53.19 12.21
CA GLU C 446 64.02 54.46 11.47
C GLU C 446 63.44 54.28 10.11
N ILE C 447 63.32 53.00 9.67
CA ILE C 447 62.64 52.57 8.46
C ILE C 447 61.25 51.96 8.88
N ARG C 448 60.23 52.41 8.17
CA ARG C 448 58.86 52.06 8.51
C ARG C 448 58.03 51.79 7.29
N GLN C 449 56.90 51.09 7.50
CA GLN C 449 55.93 50.78 6.43
C GLN C 449 54.55 50.54 7.02
N ILE C 450 53.55 50.80 6.20
CA ILE C 450 52.16 50.55 6.47
C ILE C 450 51.69 49.85 5.19
N SER C 451 51.14 48.64 5.32
CA SER C 451 50.73 47.86 4.16
C SER C 451 49.50 46.99 4.35
N LYS C 452 48.95 46.54 3.21
CA LYS C 452 47.86 45.58 3.05
C LYS C 452 48.05 44.92 1.67
N SER C 453 48.70 43.71 1.64
CA SER C 453 49.08 42.97 0.42
C SER C 453 50.01 43.85 -0.44
N ASP C 454 49.57 44.19 -1.67
CA ASP C 454 50.27 45.09 -2.61
C ASP C 454 50.21 46.61 -2.29
N ASP C 455 49.12 47.12 -1.57
CA ASP C 455 49.03 48.55 -1.19
C ASP C 455 49.91 48.77 0.04
N ALA C 456 50.83 49.78 -0.07
CA ALA C 456 51.79 50.17 0.97
C ALA C 456 52.28 51.59 0.85
N MET C 457 52.74 52.13 2.00
CA MET C 457 53.40 53.41 2.09
C MET C 457 54.63 53.18 2.92
N LEU C 458 55.78 53.40 2.28
CA LEU C 458 57.10 53.20 2.91
C LEU C 458 57.55 54.51 3.58
N GLY C 459 58.15 54.41 4.77
CA GLY C 459 58.52 55.58 5.56
C GLY C 459 59.89 55.57 6.20
N TRP C 460 60.47 56.78 6.29
CA TRP C 460 61.80 57.10 6.85
C TRP C 460 61.65 58.21 7.86
N THR C 461 62.27 58.02 9.02
CA THR C 461 62.31 59.05 10.04
C THR C 461 63.71 59.68 9.90
N LYS C 462 64.12 60.57 10.84
CA LYS C 462 65.46 61.17 10.84
C LYS C 462 66.46 60.06 11.17
N GLY C 463 67.57 60.07 10.45
CA GLY C 463 68.62 59.08 10.62
C GLY C 463 69.47 58.86 9.40
N ARG C 464 70.37 57.82 9.51
CA ARG C 464 71.35 57.35 8.52
C ARG C 464 70.65 57.02 7.19
N ALA C 465 69.48 56.27 7.29
CA ALA C 465 68.67 55.74 6.20
C ALA C 465 67.93 56.76 5.40
N LEU C 466 67.55 57.93 6.02
CA LEU C 466 66.79 59.02 5.37
C LEU C 466 67.37 59.52 4.02
N VAL C 467 68.69 59.60 3.93
CA VAL C 467 69.27 60.06 2.68
C VAL C 467 69.09 58.99 1.61
N GLY C 468 69.31 57.73 1.99
CA GLY C 468 69.12 56.56 1.12
C GLY C 468 67.69 56.50 0.61
N GLY C 469 66.75 56.84 1.51
CA GLY C 469 65.32 56.94 1.27
C GLY C 469 65.05 57.88 0.13
N HIS C 470 65.67 59.06 0.12
CA HIS C 470 65.52 60.04 -0.95
C HIS C 470 66.12 59.58 -2.26
N ARG C 471 67.22 58.81 -2.21
CA ARG C 471 67.89 58.24 -3.38
C ARG C 471 67.00 57.17 -4.01
N LEU C 472 66.32 56.38 -3.15
CA LEU C 472 65.41 55.31 -3.57
C LEU C 472 64.24 55.90 -4.32
N PHE C 473 63.65 56.97 -3.73
CA PHE C 473 62.52 57.72 -4.25
C PHE C 473 62.90 58.24 -5.63
N GLU C 474 64.16 58.69 -5.72
CA GLU C 474 64.70 59.22 -6.95
C GLU C 474 64.85 58.13 -7.99
N MET C 475 65.26 56.91 -7.55
CA MET C 475 65.43 55.76 -8.43
C MET C 475 64.11 55.42 -9.08
N LEU C 476 63.05 55.45 -8.23
CA LEU C 476 61.69 55.15 -8.63
C LEU C 476 61.21 56.17 -9.65
N LYS C 477 61.47 57.50 -9.38
CA LYS C 477 61.07 58.57 -10.31
C LYS C 477 61.68 58.34 -11.65
N GLU C 478 62.96 58.05 -11.67
CA GLU C 478 63.72 57.78 -12.89
C GLU C 478 63.17 56.62 -13.68
N GLY C 479 62.73 55.58 -12.99
CA GLY C 479 62.13 54.41 -13.62
C GLY C 479 63.02 53.67 -14.62
N LYS C 480 64.29 53.50 -14.27
CA LYS C 480 65.19 52.81 -15.18
C LYS C 480 65.55 51.46 -14.57
N VAL C 481 65.65 51.42 -13.23
CA VAL C 481 66.04 50.23 -12.49
C VAL C 481 64.95 49.77 -11.51
N ASN C 482 64.71 48.44 -11.48
CA ASN C 482 63.69 47.93 -10.55
C ASN C 482 64.38 47.77 -9.22
N PRO C 483 63.82 48.40 -8.14
CA PRO C 483 64.48 48.32 -6.84
C PRO C 483 64.39 46.97 -6.12
N SER C 484 63.60 46.03 -6.68
CA SER C 484 63.43 44.73 -6.04
C SER C 484 63.88 43.60 -6.94
N PRO C 485 64.43 42.51 -6.39
CA PRO C 485 64.67 41.32 -7.22
C PRO C 485 63.42 40.42 -7.30
N TYR C 486 62.42 40.67 -6.44
CA TYR C 486 61.23 39.85 -6.27
C TYR C 486 60.00 40.17 -7.09
N MET C 487 59.64 41.46 -7.17
CA MET C 487 58.47 41.92 -7.90
C MET C 487 58.81 43.22 -8.65
N LYS C 488 58.01 43.59 -9.64
CA LYS C 488 58.20 44.82 -10.40
C LYS C 488 57.50 45.96 -9.62
N ILE C 489 58.30 46.80 -8.96
CA ILE C 489 57.86 47.92 -8.11
C ILE C 489 58.10 49.22 -8.81
N SER C 490 57.15 50.15 -8.58
CA SER C 490 57.25 51.59 -8.92
C SER C 490 56.52 52.44 -7.88
N TYR C 491 56.18 53.68 -8.19
CA TYR C 491 55.48 54.54 -7.23
C TYR C 491 54.09 54.88 -7.80
N GLU C 492 53.02 55.03 -6.96
CA GLU C 492 51.67 55.41 -7.45
C GLU C 492 51.76 56.81 -8.12
N HIS C 493 51.29 56.99 -9.38
CA HIS C 493 51.28 58.34 -9.96
C HIS C 493 50.05 59.14 -9.38
N GLY C 494 50.06 59.23 -8.03
CA GLY C 494 49.09 59.78 -7.09
C GLY C 494 49.09 59.00 -5.76
N GLY C 495 49.73 59.57 -4.74
CA GLY C 495 49.86 58.93 -3.44
C GLY C 495 48.58 58.69 -2.67
N ALA C 496 48.18 57.41 -2.57
CA ALA C 496 47.02 57.07 -1.76
C ALA C 496 47.17 55.72 -1.06
N PHE C 497 46.63 55.61 0.14
CA PHE C 497 46.70 54.35 0.89
C PHE C 497 45.36 53.93 1.37
N LEU C 498 44.91 52.76 0.84
CA LEU C 498 43.67 52.09 1.13
C LEU C 498 42.50 53.04 0.93
N GLY C 499 42.47 53.65 -0.26
CA GLY C 499 41.39 54.55 -0.68
C GLY C 499 41.37 55.97 -0.10
N ASP C 500 42.51 56.36 0.60
CA ASP C 500 42.71 57.70 1.18
C ASP C 500 43.86 58.35 0.53
N ILE C 501 43.63 59.51 -0.06
CA ILE C 501 44.65 60.27 -0.75
C ILE C 501 45.50 60.99 0.26
N LEU C 502 46.84 60.88 0.10
CA LEU C 502 47.75 61.61 0.96
C LEU C 502 47.91 62.97 0.32
N LEU C 503 47.19 63.96 0.92
CA LEU C 503 47.18 65.36 0.48
C LEU C 503 48.28 66.21 1.15
N TYR C 504 49.35 66.50 0.39
CA TYR C 504 50.42 67.34 0.91
C TYR C 504 50.02 68.80 0.60
N ASP C 505 50.84 69.75 1.12
CA ASP C 505 50.70 71.19 0.86
C ASP C 505 51.96 71.69 0.15
N SER C 506 52.26 73.00 0.24
CA SER C 506 53.46 73.62 -0.35
C SER C 506 54.78 73.00 0.08
N ARG C 507 54.87 72.56 1.35
CA ARG C 507 56.03 71.91 1.97
C ARG C 507 56.40 70.56 1.36
N ARG C 508 55.42 69.81 0.79
CA ARG C 508 55.63 68.47 0.21
C ARG C 508 56.36 67.54 1.21
N GLU C 509 55.84 67.56 2.46
CA GLU C 509 56.38 66.78 3.58
C GLU C 509 55.26 66.01 4.25
N PRO C 510 55.58 64.79 4.77
CA PRO C 510 54.58 63.96 5.47
C PRO C 510 53.94 64.60 6.70
N GLY C 511 54.73 65.34 7.47
CA GLY C 511 54.26 66.01 8.68
C GLY C 511 53.20 67.08 8.48
N SER C 512 53.18 67.71 7.26
CA SER C 512 52.25 68.77 6.79
C SER C 512 51.02 68.21 6.01
N ALA C 513 51.09 66.92 5.66
CA ALA C 513 50.13 66.23 4.81
C ALA C 513 48.97 65.66 5.57
N ILE C 514 47.84 65.52 4.87
CA ILE C 514 46.64 64.93 5.46
C ILE C 514 46.09 63.84 4.57
N PHE C 515 45.49 62.84 5.20
CA PHE C 515 44.78 61.81 4.47
C PHE C 515 43.31 62.26 4.30
N VAL C 516 42.87 62.36 3.06
CA VAL C 516 41.53 62.77 2.72
C VAL C 516 40.99 61.63 1.95
N GLY C 517 39.65 61.53 1.94
CA GLY C 517 38.91 60.54 1.18
C GLY C 517 39.06 60.78 -0.32
N ASN C 518 39.06 59.70 -1.11
CA ASN C 518 39.17 59.85 -2.54
C ASN C 518 37.75 60.03 -3.15
N ILE C 519 37.46 61.25 -3.61
CA ILE C 519 36.16 61.59 -4.20
C ILE C 519 35.86 60.78 -5.45
N ASN C 520 36.94 60.35 -6.17
CA ASN C 520 36.80 59.49 -7.34
C ASN C 520 36.25 58.16 -6.93
N SER C 521 36.73 57.63 -5.79
CA SER C 521 36.20 56.40 -5.24
C SER C 521 34.74 56.50 -4.79
N MET C 522 34.28 57.70 -4.38
CA MET C 522 32.86 57.95 -4.10
C MET C 522 32.03 57.78 -5.37
N LEU C 523 32.50 58.45 -6.44
CA LEU C 523 31.83 58.39 -7.73
C LEU C 523 31.74 56.92 -8.33
N ASN C 524 32.90 56.20 -8.23
CA ASN C 524 33.03 54.80 -8.56
C ASN C 524 31.95 54.07 -7.82
N ASN C 525 31.89 54.17 -6.49
CA ASN C 525 30.93 53.47 -5.66
C ASN C 525 29.51 53.81 -5.97
N GLN C 526 29.17 55.13 -6.07
CA GLN C 526 27.77 55.52 -6.29
C GLN C 526 27.23 55.17 -7.67
N PHE C 527 27.99 55.55 -8.75
CA PHE C 527 27.56 55.43 -10.16
C PHE C 527 28.06 54.26 -10.98
N SER C 528 29.14 53.64 -10.55
CA SER C 528 29.64 52.45 -11.22
C SER C 528 29.76 51.28 -10.24
N PRO C 529 28.69 50.89 -9.46
CA PRO C 529 28.80 49.68 -8.60
C PRO C 529 29.19 48.42 -9.39
N GLU C 530 29.85 47.47 -8.72
CA GLU C 530 30.34 46.28 -9.42
C GLU C 530 29.15 45.37 -9.70
N TYR C 531 28.17 45.37 -8.74
CA TYR C 531 26.95 44.57 -8.85
C TYR C 531 25.70 45.45 -8.87
N GLY C 532 24.63 44.89 -9.35
CA GLY C 532 23.35 45.56 -9.27
C GLY C 532 22.71 45.44 -7.89
N VAL C 533 21.50 46.01 -7.75
CA VAL C 533 20.76 46.01 -6.49
C VAL C 533 20.28 44.65 -6.03
N GLN C 534 20.08 43.70 -6.99
CA GLN C 534 19.58 42.31 -6.81
C GLN C 534 18.25 42.37 -6.15
N SER C 535 17.35 43.26 -6.59
CA SER C 535 16.03 43.40 -5.95
C SER C 535 15.27 42.08 -5.90
N GLY C 536 15.70 41.13 -6.75
CA GLY C 536 15.20 39.77 -6.81
C GLY C 536 15.36 39.04 -5.49
N VAL C 537 16.58 39.10 -4.92
CA VAL C 537 16.97 38.45 -3.65
C VAL C 537 16.27 39.14 -2.46
N ARG C 538 15.21 38.52 -1.81
CA ARG C 538 14.54 39.24 -0.71
C ARG C 538 15.37 39.31 0.54
N ASP C 539 16.13 38.21 0.85
CA ASP C 539 17.06 38.26 2.00
C ASP C 539 18.24 39.20 1.68
N ARG C 540 18.07 40.46 2.08
CA ARG C 540 19.06 41.50 1.82
C ARG C 540 20.44 41.20 2.31
N SER C 541 20.47 40.45 3.45
CA SER C 541 21.61 39.93 4.18
C SER C 541 22.57 39.09 3.25
N LYS C 542 22.00 38.48 2.18
CA LYS C 542 22.69 37.64 1.19
C LYS C 542 23.19 38.41 -0.07
N ARG C 543 22.53 39.55 -0.42
CA ARG C 543 22.87 40.39 -1.56
C ARG C 543 24.31 40.89 -1.55
N LYS C 544 24.81 41.22 -2.75
CA LYS C 544 26.14 41.82 -2.93
C LYS C 544 26.15 43.26 -2.36
N ARG C 545 25.01 44.00 -2.50
CA ARG C 545 24.86 45.34 -1.91
C ARG C 545 23.60 45.29 -1.04
N PRO C 546 23.69 44.81 0.25
CA PRO C 546 22.49 44.63 1.07
C PRO C 546 21.68 45.89 1.34
N PHE C 547 22.34 46.99 1.76
CA PHE C 547 21.60 48.22 2.03
C PHE C 547 22.26 49.39 1.31
N PRO C 548 22.08 49.50 -0.04
CA PRO C 548 22.77 50.58 -0.79
C PRO C 548 22.59 51.98 -0.27
N GLY C 549 21.34 52.32 0.16
CA GLY C 549 20.91 53.61 0.66
C GLY C 549 21.72 54.15 1.82
N LEU C 550 22.17 53.24 2.78
CA LEU C 550 22.98 53.58 3.97
C LEU C 550 24.30 54.36 3.70
N ALA C 551 24.89 54.14 2.53
CA ALA C 551 26.12 54.79 2.12
C ALA C 551 26.07 56.30 2.26
N TRP C 552 24.85 56.87 2.08
CA TRP C 552 24.58 58.32 2.16
C TRP C 552 24.88 58.86 3.50
N ALA C 553 24.53 58.08 4.53
CA ALA C 553 24.73 58.44 5.90
C ALA C 553 26.23 58.54 6.27
N SER C 554 27.10 57.66 5.68
CA SER C 554 28.53 57.72 6.03
C SER C 554 29.42 58.56 5.14
N MET C 555 28.90 59.01 3.94
CA MET C 555 29.55 59.78 2.86
C MET C 555 30.52 60.97 3.28
N LYS C 556 30.02 61.94 4.12
CA LYS C 556 30.79 63.11 4.60
C LYS C 556 31.93 62.56 5.49
N ASP C 557 31.61 61.61 6.37
CA ASP C 557 32.58 61.02 7.27
C ASP C 557 33.63 60.23 6.54
N THR C 558 33.62 60.28 5.24
CA THR C 558 34.50 59.50 4.41
C THR C 558 35.15 60.52 3.52
N TYR C 559 34.36 60.92 2.50
CA TYR C 559 34.71 61.80 1.41
C TYR C 559 34.77 63.33 1.78
N GLY C 560 34.07 63.67 2.88
CA GLY C 560 33.91 65.00 3.47
C GLY C 560 35.08 65.93 3.59
N ALA C 561 36.32 65.40 3.79
CA ALA C 561 37.57 66.17 3.90
C ALA C 561 38.27 66.33 2.50
N CYS C 562 37.70 65.73 1.40
CA CYS C 562 38.27 65.95 0.06
C CYS C 562 38.02 67.44 -0.25
N PRO C 563 39.07 68.20 -0.64
CA PRO C 563 38.88 69.63 -0.95
C PRO C 563 37.65 69.94 -1.81
N ILE C 564 37.39 69.16 -2.86
CA ILE C 564 36.28 69.42 -3.79
C ILE C 564 34.93 68.78 -3.46
N TYR C 565 34.79 68.22 -2.25
CA TYR C 565 33.61 67.50 -1.79
C TYR C 565 32.26 68.16 -2.13
N SER C 566 32.08 69.42 -1.66
CA SER C 566 30.85 70.19 -1.85
C SER C 566 30.59 70.47 -3.33
N ASP C 567 31.64 70.91 -4.05
CA ASP C 567 31.62 71.17 -5.48
C ASP C 567 31.11 69.94 -6.28
N VAL C 568 31.66 68.75 -5.96
CA VAL C 568 31.31 67.47 -6.60
C VAL C 568 29.83 67.15 -6.34
N LEU C 569 29.39 67.25 -5.07
CA LEU C 569 28.01 66.94 -4.74
C LEU C 569 27.01 67.87 -5.42
N GLU C 570 27.41 69.17 -5.56
CA GLU C 570 26.61 70.15 -6.28
C GLU C 570 26.62 69.84 -7.79
N ALA C 571 27.83 69.49 -8.37
CA ALA C 571 27.95 69.09 -9.78
C ALA C 571 27.06 67.88 -10.10
N ILE C 572 27.04 66.87 -9.20
CA ILE C 572 26.18 65.68 -9.31
C ILE C 572 24.71 66.12 -9.37
N GLU C 573 24.32 67.01 -8.42
CA GLU C 573 22.95 67.50 -8.31
C GLU C 573 22.52 68.15 -9.59
N ARG C 574 23.39 69.03 -10.13
CA ARG C 574 23.17 69.76 -11.38
C ARG C 574 22.95 68.82 -12.58
N CYS C 575 23.87 67.87 -12.81
CA CYS C 575 23.73 66.90 -13.91
C CYS C 575 22.62 65.86 -13.75
N TRP C 576 22.22 65.55 -12.49
CA TRP C 576 21.14 64.60 -12.25
C TRP C 576 19.83 65.32 -12.58
N TRP C 577 19.81 66.62 -12.34
CA TRP C 577 18.64 67.41 -12.65
C TRP C 577 18.48 67.38 -14.14
N ASN C 578 19.57 67.76 -14.84
CA ASN C 578 19.57 67.81 -16.29
C ASN C 578 19.02 66.56 -16.96
N ALA C 579 19.49 65.38 -16.53
CA ALA C 579 19.11 64.09 -17.11
C ALA C 579 17.94 63.42 -16.45
N PHE C 580 17.56 63.80 -15.24
CA PHE C 580 16.48 63.10 -14.55
C PHE C 580 15.26 63.96 -14.18
N GLY C 581 15.46 65.28 -14.12
CA GLY C 581 14.46 66.23 -13.66
C GLY C 581 14.12 66.11 -12.17
N GLU C 582 14.83 65.23 -11.39
CA GLU C 582 14.54 65.00 -9.97
C GLU C 582 15.76 65.41 -9.13
N SER C 583 15.66 65.46 -7.75
CA SER C 583 16.85 65.82 -6.90
C SER C 583 17.66 64.58 -6.51
N TYR C 584 18.96 64.53 -6.91
CA TYR C 584 19.76 63.38 -6.54
C TYR C 584 19.82 63.23 -5.01
N ARG C 585 20.08 64.37 -4.29
CA ARG C 585 20.17 64.43 -2.82
C ARG C 585 18.93 63.86 -2.20
N ALA C 586 17.76 64.32 -2.66
CA ALA C 586 16.48 63.85 -2.19
C ALA C 586 16.28 62.29 -2.42
N TYR C 587 16.66 61.79 -3.67
CA TYR C 587 16.60 60.36 -4.02
C TYR C 587 17.22 59.59 -2.89
N ARG C 588 18.50 59.86 -2.72
CA ARG C 588 19.38 59.25 -1.76
C ARG C 588 18.93 59.31 -0.33
N GLU C 589 18.23 60.46 0.05
CA GLU C 589 17.69 60.65 1.38
C GLU C 589 16.52 59.69 1.57
N ASP C 590 15.68 59.54 0.52
CA ASP C 590 14.56 58.60 0.61
C ASP C 590 15.16 57.21 0.71
N MET C 591 16.20 56.92 -0.14
CA MET C 591 16.84 55.61 -0.20
C MET C 591 17.37 55.25 1.16
N LEU C 592 18.05 56.21 1.80
CA LEU C 592 18.62 56.09 3.14
C LEU C 592 17.53 55.77 4.17
N LYS C 593 16.43 56.59 4.19
CA LYS C 593 15.31 56.34 5.09
C LYS C 593 14.79 54.91 4.91
N ARG C 594 14.50 54.48 3.64
CA ARG C 594 13.99 53.13 3.31
C ARG C 594 14.89 52.03 3.82
N ASP C 595 16.17 52.15 3.55
CA ASP C 595 17.17 51.18 3.98
C ASP C 595 17.40 51.17 5.48
N THR C 596 17.27 52.34 6.17
CA THR C 596 17.38 52.41 7.65
C THR C 596 16.26 51.55 8.27
N LEU C 597 15.02 51.68 7.72
CA LEU C 597 13.83 50.95 8.18
C LEU C 597 13.97 49.48 7.88
N GLU C 598 14.50 49.17 6.69
CA GLU C 598 14.66 47.80 6.24
C GLU C 598 15.70 47.07 7.09
N LEU C 599 16.80 47.80 7.46
CA LEU C 599 17.87 47.30 8.29
C LEU C 599 17.37 46.81 9.63
N SER C 600 16.43 47.56 10.28
CA SER C 600 15.86 47.18 11.58
C SER C 600 15.24 45.76 11.57
N ARG C 601 14.72 45.36 10.42
CA ARG C 601 14.17 44.02 10.25
C ARG C 601 15.25 42.89 10.42
N TYR C 602 16.56 43.23 10.18
CA TYR C 602 17.72 42.33 10.21
C TYR C 602 18.53 42.43 11.52
N VAL C 603 18.42 43.57 12.24
CA VAL C 603 19.14 43.81 13.51
C VAL C 603 18.13 43.73 14.66
N ALA C 604 18.14 42.63 15.42
CA ALA C 604 17.22 42.43 16.55
C ALA C 604 17.36 43.49 17.66
N SER C 605 18.60 43.99 17.88
CA SER C 605 19.00 45.00 18.88
C SER C 605 18.41 46.40 18.65
N MET C 606 18.69 47.01 17.49
CA MET C 606 18.26 48.34 17.07
C MET C 606 16.76 48.26 16.64
N ALA C 607 15.85 48.82 17.48
CA ALA C 607 14.37 48.85 17.44
C ALA C 607 13.77 49.11 16.08
N ARG C 608 12.50 48.66 15.87
CA ARG C 608 11.76 48.76 14.61
C ARG C 608 11.88 50.08 13.79
N GLN C 609 12.40 51.16 14.42
CA GLN C 609 12.69 52.48 13.82
C GLN C 609 13.83 53.30 14.56
N ALA C 610 14.52 52.67 15.56
CA ALA C 610 15.58 53.25 16.42
C ALA C 610 16.55 54.31 15.83
N GLY C 611 16.87 54.20 14.54
CA GLY C 611 17.77 55.10 13.85
C GLY C 611 19.21 54.63 13.92
N LEU C 612 20.00 55.01 12.91
CA LEU C 612 21.40 54.66 12.74
C LEU C 612 22.36 55.11 13.88
N ALA C 613 21.77 55.56 15.01
CA ALA C 613 22.40 56.06 16.22
C ALA C 613 23.68 55.32 16.62
N GLU C 614 23.56 54.02 16.82
CA GLU C 614 24.66 53.20 17.29
C GLU C 614 25.73 52.84 16.24
N LEU C 615 25.44 53.13 14.94
CA LEU C 615 26.28 52.77 13.79
C LEU C 615 27.38 53.75 13.45
N THR C 616 28.55 53.17 13.13
CA THR C 616 29.76 53.87 12.76
C THR C 616 29.73 54.08 11.26
N PRO C 617 30.57 54.99 10.71
CA PRO C 617 30.65 55.14 9.25
C PRO C 617 31.09 53.84 8.54
N ILE C 618 32.05 53.09 9.17
CA ILE C 618 32.52 51.78 8.70
C ILE C 618 31.36 50.83 8.60
N ASP C 619 30.54 50.71 9.65
CA ASP C 619 29.34 49.88 9.66
C ASP C 619 28.42 50.16 8.47
N LEU C 620 28.24 51.48 8.17
CA LEU C 620 27.39 51.93 7.08
C LEU C 620 27.96 51.65 5.69
N GLU C 621 29.28 51.98 5.50
CA GLU C 621 30.00 51.77 4.24
C GLU C 621 29.96 50.26 3.79
N VAL C 622 30.12 49.41 4.82
CA VAL C 622 30.15 47.97 4.73
C VAL C 622 28.78 47.42 4.47
N LEU C 623 27.73 47.93 5.12
CA LEU C 623 26.39 47.39 4.89
C LEU C 623 25.89 47.71 3.48
N ALA C 624 26.43 48.82 2.92
CA ALA C 624 26.09 49.23 1.56
C ALA C 624 26.96 48.50 0.52
N ASP C 625 28.20 48.17 0.96
CA ASP C 625 29.18 47.47 0.14
C ASP C 625 30.09 46.53 0.97
N PRO C 626 29.66 45.27 1.19
CA PRO C 626 30.48 44.36 1.99
C PRO C 626 31.77 43.85 1.35
N ASN C 627 31.97 44.17 0.04
CA ASN C 627 33.24 43.97 -0.67
C ASN C 627 34.35 44.80 0.05
N LYS C 628 34.00 45.94 0.66
CA LYS C 628 34.94 46.81 1.39
C LYS C 628 35.54 46.11 2.57
N LEU C 629 34.84 45.12 3.04
CA LEU C 629 35.26 44.34 4.19
C LEU C 629 36.38 43.38 3.83
N GLN C 630 36.52 43.12 2.50
CA GLN C 630 37.48 42.20 1.88
C GLN C 630 38.75 42.90 1.39
N TYR C 631 38.80 44.22 1.43
CA TYR C 631 39.94 44.92 0.88
C TYR C 631 40.28 46.21 1.60
N LYS C 632 39.32 46.84 2.22
CA LYS C 632 39.58 48.13 2.86
C LYS C 632 39.62 48.00 4.42
N TRP C 633 38.67 47.21 4.98
CA TRP C 633 38.58 46.96 6.42
C TRP C 633 38.55 45.49 6.76
N THR C 634 38.49 45.18 8.05
CA THR C 634 38.44 43.81 8.54
C THR C 634 37.24 43.64 9.49
N GLU C 635 36.87 42.38 9.79
CA GLU C 635 35.80 41.97 10.70
C GLU C 635 35.83 42.75 12.06
N ALA C 636 37.02 42.93 12.63
CA ALA C 636 37.13 43.62 13.90
C ALA C 636 36.72 45.12 13.82
N ASP C 637 36.78 45.69 12.60
CA ASP C 637 36.46 47.09 12.31
C ASP C 637 34.93 47.34 12.27
N VAL C 638 34.14 46.31 12.50
CA VAL C 638 32.68 46.38 12.42
C VAL C 638 32.05 46.01 13.78
N SER C 639 31.02 46.82 14.19
CA SER C 639 30.18 46.66 15.38
C SER C 639 29.69 45.23 15.52
N ALA C 640 29.51 44.79 16.74
CA ALA C 640 29.10 43.43 17.06
C ALA C 640 27.77 43.01 16.41
N ASN C 641 26.78 43.90 16.48
CA ASN C 641 25.46 43.66 15.93
C ASN C 641 25.42 43.64 14.40
N ILE C 642 26.31 44.38 13.77
CA ILE C 642 26.39 44.47 12.33
C ILE C 642 27.06 43.24 11.77
N HIS C 643 28.07 42.75 12.49
CA HIS C 643 28.82 41.55 12.16
C HIS C 643 27.87 40.39 11.90
N GLU C 644 26.93 40.20 12.81
CA GLU C 644 25.89 39.16 12.76
C GLU C 644 24.92 39.21 11.58
N VAL C 645 24.81 40.36 10.91
CA VAL C 645 23.98 40.55 9.71
C VAL C 645 24.75 39.90 8.49
N LEU C 646 26.07 40.02 8.48
CA LEU C 646 26.87 39.60 7.36
C LEU C 646 27.57 38.28 7.50
N MET C 647 27.78 37.80 8.74
CA MET C 647 28.50 36.55 8.96
C MET C 647 27.76 35.68 9.92
N HIS C 648 28.18 34.40 9.94
CA HIS C 648 27.82 33.38 10.91
C HIS C 648 29.03 32.48 11.16
N GLY C 649 29.28 32.11 12.40
CA GLY C 649 30.42 31.28 12.75
C GLY C 649 30.17 29.89 13.33
N VAL C 650 31.14 29.00 13.13
CA VAL C 650 31.17 27.65 13.69
C VAL C 650 31.70 27.91 15.10
N SER C 651 31.14 27.29 16.18
CA SER C 651 31.59 27.50 17.57
C SER C 651 33.09 27.35 17.78
N VAL C 652 33.66 28.22 18.67
CA VAL C 652 35.09 28.21 19.07
C VAL C 652 35.45 26.85 19.67
N GLU C 653 34.46 26.11 20.24
CA GLU C 653 34.66 24.78 20.81
C GLU C 653 35.21 23.81 19.75
N LYS C 654 34.59 23.85 18.55
CA LYS C 654 34.97 23.02 17.42
C LYS C 654 36.34 23.42 16.87
N THR C 655 36.58 24.75 16.77
CA THR C 655 37.80 25.31 16.20
C THR C 655 38.95 25.13 17.14
N GLU C 656 38.71 25.38 18.41
CA GLU C 656 39.69 25.28 19.51
C GLU C 656 40.34 23.88 19.47
N ARG C 657 39.52 22.82 19.42
CA ARG C 657 39.95 21.43 19.32
C ARG C 657 40.80 21.22 18.04
N PHE C 658 40.34 21.82 16.91
CA PHE C 658 40.99 21.67 15.62
C PHE C 658 42.35 22.28 15.70
N LEU C 659 42.39 23.53 16.16
CA LEU C 659 43.60 24.33 16.27
C LEU C 659 44.71 23.71 17.11
N ARG C 660 44.31 23.02 18.19
CA ARG C 660 45.20 22.31 19.12
C ARG C 660 45.95 21.23 18.34
N SER C 661 45.25 20.51 17.48
CA SER C 661 45.82 19.44 16.66
C SER C 661 46.79 19.91 15.53
N VAL C 662 46.73 21.20 15.17
CA VAL C 662 47.53 21.77 14.07
C VAL C 662 48.85 22.35 14.59
N MET C 663 48.71 23.26 15.52
CA MET C 663 49.73 24.09 16.09
C MET C 663 50.82 23.40 16.89
N PRO C 664 52.03 24.04 17.01
CA PRO C 664 53.10 23.46 17.82
C PRO C 664 52.75 23.54 19.29
N ARG C 665 52.57 22.35 19.81
CA ARG C 665 52.29 21.89 21.16
C ARG C 665 53.04 22.73 22.27
MG MG E . 6.24 -4.40 1.72
MG MG E . 10.19 -1.79 1.32
PG ATP F . 1.79 -5.86 1.90
O1G ATP F . 0.47 -5.75 2.93
O2G ATP F . 3.26 -5.82 2.65
O3G ATP F . 1.69 -7.04 0.80
PB ATP F . 2.56 -3.08 1.77
O1B ATP F . 1.81 -2.44 3.13
O2B ATP F . 4.13 -3.59 1.88
O3B ATP F . 1.80 -4.39 1.13
PA ATP F . 3.43 -0.40 0.08
O1A ATP F . 4.49 -0.12 1.49
O2A ATP F . 3.93 -0.56 -1.48
O3A ATP F . 2.73 -2.06 0.42
O5' ATP F . 2.00 0.64 -0.04
C5' ATP F . 0.61 0.05 0.00
C4' ATP F . 0.54 -0.99 -1.15
O4' ATP F . 0.51 -2.53 -0.86
C3' ATP F . -0.08 -0.58 -2.57
O3' ATP F . 0.85 0.39 -3.29
C2' ATP F . -0.22 -2.09 -3.25
O2' ATP F . 0.47 -2.36 -4.55
C1' ATP F . 0.38 -3.24 -2.23
N9 ATP F . -0.71 -4.20 -2.19
C8 ATP F . -1.42 -4.51 -3.31
N7 ATP F . -2.33 -5.46 -3.00
C5 ATP F . -2.29 -5.81 -1.62
C6 ATP F . -3.06 -6.78 -0.74
N6 ATP F . -4.03 -7.59 -1.40
N1 ATP F . -2.69 -6.86 0.72
C2 ATP F . -1.68 -6.01 1.18
N3 ATP F . -0.91 -5.06 0.38
C4 ATP F . -1.24 -4.98 -1.04
PG ATP G . 1.39 5.95 2.37
O1G ATP G . 2.37 4.85 2.84
O2G ATP G . 0.40 5.88 3.53
O3G ATP G . 2.01 7.35 2.43
PB ATP G . 1.16 6.26 -0.65
O1B ATP G . 1.93 7.62 -0.67
O2B ATP G . -0.17 6.46 -1.39
O3B ATP G . 0.80 5.69 0.85
PA ATP G . 1.66 3.81 -2.07
O1A ATP G . 0.65 3.31 -0.99
O2A ATP G . 2.67 2.63 -2.05
O3A ATP G . 2.07 5.23 -1.49
O5' ATP G . 1.14 4.11 -3.62
PG ATP H . -46.97 -41.02 1.03
O1G ATP H . -46.99 -40.66 2.51
O2G ATP H . -46.58 -42.50 0.93
O3G ATP H . -48.43 -40.87 0.57
PB ATP H . -44.73 -38.92 0.90
O1B ATP H . -45.24 -37.46 1.26
O2B ATP H . -43.51 -38.80 -0.11
O3B ATP H . -45.92 -39.95 0.33
PA ATP H . -42.97 -40.34 2.60
O1A ATP H . -42.32 -41.12 1.41
O2A ATP H . -43.35 -41.24 3.81
O3A ATP H . -44.31 -39.61 2.25
O5' ATP H . -42.02 -39.05 2.98
C5' ATP H . -41.34 -38.11 2.08
C4' ATP H . -40.21 -37.39 2.84
O4' ATP H . -40.67 -36.99 4.19
C3' ATP H . -38.98 -38.34 3.02
O3' ATP H . -37.91 -38.35 2.11
C2' ATP H . -38.64 -38.37 4.51
O2' ATP H . -37.20 -38.40 4.80
C1' ATP H . -39.75 -37.52 5.27
N9 ATP H . -40.52 -38.35 6.23
C8 ATP H . -41.50 -39.23 5.87
N7 ATP H . -42.04 -39.92 6.82
C5 ATP H . -41.37 -39.47 7.92
C6 ATP H . -41.51 -39.83 9.25
N6 ATP H . -42.40 -40.80 9.61
N1 ATP H . -40.74 -39.26 10.22
C2 ATP H . -39.86 -38.30 9.81
N3 ATP H . -39.64 -37.88 8.52
C4 ATP H . -40.42 -38.50 7.60
PG ATP I . -52.05 -30.79 6.40
O1G ATP I . -52.80 -32.13 6.22
O2G ATP I . -51.73 -30.02 5.09
O3G ATP I . -53.00 -29.92 7.23
PB ATP I . -50.38 -31.97 8.46
O1B ATP I . -51.77 -32.55 8.84
O2B ATP I . -49.82 -30.98 9.52
O3B ATP I . -50.67 -31.16 7.10
PA ATP I . -48.08 -33.42 7.50
O1A ATP I . -47.67 -32.18 6.66
O2A ATP I . -48.18 -34.61 6.52
O3A ATP I . -49.45 -33.24 8.26
O5' ATP I . -47.08 -33.78 8.72
C5' ATP I . -46.27 -34.97 8.62
C4' ATP I . -46.72 -36.04 9.61
O4' ATP I . -45.90 -37.24 9.56
C3' ATP I . -46.78 -35.69 11.08
O3' ATP I . -47.77 -34.72 11.35
C2' ATP I . -47.22 -37.05 11.57
O2' ATP I . -48.63 -37.04 11.20
C1' ATP I . -46.34 -38.06 10.71
N9 ATP I . -45.23 -38.91 11.33
C8 ATP I . -43.89 -38.54 11.21
N7 ATP I . -43.05 -39.37 11.83
C5 ATP I . -43.79 -40.40 12.43
C6 ATP I . -43.41 -41.60 13.23
N6 ATP I . -42.10 -41.94 13.57
N1 ATP I . -44.41 -42.43 13.70
C2 ATP I . -45.66 -42.05 13.40
N3 ATP I . -46.13 -41.01 12.61
C4 ATP I . -45.18 -40.15 12.13
MG MG J . -50.19 -31.17 2.53
PG ATP K . 49.08 48.89 -13.70
O1G ATP K . 49.69 49.72 -12.56
O2G ATP K . 47.76 49.57 -14.18
O3G ATP K . 50.03 48.93 -14.87
PB ATP K . 47.74 46.16 -13.09
O1B ATP K . 48.42 44.80 -13.10
O2B ATP K . 46.75 46.20 -14.24
O3B ATP K . 48.91 47.33 -13.21
PA ATP K . 45.53 46.97 -11.29
O1A ATP K . 44.66 47.48 -12.44
O2A ATP K . 45.79 48.27 -10.50
O3A ATP K . 46.83 46.15 -11.78
O5' ATP K . 44.88 45.93 -10.24
C5' ATP K . 45.44 46.07 -8.92
C4' ATP K . 46.02 44.78 -8.20
O4' ATP K . 45.72 44.49 -6.75
C3' ATP K . 45.64 43.47 -8.82
O3' ATP K . 46.42 43.30 -9.94
C2' ATP K . 45.81 42.39 -7.72
O2' ATP K . 47.03 41.67 -7.78
C1' ATP K . 45.61 43.00 -6.35
N9 ATP K . 44.37 42.28 -5.57
C8 ATP K . 42.91 42.13 -5.87
N7 ATP K . 42.02 41.59 -5.02
C5 ATP K . 42.94 41.10 -4.12
C6 ATP K . 42.70 40.29 -3.00
N6 ATP K . 41.42 39.88 -2.65
N1 ATP K . 43.84 39.87 -2.28
C2 ATP K . 45.13 40.31 -2.64
N3 ATP K . 45.46 41.16 -3.66
C4 ATP K . 44.36 41.50 -4.40
PG ATP L . 40.07 52.62 -4.68
O1G ATP L . 39.78 52.83 -6.33
O2G ATP L . 40.96 53.97 -3.96
O3G ATP L . 38.67 52.16 -4.05
PB ATP L . 42.93 51.71 -5.32
O1B ATP L . 42.74 52.74 -6.71
O2B ATP L . 44.16 52.35 -4.58
O3B ATP L . 41.40 51.55 -4.42
PA ATP L . 42.08 49.54 -7.34
O1A ATP L . 40.92 50.53 -8.11
O2A ATP L . 43.50 49.02 -8.14
O3A ATP L . 42.92 50.07 -5.84
O5' ATP L . 40.79 48.41 -7.27
C5' ATP L . 41.19 47.03 -7.24
C4' ATP L . 42.54 46.82 -6.17
O4' ATP L . 42.65 46.57 -4.56
C3' ATP L . 43.08 45.61 -6.75
O3' ATP L . 44.51 46.16 -6.52
C2' ATP L . 42.20 44.55 -5.82
O2' ATP L . 43.27 43.84 -5.24
C1' ATP L . 41.83 45.16 -4.41
N9 ATP L . 40.35 45.04 -4.62
C8 ATP L . 39.47 43.95 -4.81
N7 ATP L . 38.17 44.45 -4.96
C5 ATP L . 38.33 45.92 -4.94
C6 ATP L . 37.42 47.17 -5.05
N6 ATP L . 35.99 47.16 -5.21
N1 ATP L . 38.04 48.52 -5.02
C2 ATP L . 39.47 48.69 -4.75
N3 ATP L . 40.30 47.65 -4.55
C4 ATP L . 39.70 46.29 -4.71
MG MG M . 45.21 53.16 -3.13
#